data_6P3R
#
_entry.id   6P3R
#
_cell.length_a   185.113
_cell.length_b   234.472
_cell.length_c   284.814
_cell.angle_alpha   90.00
_cell.angle_beta   90.00
_cell.angle_gamma   90.00
#
_symmetry.space_group_name_H-M   'F 2 2 2'
#
loop_
_entity.id
_entity.type
_entity.pdbx_description
1 polymer 'human Fab H5.31 heavy chain'
2 polymer 'Human Fab H5.31 light chain'
3 polymer Hemagglutinin
4 branched 2-acetamido-2-deoxy-beta-D-glucopyranose-(1-4)-2-acetamido-2-deoxy-beta-D-glucopyranose
5 branched 'N-acetyl-alpha-neuraminic acid-(2-6)-alpha-D-galactopyranose-(1-4)-2-acetamido-2-deoxy-alpha-D-glucopyranose-(1-2)-alpha-D-mannopyranose-(1-6)-[alpha-D-mannopyranose-(1-3)]alpha-D-mannopyranose-(1-4)-2-acetamido-2-deoxy-alpha-D-glucopyranose-(1-4)-2-acetamido-2-deoxy-beta-D-glucopyranose'
6 branched 'N-acetyl-alpha-neuraminic acid-(2-6)-beta-D-galactopyranose-(1-4)-2-acetamido-2-deoxy-alpha-D-glucopyranose-(1-2)-beta-D-mannopyranose-(1-6)-beta-D-mannopyranose-(1-4)-2-acetamido-2-deoxy-beta-D-glucopyranose-(1-4)-[alpha-D-fructofuranose-(1-6)]2-acetamido-2-deoxy-beta-D-glucopyranose'
7 non-polymer 'PHOSPHATE ION'
8 non-polymer 2-acetamido-2-deoxy-beta-D-glucopyranose
9 water water
#
loop_
_entity_poly.entity_id
_entity_poly.type
_entity_poly.pdbx_seq_one_letter_code
_entity_poly.pdbx_strand_id
1 'polypeptide(L)'
;EVQLVQSGGGLVQPGGSLRLSCEASRFTSSSYWITWVRQAPGKGLEWVANIKQDGSEKYFVDSVKGRFTISRDNASNSLY
LQMSSLRAEDTAVYYCARGFLERLLLGRQGAYYYGMDVWGQGTTVTVSSASTKGPSVFPLAPSSKSTSGGTAALGCLVKD
YFPEPVTVSWNSGALTSGVHTFPAVLQSSGLYSLSSVVTVPSSSLGTQTYICNVNHKPSNTKVDKKVEPK
;
A,C
2 'polypeptide(L)'
;DIVMTQSPFSLSASVGDRVTMTCRASQSISSSLNWYQQKPGKAPKLLIYAASNLQSGVPSRFSGSGSGTDFTLTISSLQP
EDFATYYCQQSYTMPPELTFGGGTKVEIKRTVAAPSVFIFPPSDEQLKSGTASVVCLLNNFYPREAKVQWKVDNALQSGN
SQESVTEQDSKDSTYSLSSTLTLSKADYEKHKVYACEVTHQGLSSPVTKSFNRGE
;
B,D
3 'polypeptide(L)'
;PLILRDCSVAGWLLGNPMCDEFINVPEWSYIVEKANPVNDLCYPGDFNDYEELKHLLSRINHFEKIQIIPKSSWSSHEAS
LGVSSACPYQGKSSFFRNVVWLIKKNSTYPTIKRSYNNTNQEDLLVLWGIHHPNDAAEQTKLYQNPTTYISVGTSTLNQR
LVPRIATRSKVNGQSGRMEFFWTILKPNDAINFESNGNFIAPEYAYKIVKKAAHHHHHH
;
E,L
#
# COMPACT_ATOMS: atom_id res chain seq x y z
N VAL A 2 24.04 -4.47 25.96
CA VAL A 2 23.04 -4.95 26.91
C VAL A 2 22.08 -5.94 26.23
N GLN A 3 21.97 -7.13 26.82
CA GLN A 3 21.15 -8.19 26.26
C GLN A 3 20.16 -8.69 27.30
N LEU A 4 19.09 -9.33 26.80
CA LEU A 4 18.07 -9.95 27.64
C LEU A 4 17.94 -11.42 27.27
N VAL A 5 17.73 -12.27 28.27
CA VAL A 5 17.58 -13.71 28.07
C VAL A 5 16.39 -14.20 28.88
N GLN A 6 15.54 -15.00 28.24
CA GLN A 6 14.39 -15.59 28.90
C GLN A 6 14.75 -16.97 29.46
N SER A 7 13.98 -17.40 30.47
CA SER A 7 14.21 -18.69 31.10
C SER A 7 12.92 -19.14 31.77
N GLY A 8 12.61 -20.43 31.63
CA GLY A 8 11.53 -21.01 32.39
C GLY A 8 10.36 -21.57 31.59
N GLY A 9 10.50 -21.61 30.27
CA GLY A 9 9.42 -22.14 29.45
C GLY A 9 9.47 -23.65 29.34
N GLY A 10 8.47 -24.20 28.68
CA GLY A 10 8.43 -25.62 28.43
C GLY A 10 6.99 -26.14 28.42
N LEU A 11 6.86 -27.42 28.72
CA LEU A 11 5.57 -28.09 28.71
C LEU A 11 4.93 -28.00 30.09
N VAL A 12 3.61 -27.88 30.12
CA VAL A 12 2.85 -27.80 31.37
C VAL A 12 1.45 -28.34 31.13
N GLN A 13 0.89 -28.98 32.16
CA GLN A 13 -0.46 -29.51 32.09
C GLN A 13 -1.47 -28.38 32.25
N PRO A 14 -2.66 -28.52 31.64
CA PRO A 14 -3.70 -27.51 31.83
C PRO A 14 -4.00 -27.32 33.32
N GLY A 15 -4.10 -26.05 33.72
CA GLY A 15 -4.25 -25.73 35.13
C GLY A 15 -2.96 -25.73 35.92
N GLY A 16 -1.83 -26.04 35.30
CA GLY A 16 -0.56 -26.07 35.99
C GLY A 16 0.02 -24.69 36.18
N SER A 17 1.27 -24.68 36.66
CA SER A 17 1.99 -23.44 36.92
C SER A 17 3.32 -23.44 36.19
N LEU A 18 3.90 -22.26 36.04
CA LEU A 18 5.14 -22.09 35.30
C LEU A 18 5.75 -20.75 35.65
N ARG A 19 7.08 -20.73 35.80
CA ARG A 19 7.81 -19.51 36.15
C ARG A 19 8.62 -19.05 34.95
N LEU A 20 8.54 -17.75 34.66
CA LEU A 20 9.29 -17.13 33.57
C LEU A 20 10.16 -16.02 34.14
N SER A 21 11.41 -15.96 33.68
CA SER A 21 12.37 -14.97 34.15
C SER A 21 12.97 -14.23 32.97
N CYS A 22 13.15 -12.92 33.13
CA CYS A 22 13.77 -12.05 32.13
C CYS A 22 15.05 -11.51 32.74
N GLU A 23 16.15 -12.23 32.55
CA GLU A 23 17.42 -11.91 33.18
C GLU A 23 18.19 -10.91 32.32
N ALA A 24 18.48 -9.74 32.88
CA ALA A 24 19.31 -8.76 32.21
C ALA A 24 20.78 -9.15 32.32
N SER A 25 21.55 -8.81 31.30
CA SER A 25 22.94 -9.22 31.17
C SER A 25 23.93 -8.13 31.55
N ARG A 26 23.46 -7.02 32.13
CA ARG A 26 24.35 -5.93 32.50
C ARG A 26 23.74 -5.16 33.67
N PHE A 27 24.55 -4.26 34.23
CA PHE A 27 24.10 -3.43 35.33
C PHE A 27 23.09 -2.40 34.84
N THR A 28 22.17 -2.04 35.73
CA THR A 28 21.00 -1.24 35.37
C THR A 28 21.20 0.22 35.75
N SER A 29 20.93 1.11 34.80
CA SER A 29 20.81 2.53 35.14
C SER A 29 19.51 2.80 35.90
N SER A 30 18.49 1.99 35.65
CA SER A 30 17.23 1.90 36.42
C SER A 30 16.14 2.83 35.92
N SER A 31 14.94 2.69 36.48
CA SER A 31 13.73 3.36 36.01
C SER A 31 13.38 2.94 34.58
N TYR A 32 13.69 1.70 34.24
CA TYR A 32 13.14 1.04 33.06
C TYR A 32 11.99 0.12 33.47
N TRP A 33 11.27 -0.36 32.45
CA TRP A 33 10.26 -1.39 32.59
C TRP A 33 10.62 -2.57 31.71
N ILE A 34 10.16 -3.76 32.13
CA ILE A 34 10.22 -4.96 31.30
C ILE A 34 8.79 -5.35 30.93
N THR A 35 8.59 -5.70 29.66
CA THR A 35 7.28 -5.97 29.10
C THR A 35 7.27 -7.37 28.53
N TRP A 36 6.24 -8.14 28.88
CA TRP A 36 6.07 -9.49 28.37
C TRP A 36 5.11 -9.44 27.18
N VAL A 37 5.55 -9.98 26.05
CA VAL A 37 4.76 -10.04 24.83
C VAL A 37 4.77 -11.49 24.36
N ARG A 38 3.59 -12.05 24.13
CA ARG A 38 3.47 -13.42 23.68
C ARG A 38 2.92 -13.45 22.26
N GLN A 39 3.05 -14.61 21.63
CA GLN A 39 2.67 -14.78 20.23
C GLN A 39 2.29 -16.24 20.02
N ALA A 40 0.99 -16.51 19.94
CA ALA A 40 0.51 -17.85 19.68
C ALA A 40 0.94 -18.29 18.28
N PRO A 41 1.03 -19.59 18.04
CA PRO A 41 1.48 -20.08 16.72
C PRO A 41 0.64 -19.52 15.58
N GLY A 42 1.29 -18.78 14.69
CA GLY A 42 0.65 -18.21 13.53
C GLY A 42 0.04 -16.84 13.76
N LYS A 43 -0.42 -16.55 14.98
CA LYS A 43 -1.08 -15.29 15.27
C LYS A 43 -0.05 -14.17 15.39
N GLY A 44 -0.49 -12.99 15.83
CA GLY A 44 0.38 -11.85 15.99
C GLY A 44 0.79 -11.62 17.43
N LEU A 45 1.36 -10.44 17.66
CA LEU A 45 1.85 -10.08 18.98
C LEU A 45 0.71 -9.55 19.84
N GLU A 46 0.67 -10.02 21.09
CA GLU A 46 -0.30 -9.53 22.06
C GLU A 46 0.41 -9.22 23.38
N TRP A 47 0.06 -8.09 23.97
CA TRP A 47 0.67 -7.65 25.22
C TRP A 47 0.19 -8.51 26.38
N VAL A 48 1.11 -8.81 27.32
CA VAL A 48 0.82 -9.63 28.48
C VAL A 48 0.94 -8.85 29.77
N ALA A 49 2.08 -8.20 29.99
CA ALA A 49 2.29 -7.54 31.27
C ALA A 49 3.38 -6.47 31.17
N ASN A 50 3.28 -5.47 32.04
CA ASN A 50 4.31 -4.48 32.25
C ASN A 50 4.75 -4.52 33.71
N ILE A 51 6.05 -4.64 33.92
CA ILE A 51 6.62 -4.76 35.26
C ILE A 51 7.77 -3.78 35.39
N LYS A 52 7.71 -2.90 36.37
CA LYS A 52 8.86 -2.07 36.68
C LYS A 52 10.02 -2.95 37.13
N GLN A 53 11.23 -2.61 36.66
CA GLN A 53 12.36 -3.53 36.77
C GLN A 53 12.65 -3.90 38.22
N ASP A 54 12.33 -3.02 39.17
CA ASP A 54 12.53 -3.34 40.57
C ASP A 54 11.38 -4.18 41.14
N GLY A 55 10.18 -4.01 40.62
CA GLY A 55 9.03 -4.75 41.07
C GLY A 55 8.00 -3.98 41.87
N SER A 56 8.03 -2.65 41.86
CA SER A 56 7.08 -1.86 42.63
C SER A 56 5.71 -1.82 41.95
N GLU A 57 5.68 -1.58 40.64
CA GLU A 57 4.44 -1.56 39.87
C GLU A 57 4.38 -2.77 38.94
N LYS A 58 3.17 -3.28 38.74
CA LYS A 58 2.94 -4.35 37.77
C LYS A 58 1.53 -4.21 37.21
N TYR A 59 1.40 -4.48 35.91
CA TYR A 59 0.12 -4.39 35.22
C TYR A 59 -0.02 -5.57 34.28
N PHE A 60 -1.23 -6.13 34.20
CA PHE A 60 -1.46 -7.34 33.42
C PHE A 60 -2.62 -7.14 32.46
N VAL A 61 -2.59 -7.91 31.37
CA VAL A 61 -3.71 -7.91 30.43
C VAL A 61 -4.89 -8.68 31.03
N ASP A 62 -6.08 -8.38 30.52
CA ASP A 62 -7.31 -8.92 31.12
C ASP A 62 -7.32 -10.44 31.13
N SER A 63 -6.83 -11.06 30.05
CA SER A 63 -6.89 -12.51 29.92
C SER A 63 -6.15 -13.23 31.04
N VAL A 64 -5.14 -12.59 31.63
CA VAL A 64 -4.28 -13.24 32.61
C VAL A 64 -4.45 -12.67 34.01
N LYS A 65 -5.34 -11.70 34.19
CA LYS A 65 -5.53 -11.13 35.52
C LYS A 65 -6.01 -12.19 36.49
N GLY A 66 -5.37 -12.26 37.66
CA GLY A 66 -5.72 -13.27 38.63
C GLY A 66 -4.90 -14.53 38.43
N ARG A 67 -4.69 -14.93 37.17
CA ARG A 67 -3.89 -16.11 36.89
C ARG A 67 -2.40 -15.81 36.91
N PHE A 68 -1.98 -14.69 36.33
CA PHE A 68 -0.57 -14.32 36.28
C PHE A 68 -0.25 -13.37 37.43
N THR A 69 0.91 -13.57 38.04
CA THR A 69 1.40 -12.71 39.10
C THR A 69 2.91 -12.59 38.95
N ILE A 70 3.51 -11.74 39.78
CA ILE A 70 4.96 -11.62 39.85
C ILE A 70 5.40 -11.97 41.26
N SER A 71 6.36 -12.89 41.37
CA SER A 71 6.91 -13.31 42.64
C SER A 71 8.40 -12.98 42.67
N ARG A 72 8.95 -12.93 43.87
CA ARG A 72 10.36 -12.65 44.06
C ARG A 72 10.98 -13.71 44.95
N ASP A 73 12.17 -14.16 44.58
CA ASP A 73 12.99 -15.03 45.42
C ASP A 73 14.11 -14.15 45.98
N ASN A 74 13.85 -13.54 47.14
CA ASN A 74 14.79 -12.61 47.75
C ASN A 74 16.10 -13.27 48.17
N ALA A 75 16.17 -14.61 48.19
CA ALA A 75 17.45 -15.27 48.41
C ALA A 75 18.42 -15.01 47.28
N SER A 76 17.92 -14.77 46.08
CA SER A 76 18.70 -14.36 44.92
C SER A 76 18.20 -12.99 44.44
N ASN A 77 18.69 -12.57 43.28
CA ASN A 77 18.22 -11.35 42.62
C ASN A 77 17.46 -11.78 41.38
N SER A 78 16.25 -12.27 41.58
CA SER A 78 15.44 -12.84 40.51
C SER A 78 14.01 -12.36 40.63
N LEU A 79 13.46 -11.88 39.52
CA LEU A 79 12.07 -11.46 39.43
C LEU A 79 11.33 -12.43 38.52
N TYR A 80 10.28 -13.03 39.03
CA TYR A 80 9.57 -14.10 38.33
C TYR A 80 8.22 -13.64 37.82
N LEU A 81 7.81 -14.20 36.68
CA LEU A 81 6.44 -14.07 36.18
C LEU A 81 5.75 -15.39 36.47
N GLN A 82 4.95 -15.42 37.54
CA GLN A 82 4.31 -16.65 37.99
C GLN A 82 3.02 -16.87 37.20
N MET A 83 3.11 -17.70 36.17
CA MET A 83 1.93 -18.10 35.42
C MET A 83 1.27 -19.27 36.12
N SER A 84 -0.02 -19.12 36.43
CA SER A 84 -0.77 -20.17 37.12
C SER A 84 -2.13 -20.31 36.46
N SER A 85 -2.76 -21.46 36.72
CA SER A 85 -4.05 -21.80 36.11
C SER A 85 -4.00 -21.68 34.60
N LEU A 86 -2.91 -22.17 34.01
CA LEU A 86 -2.71 -22.06 32.57
C LEU A 86 -3.71 -22.91 31.81
N ARG A 87 -4.13 -22.40 30.64
CA ARG A 87 -5.03 -23.11 29.75
C ARG A 87 -4.47 -23.04 28.33
N ALA A 88 -5.22 -23.64 27.39
CA ALA A 88 -4.72 -23.80 26.04
C ALA A 88 -4.50 -22.47 25.34
N GLU A 89 -5.31 -21.46 25.67
CA GLU A 89 -5.14 -20.15 25.07
C GLU A 89 -3.82 -19.48 25.44
N ASP A 90 -3.05 -20.07 26.36
CA ASP A 90 -1.77 -19.52 26.78
C ASP A 90 -0.58 -20.14 26.05
N THR A 91 -0.82 -21.13 25.18
CA THR A 91 0.26 -21.73 24.40
C THR A 91 0.78 -20.71 23.41
N ALA A 92 2.01 -20.24 23.62
CA ALA A 92 2.58 -19.19 22.78
C ALA A 92 4.08 -19.11 23.03
N VAL A 93 4.74 -18.30 22.23
CA VAL A 93 6.13 -17.89 22.48
C VAL A 93 6.10 -16.59 23.25
N TYR A 94 6.78 -16.56 24.39
CA TYR A 94 6.77 -15.41 25.28
C TYR A 94 8.07 -14.64 25.15
N TYR A 95 7.98 -13.39 24.69
CA TYR A 95 9.12 -12.49 24.62
C TYR A 95 9.08 -11.53 25.80
N CYS A 96 10.26 -11.18 26.32
CA CYS A 96 10.39 -10.08 27.26
C CYS A 96 11.26 -9.01 26.63
N ALA A 97 10.89 -7.76 26.86
CA ALA A 97 11.62 -6.64 26.30
C ALA A 97 11.70 -5.53 27.34
N ARG A 98 12.75 -4.72 27.24
CA ARG A 98 12.95 -3.59 28.14
C ARG A 98 12.68 -2.29 27.40
N GLY A 99 11.92 -1.40 28.01
CA GLY A 99 11.65 -0.11 27.42
C GLY A 99 11.80 0.99 28.45
N PHE A 100 12.01 2.20 27.95
CA PHE A 100 12.19 3.38 28.79
C PHE A 100 10.92 4.23 28.70
N LEU A 101 10.26 4.41 29.85
CA LEU A 101 9.03 5.20 29.93
C LEU A 101 9.37 6.65 30.19
N GLU A 102 8.79 7.56 29.41
CA GLU A 102 9.07 8.98 29.55
C GLU A 102 7.87 9.79 29.07
N ARG A 103 7.81 11.03 29.56
CA ARG A 103 6.81 11.99 29.11
C ARG A 103 7.47 12.96 28.14
N LEU A 104 6.88 13.10 26.95
CA LEU A 104 7.41 13.96 25.91
C LEU A 104 6.34 14.91 25.42
N LEU A 105 6.76 16.07 24.93
CA LEU A 105 5.88 17.02 24.27
C LEU A 105 6.10 16.91 22.77
N LEU A 106 5.14 16.30 22.09
CA LEU A 106 5.17 16.16 20.63
C LEU A 106 3.79 16.49 20.08
N GLY A 107 3.37 17.73 20.25
CA GLY A 107 2.08 18.17 19.79
C GLY A 107 1.57 19.32 20.65
N ARG A 108 0.25 19.34 20.85
CA ARG A 108 -0.35 20.37 21.68
C ARG A 108 -0.16 20.08 23.17
N GLN A 109 -0.07 18.80 23.55
CA GLN A 109 0.05 18.43 24.95
C GLN A 109 0.91 17.19 25.06
N GLY A 110 1.41 16.95 26.28
CA GLY A 110 2.30 15.83 26.50
C GLY A 110 1.56 14.51 26.65
N ALA A 111 2.34 13.43 26.54
CA ALA A 111 1.80 12.09 26.68
C ALA A 111 2.94 11.16 27.05
N TYR A 112 2.59 9.94 27.42
CA TYR A 112 3.58 8.95 27.77
C TYR A 112 4.10 8.24 26.52
N TYR A 113 5.40 8.03 26.47
CA TYR A 113 6.05 7.37 25.36
C TYR A 113 6.89 6.22 25.88
N TYR A 114 6.83 5.09 25.19
CA TYR A 114 7.47 3.87 25.66
C TYR A 114 7.80 3.01 24.45
N GLY A 115 9.10 2.85 24.17
CA GLY A 115 9.54 2.03 23.07
C GLY A 115 10.38 0.86 23.54
N MET A 116 9.99 -0.36 23.15
CA MET A 116 10.72 -1.57 23.54
C MET A 116 11.89 -1.73 22.56
N ASP A 117 13.09 -1.36 23.01
CA ASP A 117 14.25 -1.28 22.14
C ASP A 117 15.23 -2.44 22.31
N VAL A 118 15.10 -3.25 23.37
CA VAL A 118 15.93 -4.43 23.56
C VAL A 118 15.02 -5.61 23.88
N TRP A 119 15.14 -6.66 23.10
CA TRP A 119 14.27 -7.83 23.19
C TRP A 119 15.09 -9.08 23.50
N GLY A 120 14.42 -10.07 24.10
CA GLY A 120 15.01 -11.38 24.29
C GLY A 120 14.82 -12.26 23.07
N GLN A 121 15.30 -13.49 23.18
CA GLN A 121 15.20 -14.46 22.10
C GLN A 121 13.86 -15.18 22.05
N GLY A 122 13.07 -15.10 23.11
CA GLY A 122 11.79 -15.80 23.15
C GLY A 122 11.87 -17.18 23.78
N THR A 123 10.85 -17.53 24.56
CA THR A 123 10.76 -18.85 25.18
C THR A 123 9.37 -19.42 24.90
N THR A 124 9.32 -20.71 24.59
CA THR A 124 8.08 -21.37 24.17
C THR A 124 7.38 -21.99 25.37
N VAL A 125 6.07 -21.77 25.47
CA VAL A 125 5.23 -22.36 26.51
C VAL A 125 4.13 -23.16 25.84
N THR A 126 4.10 -24.47 26.12
CA THR A 126 3.12 -25.38 25.54
C THR A 126 2.25 -25.94 26.65
N VAL A 127 0.94 -25.75 26.53
CA VAL A 127 -0.03 -26.20 27.53
C VAL A 127 -0.75 -27.40 26.95
N SER A 128 -0.41 -28.60 27.41
CA SER A 128 -1.00 -29.82 26.90
C SER A 128 -0.88 -30.91 27.94
N SER A 129 -1.70 -31.94 27.79
CA SER A 129 -1.68 -33.11 28.65
C SER A 129 -0.73 -34.19 28.16
N ALA A 130 -0.13 -34.01 26.98
CA ALA A 130 0.74 -35.02 26.40
C ALA A 130 2.05 -35.11 27.18
N SER A 131 2.82 -36.16 26.87
CA SER A 131 4.09 -36.42 27.53
C SER A 131 5.24 -35.90 26.68
N THR A 132 6.32 -35.52 27.35
CA THR A 132 7.53 -35.05 26.67
C THR A 132 8.27 -36.23 26.06
N LYS A 133 8.57 -36.12 24.76
CA LYS A 133 9.31 -37.14 24.04
C LYS A 133 10.44 -36.50 23.26
N GLY A 134 11.64 -37.07 23.37
CA GLY A 134 12.78 -36.61 22.62
C GLY A 134 12.79 -37.18 21.21
N PRO A 135 13.51 -36.51 20.31
CA PRO A 135 13.47 -36.90 18.89
C PRO A 135 14.55 -37.89 18.50
N SER A 136 14.24 -38.66 17.45
CA SER A 136 15.24 -39.46 16.74
C SER A 136 15.76 -38.66 15.56
N VAL A 137 17.05 -38.81 15.28
CA VAL A 137 17.74 -38.02 14.27
C VAL A 137 18.32 -38.97 13.23
N PHE A 138 17.76 -38.96 12.03
CA PHE A 138 18.24 -39.80 10.96
C PHE A 138 18.86 -38.94 9.86
N PRO A 139 19.87 -39.45 9.17
CA PRO A 139 20.52 -38.66 8.12
C PRO A 139 19.73 -38.70 6.82
N LEU A 140 19.83 -37.61 6.07
CA LEU A 140 19.33 -37.51 4.71
C LEU A 140 20.56 -37.45 3.81
N ALA A 141 21.04 -38.61 3.39
CA ALA A 141 22.32 -38.76 2.70
C ALA A 141 22.15 -38.52 1.20
N PRO A 142 23.14 -37.89 0.57
CA PRO A 142 23.07 -37.65 -0.88
C PRO A 142 23.41 -38.90 -1.68
N SER A 143 22.72 -39.06 -2.80
CA SER A 143 22.94 -40.18 -3.72
C SER A 143 23.61 -39.68 -4.98
N SER A 144 24.61 -40.42 -5.45
CA SER A 144 25.37 -40.06 -6.64
C SER A 144 24.49 -40.06 -7.89
N GLY A 150 27.31 -30.73 -10.20
CA GLY A 150 26.75 -29.44 -9.85
C GLY A 150 26.73 -29.20 -8.35
N THR A 151 25.54 -29.20 -7.77
CA THR A 151 25.36 -29.03 -6.34
C THR A 151 24.66 -30.24 -5.75
N ALA A 152 25.07 -30.63 -4.55
CA ALA A 152 24.50 -31.77 -3.86
C ALA A 152 23.73 -31.28 -2.62
N ALA A 153 22.72 -32.04 -2.23
CA ALA A 153 21.90 -31.72 -1.06
C ALA A 153 21.98 -32.85 -0.04
N LEU A 154 22.14 -32.47 1.22
CA LEU A 154 22.10 -33.40 2.33
C LEU A 154 21.36 -32.76 3.49
N GLY A 155 20.96 -33.58 4.46
CA GLY A 155 20.19 -33.01 5.55
C GLY A 155 20.03 -33.98 6.70
N CYS A 156 19.26 -33.54 7.69
CA CYS A 156 18.94 -34.32 8.88
C CYS A 156 17.42 -34.37 9.05
N LEU A 157 16.92 -35.53 9.46
CA LEU A 157 15.50 -35.72 9.73
C LEU A 157 15.32 -35.88 11.24
N VAL A 158 14.58 -34.96 11.84
CA VAL A 158 14.34 -34.95 13.28
C VAL A 158 12.90 -35.41 13.49
N LYS A 159 12.72 -36.68 13.87
CA LYS A 159 11.41 -37.29 13.85
C LYS A 159 10.93 -37.65 15.25
N ASP A 160 9.59 -37.55 15.43
CA ASP A 160 8.89 -37.97 16.64
C ASP A 160 9.38 -37.25 17.90
N TYR A 161 8.92 -36.03 18.12
CA TYR A 161 9.26 -35.31 19.34
C TYR A 161 8.09 -34.44 19.77
N PHE A 162 8.09 -34.08 21.05
CA PHE A 162 7.06 -33.23 21.64
C PHE A 162 7.55 -32.67 22.97
N PRO A 163 7.33 -31.38 23.26
CA PRO A 163 6.68 -30.43 22.35
C PRO A 163 7.68 -29.61 21.54
N GLU A 164 7.21 -28.55 20.90
CA GLU A 164 8.10 -27.66 20.18
C GLU A 164 8.87 -26.80 21.18
N PRO A 165 10.07 -26.32 20.79
CA PRO A 165 10.73 -26.51 19.50
C PRO A 165 12.01 -27.34 19.57
N VAL A 166 12.55 -27.68 18.40
CA VAL A 166 13.92 -28.13 18.29
C VAL A 166 14.70 -27.09 17.49
N THR A 167 16.01 -27.07 17.71
CA THR A 167 16.91 -26.18 16.98
C THR A 167 17.97 -27.03 16.29
N VAL A 168 18.18 -26.76 15.00
CA VAL A 168 19.16 -27.48 14.20
C VAL A 168 20.18 -26.48 13.66
N SER A 169 21.45 -26.75 13.94
CA SER A 169 22.56 -26.03 13.34
C SER A 169 23.45 -27.01 12.58
N TRP A 170 24.37 -26.48 11.79
CA TRP A 170 25.27 -27.30 10.99
C TRP A 170 26.70 -26.90 11.28
N ASN A 171 27.53 -27.89 11.61
CA ASN A 171 28.94 -27.67 11.94
C ASN A 171 29.10 -26.67 13.07
N SER A 172 28.21 -26.75 14.06
CA SER A 172 28.25 -25.89 15.24
C SER A 172 28.15 -24.42 14.85
N GLY A 173 27.28 -24.11 13.89
CA GLY A 173 27.08 -22.75 13.43
C GLY A 173 28.06 -22.28 12.38
N ALA A 174 29.10 -23.06 12.06
CA ALA A 174 30.06 -22.68 11.04
C ALA A 174 29.50 -22.79 9.63
N LEU A 175 28.35 -23.44 9.45
CA LEU A 175 27.74 -23.62 8.13
C LEU A 175 26.32 -23.11 8.17
N THR A 176 26.07 -21.97 7.52
CA THR A 176 24.74 -21.37 7.53
C THR A 176 24.26 -21.12 6.11
N SER A 177 25.18 -20.89 5.19
CA SER A 177 24.82 -20.62 3.81
C SER A 177 24.19 -21.85 3.18
N GLY A 178 23.01 -21.68 2.60
CA GLY A 178 22.31 -22.76 1.95
C GLY A 178 21.52 -23.67 2.87
N VAL A 179 21.47 -23.36 4.17
CA VAL A 179 20.74 -24.18 5.12
C VAL A 179 19.26 -23.80 5.07
N HIS A 180 18.39 -24.80 5.11
CA HIS A 180 16.94 -24.61 5.17
C HIS A 180 16.39 -25.56 6.23
N THR A 181 16.04 -25.02 7.39
CA THR A 181 15.36 -25.78 8.43
C THR A 181 13.87 -25.53 8.29
N PHE A 182 13.12 -26.57 7.94
CA PHE A 182 11.71 -26.44 7.60
C PHE A 182 10.86 -26.35 8.86
N PRO A 183 9.68 -25.74 8.74
CA PRO A 183 8.73 -25.77 9.86
C PRO A 183 8.31 -27.21 10.18
N ALA A 184 8.22 -27.49 11.48
CA ALA A 184 7.80 -28.81 11.91
C ALA A 184 6.33 -29.05 11.56
N VAL A 185 6.01 -30.27 11.19
CA VAL A 185 4.63 -30.68 10.93
C VAL A 185 4.21 -31.67 12.01
N LEU A 186 2.95 -31.57 12.42
CA LEU A 186 2.40 -32.48 13.42
C LEU A 186 1.84 -33.70 12.73
N GLN A 187 2.24 -34.88 13.20
CA GLN A 187 1.83 -36.14 12.62
C GLN A 187 0.55 -36.65 13.29
N SER A 188 -0.02 -37.71 12.72
CA SER A 188 -1.22 -38.31 13.29
C SER A 188 -0.96 -38.88 14.67
N SER A 189 0.28 -39.19 15.00
CA SER A 189 0.64 -39.71 16.32
C SER A 189 0.71 -38.62 17.38
N GLY A 190 0.47 -37.36 17.02
CA GLY A 190 0.59 -36.28 17.97
C GLY A 190 2.02 -35.83 18.23
N LEU A 191 2.98 -36.30 17.45
CA LEU A 191 4.37 -35.93 17.57
C LEU A 191 4.79 -35.09 16.38
N TYR A 192 5.91 -34.39 16.53
CA TYR A 192 6.42 -33.51 15.51
C TYR A 192 7.58 -34.16 14.75
N SER A 193 7.80 -33.69 13.52
CA SER A 193 8.95 -34.11 12.74
C SER A 193 9.25 -33.02 11.72
N LEU A 194 10.50 -32.57 11.68
CA LEU A 194 10.94 -31.60 10.70
C LEU A 194 12.22 -32.09 10.03
N SER A 195 12.52 -31.48 8.88
CA SER A 195 13.74 -31.72 8.15
C SER A 195 14.56 -30.45 8.08
N SER A 196 15.89 -30.62 8.07
CA SER A 196 16.81 -29.52 7.84
C SER A 196 17.77 -29.95 6.75
N VAL A 197 17.80 -29.22 5.64
CA VAL A 197 18.63 -29.55 4.50
C VAL A 197 19.65 -28.44 4.28
N VAL A 198 20.65 -28.73 3.47
CA VAL A 198 21.68 -27.76 3.09
C VAL A 198 22.24 -28.17 1.73
N THR A 199 22.37 -27.20 0.83
CA THR A 199 22.96 -27.44 -0.47
C THR A 199 24.45 -27.14 -0.42
N VAL A 200 25.22 -27.93 -1.18
CA VAL A 200 26.67 -27.98 -1.08
C VAL A 200 27.25 -28.35 -2.43
N PRO A 201 28.39 -27.78 -2.85
CA PRO A 201 29.01 -28.19 -4.11
C PRO A 201 29.39 -29.66 -4.09
N SER A 202 29.26 -30.31 -5.25
CA SER A 202 29.62 -31.72 -5.36
C SER A 202 31.07 -31.95 -4.94
N SER A 203 31.96 -31.00 -5.26
CA SER A 203 33.35 -31.13 -4.90
C SER A 203 33.57 -31.15 -3.40
N SER A 204 32.67 -30.51 -2.64
CA SER A 204 32.84 -30.41 -1.20
C SER A 204 32.51 -31.72 -0.47
N LEU A 205 31.89 -32.68 -1.14
CA LEU A 205 31.50 -33.91 -0.45
C LEU A 205 32.70 -34.73 -0.02
N GLY A 206 33.81 -34.63 -0.74
CA GLY A 206 35.00 -35.40 -0.40
C GLY A 206 35.98 -34.64 0.48
N THR A 207 35.90 -33.31 0.45
CA THR A 207 36.82 -32.48 1.23
C THR A 207 36.26 -32.07 2.58
N GLN A 208 34.94 -32.10 2.77
CA GLN A 208 34.30 -31.62 3.98
C GLN A 208 33.46 -32.70 4.63
N THR A 209 33.34 -32.63 5.95
CA THR A 209 32.46 -33.49 6.72
C THR A 209 31.36 -32.63 7.32
N TYR A 210 30.11 -33.05 7.15
CA TYR A 210 28.96 -32.26 7.54
C TYR A 210 28.25 -32.95 8.71
N ILE A 211 28.09 -32.22 9.80
CA ILE A 211 27.43 -32.73 11.01
C ILE A 211 26.34 -31.74 11.39
N CYS A 212 25.13 -32.25 11.60
CA CYS A 212 24.02 -31.43 12.07
C CYS A 212 23.89 -31.57 13.58
N ASN A 213 23.59 -30.47 14.26
CA ASN A 213 23.47 -30.42 15.71
C ASN A 213 22.03 -30.08 16.06
N VAL A 214 21.26 -31.07 16.48
CA VAL A 214 19.89 -30.85 16.91
C VAL A 214 19.89 -30.72 18.43
N ASN A 215 18.88 -30.02 18.94
CA ASN A 215 18.77 -29.77 20.38
C ASN A 215 17.30 -29.64 20.73
N HIS A 216 16.87 -30.39 21.76
CA HIS A 216 15.49 -30.38 22.23
C HIS A 216 15.53 -30.08 23.72
N LYS A 217 15.42 -28.78 24.06
CA LYS A 217 15.50 -28.37 25.45
C LYS A 217 14.49 -29.05 26.38
N PRO A 218 13.22 -29.28 25.98
CA PRO A 218 12.29 -29.94 26.92
C PRO A 218 12.75 -31.32 27.37
N SER A 219 13.35 -32.12 26.49
CA SER A 219 13.76 -33.47 26.83
C SER A 219 15.25 -33.58 27.16
N ASN A 220 15.96 -32.45 27.24
CA ASN A 220 17.39 -32.43 27.50
C ASN A 220 18.14 -33.35 26.55
N THR A 221 17.93 -33.10 25.25
CA THR A 221 18.43 -33.97 24.19
C THR A 221 19.31 -33.16 23.24
N LYS A 222 20.58 -33.54 23.16
CA LYS A 222 21.52 -32.99 22.19
C LYS A 222 22.08 -34.15 21.36
N VAL A 223 21.97 -34.05 20.04
CA VAL A 223 22.41 -35.09 19.12
C VAL A 223 23.21 -34.45 18.01
N ASP A 224 24.39 -35.00 17.73
CA ASP A 224 25.21 -34.60 16.59
C ASP A 224 25.29 -35.80 15.66
N LYS A 225 24.67 -35.67 14.47
CA LYS A 225 24.60 -36.76 13.51
C LYS A 225 25.51 -36.44 12.33
N LYS A 226 26.56 -37.25 12.16
CA LYS A 226 27.43 -37.11 11.01
C LYS A 226 26.72 -37.63 9.76
N VAL A 227 26.74 -36.83 8.71
CA VAL A 227 26.08 -37.17 7.45
C VAL A 227 27.16 -37.42 6.40
N GLU A 228 27.34 -38.68 6.03
CA GLU A 228 28.34 -39.05 5.04
C GLU A 228 27.67 -39.52 3.75
N PRO A 229 28.31 -39.31 2.61
CA PRO A 229 27.71 -39.76 1.33
C PRO A 229 27.63 -41.28 1.27
N LYS A 230 26.56 -41.76 0.65
CA LYS A 230 26.36 -43.20 0.47
C LYS A 230 26.98 -43.66 -0.85
N ASP B 1 -10.29 1.64 26.28
CA ASP B 1 -9.52 0.63 25.57
C ASP B 1 -9.23 1.11 24.15
N ILE B 2 -7.95 1.12 23.77
CA ILE B 2 -7.52 1.58 22.47
C ILE B 2 -7.30 0.38 21.56
N VAL B 3 -7.88 0.42 20.36
CA VAL B 3 -7.83 -0.67 19.39
C VAL B 3 -7.00 -0.20 18.20
N MET B 4 -5.93 -0.93 17.91
CA MET B 4 -5.03 -0.60 16.80
C MET B 4 -5.39 -1.44 15.58
N THR B 5 -5.51 -0.76 14.43
CA THR B 5 -5.90 -1.39 13.18
C THR B 5 -4.84 -1.09 12.12
N GLN B 6 -4.48 -2.11 11.34
CA GLN B 6 -3.47 -1.97 10.31
C GLN B 6 -4.04 -2.40 8.96
N SER B 7 -3.60 -1.69 7.91
CA SER B 7 -3.98 -1.93 6.54
C SER B 7 -2.75 -1.73 5.67
N PRO B 8 -2.55 -2.58 4.64
CA PRO B 8 -3.39 -3.72 4.31
C PRO B 8 -2.99 -4.96 5.10
N PHE B 9 -3.70 -6.07 4.88
CA PHE B 9 -3.33 -7.31 5.56
C PHE B 9 -2.01 -7.84 5.05
N SER B 10 -1.80 -7.80 3.73
CA SER B 10 -0.56 -8.24 3.12
C SER B 10 -0.41 -7.56 1.78
N LEU B 11 0.83 -7.47 1.31
CA LEU B 11 1.10 -6.87 0.01
C LEU B 11 2.34 -7.52 -0.59
N SER B 12 2.35 -7.57 -1.93
CA SER B 12 3.47 -8.10 -2.70
C SER B 12 4.05 -6.98 -3.56
N ALA B 13 5.35 -6.77 -3.46
CA ALA B 13 6.00 -5.67 -4.16
C ALA B 13 7.38 -6.10 -4.65
N SER B 14 7.79 -5.53 -5.78
CA SER B 14 9.08 -5.85 -6.37
C SER B 14 10.20 -5.12 -5.63
N VAL B 15 11.42 -5.62 -5.81
CA VAL B 15 12.58 -5.03 -5.16
C VAL B 15 12.85 -3.66 -5.79
N GLY B 16 12.89 -2.63 -4.95
CA GLY B 16 13.07 -1.26 -5.38
C GLY B 16 11.81 -0.41 -5.29
N ASP B 17 10.64 -1.03 -5.34
CA ASP B 17 9.39 -0.30 -5.27
C ASP B 17 9.18 0.27 -3.86
N ARG B 18 8.22 1.19 -3.77
CA ARG B 18 7.86 1.80 -2.50
C ARG B 18 6.66 1.07 -1.90
N VAL B 19 6.77 0.71 -0.62
CA VAL B 19 5.71 0.05 0.13
C VAL B 19 5.11 1.05 1.10
N THR B 20 3.78 1.09 1.18
CA THR B 20 3.07 1.97 2.09
C THR B 20 2.04 1.17 2.88
N MET B 21 2.07 1.32 4.20
CA MET B 21 1.10 0.69 5.09
C MET B 21 0.66 1.70 6.14
N THR B 22 -0.58 1.55 6.61
CA THR B 22 -1.20 2.50 7.50
C THR B 22 -1.64 1.83 8.80
N CYS B 23 -1.67 2.63 9.87
CA CYS B 23 -2.05 2.19 11.22
C CYS B 23 -3.03 3.20 11.79
N ARG B 24 -4.08 2.70 12.44
CA ARG B 24 -5.15 3.54 12.95
C ARG B 24 -5.43 3.21 14.41
N ALA B 25 -5.81 4.22 15.18
CA ALA B 25 -6.16 4.07 16.58
C ALA B 25 -7.61 4.49 16.81
N SER B 26 -8.29 3.79 17.72
CA SER B 26 -9.69 4.12 18.00
C SER B 26 -9.85 5.44 18.73
N GLN B 27 -8.76 6.05 19.20
CA GLN B 27 -8.80 7.36 19.81
C GLN B 27 -7.42 7.97 19.68
N SER B 28 -7.37 9.30 19.80
CA SER B 28 -6.11 10.03 19.64
C SER B 28 -5.07 9.53 20.63
N ILE B 29 -3.90 9.17 20.12
CA ILE B 29 -2.77 8.74 20.93
C ILE B 29 -1.59 9.70 20.80
N SER B 30 -1.87 10.95 20.44
CA SER B 30 -0.84 11.95 20.15
C SER B 30 0.14 11.40 19.13
N SER B 31 1.42 11.30 19.50
CA SER B 31 2.44 10.73 18.64
C SER B 31 3.02 9.44 19.22
N SER B 32 2.43 8.93 20.31
CA SER B 32 2.95 7.75 21.00
C SER B 32 2.59 6.48 20.21
N LEU B 33 3.18 6.37 19.03
CA LEU B 33 3.02 5.19 18.20
C LEU B 33 4.37 4.74 17.67
N ASN B 34 4.67 3.45 17.83
CA ASN B 34 5.94 2.88 17.42
C ASN B 34 5.72 1.75 16.42
N TRP B 35 6.65 1.61 15.49
CA TRP B 35 6.62 0.57 14.47
C TRP B 35 7.67 -0.48 14.78
N TYR B 36 7.29 -1.75 14.72
CA TYR B 36 8.21 -2.86 14.92
C TYR B 36 8.24 -3.74 13.69
N GLN B 37 9.39 -4.38 13.46
CA GLN B 37 9.58 -5.33 12.37
C GLN B 37 9.89 -6.69 12.98
N GLN B 38 9.21 -7.73 12.48
CA GLN B 38 9.46 -9.10 12.94
C GLN B 38 9.73 -9.99 11.73
N LYS B 39 11.00 -10.30 11.51
CA LYS B 39 11.38 -11.27 10.50
C LYS B 39 11.06 -12.68 10.98
N PRO B 40 10.86 -13.63 10.06
CA PRO B 40 10.39 -14.95 10.47
C PRO B 40 11.37 -15.63 11.41
N GLY B 41 10.83 -16.17 12.51
CA GLY B 41 11.63 -16.89 13.48
C GLY B 41 12.55 -16.02 14.31
N LYS B 42 12.19 -14.76 14.51
CA LYS B 42 13.02 -13.83 15.26
C LYS B 42 12.13 -12.92 16.10
N ALA B 43 12.77 -12.13 16.95
CA ALA B 43 12.07 -11.22 17.82
C ALA B 43 11.81 -9.89 17.12
N PRO B 44 10.78 -9.15 17.55
CA PRO B 44 10.51 -7.85 16.94
C PRO B 44 11.68 -6.89 17.13
N LYS B 45 11.84 -6.00 16.15
CA LYS B 45 12.88 -4.97 16.18
C LYS B 45 12.22 -3.60 16.05
N LEU B 46 12.55 -2.70 16.97
CA LEU B 46 11.97 -1.36 16.95
C LEU B 46 12.57 -0.55 15.80
N LEU B 47 11.72 -0.10 14.88
CA LEU B 47 12.15 0.69 13.72
C LEU B 47 11.90 2.17 13.92
N ILE B 48 10.64 2.54 14.19
CA ILE B 48 10.24 3.93 14.33
C ILE B 48 9.75 4.15 15.76
N TYR B 49 10.16 5.27 16.35
CA TYR B 49 9.78 5.64 17.71
C TYR B 49 9.05 6.98 17.65
N ALA B 50 7.95 7.08 18.39
CA ALA B 50 7.14 8.29 18.46
C ALA B 50 6.73 8.76 17.06
N ALA B 51 6.17 7.82 16.29
CA ALA B 51 5.52 8.06 15.00
C ALA B 51 6.49 8.28 13.85
N SER B 52 7.62 8.97 14.09
CA SER B 52 8.40 9.44 12.94
C SER B 52 9.91 9.51 13.18
N ASN B 53 10.45 8.87 14.21
CA ASN B 53 11.87 8.99 14.54
C ASN B 53 12.59 7.67 14.26
N LEU B 54 13.48 7.69 13.28
CA LEU B 54 14.29 6.52 12.98
C LEU B 54 15.20 6.18 14.17
N GLN B 55 15.45 4.89 14.35
CA GLN B 55 16.34 4.42 15.38
C GLN B 55 17.65 3.96 14.77
N SER B 56 18.71 3.94 15.58
CA SER B 56 20.03 3.59 15.09
C SER B 56 20.06 2.16 14.59
N GLY B 57 20.81 1.93 13.53
CA GLY B 57 20.91 0.61 12.93
C GLY B 57 19.75 0.23 12.03
N VAL B 58 18.92 1.19 11.64
CA VAL B 58 17.77 0.93 10.77
C VAL B 58 18.01 1.66 9.46
N PRO B 59 17.79 1.01 8.31
CA PRO B 59 18.01 1.69 7.03
C PRO B 59 17.13 2.92 6.88
N SER B 60 17.67 3.93 6.19
CA SER B 60 16.94 5.18 6.00
C SER B 60 15.70 5.02 5.14
N ARG B 61 15.58 3.91 4.41
CA ARG B 61 14.39 3.71 3.57
C ARG B 61 13.12 3.55 4.40
N PHE B 62 13.25 3.22 5.67
CA PHE B 62 12.10 3.15 6.56
C PHE B 62 11.77 4.55 7.05
N SER B 63 10.54 4.98 6.78
CA SER B 63 10.07 6.31 7.14
C SER B 63 8.72 6.19 7.83
N GLY B 64 8.55 6.96 8.90
CA GLY B 64 7.30 6.98 9.64
C GLY B 64 6.71 8.38 9.67
N SER B 65 5.38 8.44 9.66
CA SER B 65 4.67 9.71 9.81
C SER B 65 3.32 9.43 10.43
N GLY B 66 2.64 10.50 10.83
CA GLY B 66 1.31 10.40 11.39
C GLY B 66 1.20 11.11 12.72
N SER B 67 -0.05 11.22 13.18
CA SER B 67 -0.42 11.91 14.40
C SER B 67 -1.88 11.59 14.70
N GLY B 68 -2.24 11.72 15.98
CA GLY B 68 -3.62 11.52 16.38
C GLY B 68 -4.11 10.09 16.27
N THR B 69 -4.83 9.77 15.20
CA THR B 69 -5.34 8.43 14.98
C THR B 69 -4.88 7.83 13.65
N ASP B 70 -4.10 8.55 12.85
CA ASP B 70 -3.71 8.13 11.51
C ASP B 70 -2.20 8.13 11.43
N PHE B 71 -1.62 6.98 11.07
CA PHE B 71 -0.17 6.81 11.03
C PHE B 71 0.23 5.96 9.83
N THR B 72 1.40 6.26 9.26
CA THR B 72 1.88 5.59 8.06
C THR B 72 3.34 5.20 8.21
N LEU B 73 3.66 3.95 7.87
CA LEU B 73 5.03 3.48 7.72
C LEU B 73 5.31 3.28 6.24
N THR B 74 6.51 3.69 5.81
CA THR B 74 6.86 3.66 4.39
C THR B 74 8.25 3.09 4.20
N ILE B 75 8.39 2.25 3.18
CA ILE B 75 9.69 1.73 2.75
C ILE B 75 9.96 2.32 1.37
N SER B 76 10.99 3.17 1.27
CA SER B 76 11.21 3.90 0.03
C SER B 76 11.68 2.98 -1.09
N SER B 77 12.47 1.96 -0.76
CA SER B 77 13.02 1.05 -1.78
C SER B 77 13.07 -0.35 -1.17
N LEU B 78 12.06 -1.16 -1.47
CA LEU B 78 11.95 -2.48 -0.88
C LEU B 78 13.15 -3.35 -1.26
N GLN B 79 13.69 -4.05 -0.28
CA GLN B 79 14.82 -4.95 -0.43
C GLN B 79 14.43 -6.36 0.00
N PRO B 80 15.12 -7.39 -0.51
CA PRO B 80 14.75 -8.76 -0.14
C PRO B 80 14.77 -9.03 1.35
N GLU B 81 15.72 -8.43 2.07
CA GLU B 81 15.84 -8.63 3.51
C GLU B 81 14.73 -7.97 4.30
N ASP B 82 13.85 -7.21 3.65
CA ASP B 82 12.75 -6.54 4.33
C ASP B 82 11.52 -7.42 4.48
N PHE B 83 11.56 -8.67 3.99
CA PHE B 83 10.46 -9.60 4.16
C PHE B 83 10.19 -9.83 5.64
N ALA B 84 9.09 -9.31 6.14
CA ALA B 84 8.74 -9.45 7.55
C ALA B 84 7.27 -9.05 7.71
N THR B 85 6.78 -9.15 8.93
CA THR B 85 5.50 -8.57 9.32
C THR B 85 5.78 -7.35 10.17
N TYR B 86 5.09 -6.24 9.87
CA TYR B 86 5.32 -4.97 10.53
C TYR B 86 4.14 -4.66 11.44
N TYR B 87 4.44 -4.34 12.69
CA TYR B 87 3.45 -4.06 13.71
C TYR B 87 3.56 -2.63 14.20
N CYS B 88 2.44 -1.96 14.35
CA CYS B 88 2.40 -0.70 15.06
C CYS B 88 1.95 -0.96 16.49
N GLN B 89 2.49 -0.18 17.42
CA GLN B 89 2.25 -0.37 18.83
C GLN B 89 2.03 0.99 19.48
N GLN B 90 1.03 1.05 20.36
CA GLN B 90 0.61 2.29 20.99
C GLN B 90 1.05 2.28 22.46
N SER B 91 1.66 3.38 22.90
CA SER B 91 2.08 3.52 24.29
C SER B 91 1.39 4.68 25.00
N TYR B 92 0.31 5.22 24.41
CA TYR B 92 -0.38 6.36 25.01
C TYR B 92 -1.01 6.02 26.35
N THR B 93 -1.28 4.74 26.61
CA THR B 93 -1.94 4.30 27.83
C THR B 93 -0.98 3.67 28.83
N MET B 94 0.33 3.81 28.61
CA MET B 94 1.30 3.30 29.56
C MET B 94 1.23 4.10 30.86
N PRO B 95 1.57 3.48 32.00
CA PRO B 95 1.94 2.07 32.21
C PRO B 95 0.84 0.97 32.22
N PRO B 96 -0.42 1.28 32.58
CA PRO B 96 -1.40 0.18 32.77
C PRO B 96 -1.55 -0.77 31.59
N GLU B 97 -1.34 -0.32 30.36
CA GLU B 97 -1.45 -1.24 29.23
C GLU B 97 -0.88 -0.60 27.97
N LEU B 98 -0.41 -1.45 27.06
CA LEU B 98 -0.12 -1.08 25.68
C LEU B 98 -0.76 -2.12 24.78
N THR B 99 -0.98 -1.74 23.51
CA THR B 99 -1.63 -2.63 22.57
C THR B 99 -0.93 -2.59 21.22
N PHE B 100 -0.91 -3.73 20.55
CA PHE B 100 -0.34 -3.88 19.22
C PHE B 100 -1.43 -3.85 18.16
N GLY B 101 -1.01 -3.69 16.90
CA GLY B 101 -1.91 -3.85 15.78
C GLY B 101 -1.86 -5.25 15.22
N GLY B 102 -2.71 -5.50 14.23
CA GLY B 102 -2.79 -6.82 13.63
C GLY B 102 -1.58 -7.19 12.79
N GLY B 103 -0.82 -6.20 12.34
CA GLY B 103 0.35 -6.46 11.53
C GLY B 103 0.08 -6.50 10.04
N THR B 104 1.05 -6.03 9.26
CA THR B 104 1.01 -6.10 7.80
C THR B 104 2.15 -6.98 7.32
N LYS B 105 1.81 -7.99 6.50
CA LYS B 105 2.80 -8.87 5.90
C LYS B 105 3.32 -8.26 4.61
N VAL B 106 4.64 -8.13 4.50
CA VAL B 106 5.28 -7.60 3.29
C VAL B 106 5.97 -8.75 2.60
N GLU B 107 5.48 -9.12 1.42
CA GLU B 107 6.05 -10.16 0.59
C GLU B 107 6.78 -9.54 -0.59
N ILE B 108 7.72 -10.30 -1.15
CA ILE B 108 8.55 -9.82 -2.26
C ILE B 108 8.07 -10.44 -3.56
N LYS B 109 8.00 -9.61 -4.60
CA LYS B 109 7.67 -10.06 -5.94
C LYS B 109 8.97 -10.15 -6.74
N ARG B 110 9.29 -11.34 -7.23
CA ARG B 110 10.51 -11.55 -8.02
C ARG B 110 10.17 -12.46 -9.21
N THR B 111 11.21 -12.85 -9.93
CA THR B 111 11.03 -13.60 -11.17
C THR B 111 10.75 -15.08 -10.86
N VAL B 112 10.03 -15.73 -11.78
CA VAL B 112 9.77 -17.15 -11.64
C VAL B 112 11.10 -17.90 -11.60
N ALA B 113 11.23 -18.79 -10.61
CA ALA B 113 12.43 -19.60 -10.44
C ALA B 113 12.05 -21.06 -10.28
N ALA B 114 12.62 -21.92 -11.11
CA ALA B 114 12.28 -23.33 -11.07
C ALA B 114 13.00 -24.01 -9.91
N PRO B 115 12.36 -24.99 -9.26
CA PRO B 115 12.98 -25.63 -8.10
C PRO B 115 14.02 -26.65 -8.51
N SER B 116 14.88 -26.97 -7.54
CA SER B 116 15.83 -28.07 -7.67
C SER B 116 15.32 -29.23 -6.83
N VAL B 117 15.05 -30.36 -7.47
CA VAL B 117 14.39 -31.50 -6.83
C VAL B 117 15.43 -32.51 -6.37
N PHE B 118 15.32 -32.92 -5.11
CA PHE B 118 16.17 -33.96 -4.53
C PHE B 118 15.30 -34.97 -3.81
N ILE B 119 15.72 -36.23 -3.84
CA ILE B 119 14.99 -37.31 -3.19
C ILE B 119 15.95 -38.09 -2.30
N PHE B 120 15.49 -38.46 -1.12
CA PHE B 120 16.32 -39.14 -0.13
C PHE B 120 15.65 -40.45 0.27
N PRO B 121 16.29 -41.59 0.08
CA PRO B 121 15.76 -42.86 0.59
C PRO B 121 15.86 -42.89 2.11
N PRO B 122 15.07 -43.74 2.77
CA PRO B 122 15.16 -43.83 4.23
C PRO B 122 16.50 -44.39 4.68
N SER B 123 16.94 -43.94 5.85
CA SER B 123 18.21 -44.40 6.39
C SER B 123 18.08 -45.84 6.90
N ASP B 124 19.22 -46.53 6.96
CA ASP B 124 19.23 -47.85 7.58
C ASP B 124 18.97 -47.77 9.07
N GLU B 125 19.42 -46.68 9.73
CA GLU B 125 19.13 -46.49 11.14
C GLU B 125 17.64 -46.43 11.42
N GLN B 126 16.86 -45.87 10.49
CA GLN B 126 15.42 -45.76 10.69
C GLN B 126 14.70 -47.06 10.37
N LEU B 127 15.19 -47.83 9.39
CA LEU B 127 14.54 -49.08 9.03
C LEU B 127 14.63 -50.09 10.16
N LYS B 128 15.70 -50.04 10.96
CA LYS B 128 15.79 -50.89 12.14
C LYS B 128 14.85 -50.44 13.25
N SER B 129 14.14 -49.33 13.08
CA SER B 129 13.19 -48.86 14.07
C SER B 129 11.75 -49.22 13.76
N GLY B 130 11.43 -49.57 12.51
CA GLY B 130 10.12 -50.03 12.12
C GLY B 130 9.44 -49.23 11.03
N THR B 131 9.85 -47.98 10.80
CA THR B 131 9.22 -47.12 9.82
C THR B 131 10.25 -46.67 8.78
N ALA B 132 9.75 -46.11 7.68
CA ALA B 132 10.58 -45.62 6.59
C ALA B 132 10.06 -44.27 6.15
N SER B 133 10.95 -43.28 6.08
CA SER B 133 10.62 -41.92 5.70
C SER B 133 11.34 -41.57 4.40
N VAL B 134 10.58 -41.28 3.36
CA VAL B 134 11.13 -40.83 2.08
C VAL B 134 10.88 -39.34 1.95
N VAL B 135 11.96 -38.58 1.81
CA VAL B 135 11.90 -37.12 1.82
C VAL B 135 12.21 -36.59 0.42
N CYS B 136 11.42 -35.64 -0.03
CA CYS B 136 11.61 -34.97 -1.30
C CYS B 136 11.81 -33.48 -1.05
N LEU B 137 12.84 -32.91 -1.66
CA LEU B 137 13.22 -31.53 -1.43
C LEU B 137 13.06 -30.71 -2.71
N LEU B 138 12.31 -29.61 -2.61
CA LEU B 138 12.18 -28.62 -3.67
C LEU B 138 12.89 -27.36 -3.18
N ASN B 139 14.02 -27.04 -3.82
CA ASN B 139 14.95 -26.06 -3.28
C ASN B 139 14.91 -24.78 -4.10
N ASN B 140 14.67 -23.65 -3.42
CA ASN B 140 14.78 -22.30 -3.98
C ASN B 140 13.96 -22.11 -5.24
N PHE B 141 12.66 -21.94 -5.09
CA PHE B 141 11.76 -21.72 -6.21
C PHE B 141 10.87 -20.52 -5.92
N TYR B 142 10.24 -20.01 -6.99
CA TYR B 142 9.25 -18.94 -6.88
C TYR B 142 8.35 -19.02 -8.09
N PRO B 143 7.02 -18.86 -7.94
CA PRO B 143 6.30 -18.61 -6.69
C PRO B 143 6.04 -19.87 -5.87
N ARG B 144 5.25 -19.75 -4.80
CA ARG B 144 5.10 -20.87 -3.87
C ARG B 144 4.32 -22.03 -4.47
N GLU B 145 3.38 -21.76 -5.37
CA GLU B 145 2.52 -22.79 -5.91
C GLU B 145 3.34 -23.90 -6.56
N ALA B 146 3.35 -25.07 -5.92
CA ALA B 146 4.03 -26.24 -6.45
C ALA B 146 3.26 -27.48 -6.01
N LYS B 147 3.27 -28.50 -6.86
CA LYS B 147 2.58 -29.76 -6.60
C LYS B 147 3.59 -30.89 -6.56
N VAL B 148 3.57 -31.66 -5.48
CA VAL B 148 4.44 -32.82 -5.31
C VAL B 148 3.57 -34.06 -5.31
N GLN B 149 3.96 -35.05 -6.12
CA GLN B 149 3.21 -36.28 -6.28
C GLN B 149 4.13 -37.47 -6.02
N TRP B 150 3.74 -38.35 -5.10
CA TRP B 150 4.51 -39.54 -4.79
C TRP B 150 3.99 -40.73 -5.61
N LYS B 151 4.92 -41.48 -6.20
CA LYS B 151 4.58 -42.66 -7.00
C LYS B 151 5.45 -43.83 -6.54
N VAL B 152 4.84 -44.75 -5.80
CA VAL B 152 5.53 -45.95 -5.33
C VAL B 152 5.21 -47.07 -6.32
N ASP B 153 6.23 -47.49 -7.08
CA ASP B 153 6.07 -48.47 -8.15
C ASP B 153 5.02 -48.02 -9.16
N ASN B 154 5.16 -46.77 -9.61
CA ASN B 154 4.30 -46.10 -10.58
C ASN B 154 2.88 -45.87 -10.06
N ALA B 155 2.55 -46.36 -8.86
CA ALA B 155 1.22 -46.21 -8.30
C ALA B 155 1.12 -44.89 -7.54
N LEU B 156 0.07 -44.12 -7.83
CA LEU B 156 -0.15 -42.85 -7.16
C LEU B 156 -0.30 -43.07 -5.65
N GLN B 157 0.24 -42.14 -4.87
CA GLN B 157 0.13 -42.18 -3.43
C GLN B 157 -0.82 -41.07 -2.96
N SER B 158 -1.47 -41.33 -1.83
CA SER B 158 -2.41 -40.37 -1.27
C SER B 158 -2.63 -40.70 0.20
N GLY B 159 -2.58 -39.69 1.06
CA GLY B 159 -2.88 -39.84 2.46
C GLY B 159 -1.71 -40.24 3.35
N ASN B 160 -0.51 -40.41 2.78
CA ASN B 160 0.64 -40.87 3.53
C ASN B 160 1.83 -39.91 3.40
N SER B 161 1.55 -38.63 3.16
CA SER B 161 2.62 -37.66 2.97
C SER B 161 2.25 -36.35 3.68
N GLN B 162 3.28 -35.55 3.96
CA GLN B 162 3.11 -34.24 4.57
C GLN B 162 4.14 -33.28 3.99
N GLU B 163 3.70 -32.06 3.71
CA GLU B 163 4.54 -31.03 3.14
C GLU B 163 4.88 -29.98 4.18
N SER B 164 5.90 -29.19 3.89
CA SER B 164 6.29 -28.05 4.72
C SER B 164 7.08 -27.09 3.86
N VAL B 165 6.70 -25.82 3.87
CA VAL B 165 7.32 -24.80 3.03
C VAL B 165 7.97 -23.76 3.93
N THR B 166 9.20 -23.37 3.60
CA THR B 166 9.88 -22.34 4.36
C THR B 166 9.31 -20.96 4.04
N GLU B 167 9.62 -20.01 4.90
CA GLU B 167 9.26 -18.63 4.63
C GLU B 167 10.17 -18.06 3.53
N GLN B 168 9.71 -16.97 2.93
CA GLN B 168 10.44 -16.39 1.81
C GLN B 168 11.84 -15.98 2.24
N ASP B 169 12.84 -16.40 1.46
CA ASP B 169 14.23 -16.22 1.85
C ASP B 169 14.61 -14.74 1.83
N SER B 170 15.52 -14.38 2.74
CA SER B 170 15.93 -13.00 2.92
C SER B 170 16.97 -12.55 1.89
N LYS B 171 17.42 -13.42 1.01
CA LYS B 171 18.44 -13.06 0.02
C LYS B 171 17.93 -13.18 -1.41
N ASP B 172 17.34 -14.31 -1.79
CA ASP B 172 16.83 -14.50 -3.14
C ASP B 172 15.31 -14.55 -3.22
N SER B 173 14.61 -14.36 -2.10
CA SER B 173 13.16 -14.24 -2.08
C SER B 173 12.47 -15.48 -2.66
N THR B 174 13.05 -16.64 -2.43
CA THR B 174 12.49 -17.90 -2.92
C THR B 174 11.90 -18.71 -1.77
N TYR B 175 11.18 -19.76 -2.14
CA TYR B 175 10.64 -20.72 -1.19
C TYR B 175 11.34 -22.07 -1.35
N SER B 176 11.26 -22.90 -0.32
CA SER B 176 11.72 -24.27 -0.38
C SER B 176 10.70 -25.16 0.31
N LEU B 177 10.52 -26.37 -0.22
CA LEU B 177 9.47 -27.26 0.23
C LEU B 177 10.03 -28.64 0.53
N SER B 178 9.66 -29.18 1.68
CA SER B 178 10.01 -30.54 2.07
C SER B 178 8.75 -31.38 2.13
N SER B 179 8.80 -32.56 1.51
CA SER B 179 7.67 -33.49 1.50
C SER B 179 8.16 -34.85 2.00
N THR B 180 7.51 -35.37 3.03
CA THR B 180 7.91 -36.61 3.67
C THR B 180 6.85 -37.68 3.42
N LEU B 181 7.24 -38.76 2.75
CA LEU B 181 6.39 -39.92 2.53
C LEU B 181 6.73 -40.96 3.59
N THR B 182 5.77 -41.25 4.47
CA THR B 182 5.98 -42.15 5.60
C THR B 182 5.28 -43.48 5.34
N LEU B 183 6.05 -44.57 5.46
CA LEU B 183 5.54 -45.92 5.31
C LEU B 183 6.07 -46.79 6.44
N SER B 184 5.40 -47.92 6.66
CA SER B 184 5.93 -48.92 7.56
C SER B 184 7.03 -49.71 6.86
N LYS B 185 7.92 -50.30 7.66
CA LYS B 185 9.03 -51.07 7.08
C LYS B 185 8.53 -52.22 6.24
N ALA B 186 7.44 -52.86 6.67
CA ALA B 186 6.87 -53.96 5.90
C ALA B 186 6.35 -53.48 4.55
N ASP B 187 5.61 -52.37 4.54
CA ASP B 187 5.11 -51.83 3.28
C ASP B 187 6.25 -51.30 2.41
N TYR B 188 7.29 -50.74 3.01
CA TYR B 188 8.37 -50.14 2.24
C TYR B 188 9.15 -51.19 1.46
N GLU B 189 9.48 -52.31 2.09
CA GLU B 189 10.26 -53.35 1.43
C GLU B 189 9.48 -54.13 0.40
N LYS B 190 8.18 -53.87 0.26
CA LYS B 190 7.38 -54.60 -0.73
C LYS B 190 7.66 -54.11 -2.15
N HIS B 191 7.77 -52.80 -2.34
CA HIS B 191 7.92 -52.22 -3.65
C HIS B 191 9.40 -51.89 -3.93
N LYS B 192 9.66 -51.40 -5.14
CA LYS B 192 11.02 -51.14 -5.59
C LYS B 192 11.27 -49.70 -6.00
N VAL B 193 10.44 -49.14 -6.87
CA VAL B 193 10.66 -47.80 -7.41
C VAL B 193 9.92 -46.79 -6.55
N TYR B 194 10.64 -45.81 -6.04
CA TYR B 194 10.08 -44.69 -5.28
C TYR B 194 10.41 -43.40 -6.01
N ALA B 195 9.39 -42.71 -6.50
CA ALA B 195 9.56 -41.53 -7.34
C ALA B 195 8.85 -40.34 -6.74
N CYS B 196 9.44 -39.16 -6.95
CA CYS B 196 8.87 -37.89 -6.54
C CYS B 196 8.71 -37.02 -7.78
N GLU B 197 7.47 -36.70 -8.12
CA GLU B 197 7.14 -35.91 -9.31
C GLU B 197 6.76 -34.50 -8.88
N VAL B 198 7.42 -33.51 -9.48
CA VAL B 198 7.27 -32.11 -9.11
C VAL B 198 6.77 -31.33 -10.33
N THR B 199 5.69 -30.57 -10.14
CA THR B 199 5.21 -29.65 -11.15
C THR B 199 5.28 -28.23 -10.59
N HIS B 200 5.82 -27.32 -11.38
CA HIS B 200 5.96 -25.93 -10.98
C HIS B 200 5.93 -25.06 -12.22
N GLN B 201 5.54 -23.79 -12.02
CA GLN B 201 5.42 -22.86 -13.14
C GLN B 201 6.74 -22.71 -13.89
N GLY B 202 7.86 -22.75 -13.18
CA GLY B 202 9.16 -22.57 -13.82
C GLY B 202 9.66 -23.79 -14.57
N LEU B 203 8.97 -24.92 -14.47
CA LEU B 203 9.35 -26.14 -15.17
C LEU B 203 8.51 -26.27 -16.43
N SER B 204 9.16 -26.59 -17.55
CA SER B 204 8.44 -26.83 -18.79
C SER B 204 7.52 -28.03 -18.66
N SER B 205 8.08 -29.17 -18.25
CA SER B 205 7.36 -30.39 -18.00
C SER B 205 7.67 -30.85 -16.58
N PRO B 206 6.77 -31.63 -15.97
CA PRO B 206 7.01 -32.09 -14.60
C PRO B 206 8.33 -32.84 -14.47
N VAL B 207 9.03 -32.58 -13.37
CA VAL B 207 10.30 -33.22 -13.05
C VAL B 207 10.06 -34.37 -12.10
N THR B 208 10.69 -35.51 -12.37
CA THR B 208 10.55 -36.70 -11.54
C THR B 208 11.93 -37.19 -11.12
N LYS B 209 12.15 -37.26 -9.81
CA LYS B 209 13.36 -37.87 -9.25
C LYS B 209 12.96 -39.15 -8.53
N SER B 210 13.75 -40.20 -8.72
CA SER B 210 13.39 -41.51 -8.22
C SER B 210 14.63 -42.29 -7.81
N PHE B 211 14.41 -43.39 -7.11
CA PHE B 211 15.48 -44.30 -6.71
C PHE B 211 14.91 -45.70 -6.57
N ASN B 212 15.74 -46.70 -6.87
CA ASN B 212 15.40 -48.09 -6.62
C ASN B 212 15.78 -48.45 -5.19
N ARG B 213 14.91 -49.23 -4.54
CA ARG B 213 15.18 -49.62 -3.15
C ARG B 213 16.46 -50.44 -3.05
N GLY B 214 16.77 -51.22 -4.07
CA GLY B 214 18.04 -51.92 -4.13
C GLY B 214 18.94 -51.38 -5.21
N GLU B 215 19.57 -50.23 -4.95
CA GLU B 215 20.43 -49.59 -5.94
C GLU B 215 21.76 -49.17 -5.32
N GLU C 1 -23.38 9.54 -23.62
CA GLU C 1 -23.96 8.24 -23.89
C GLU C 1 -23.60 7.77 -25.30
N VAL C 2 -22.31 7.57 -25.55
CA VAL C 2 -21.80 7.14 -26.84
C VAL C 2 -21.09 5.80 -26.65
N GLN C 3 -21.29 4.89 -27.61
CA GLN C 3 -20.76 3.55 -27.55
C GLN C 3 -19.75 3.31 -28.66
N LEU C 4 -18.75 2.48 -28.37
CA LEU C 4 -17.74 2.08 -29.34
C LEU C 4 -17.69 0.55 -29.39
N VAL C 5 -17.61 0.02 -30.61
CA VAL C 5 -17.52 -1.43 -30.82
C VAL C 5 -16.33 -1.70 -31.74
N GLN C 6 -15.51 -2.67 -31.36
CA GLN C 6 -14.41 -3.12 -32.19
C GLN C 6 -14.90 -4.17 -33.18
N SER C 7 -14.22 -4.23 -34.32
CA SER C 7 -14.51 -5.23 -35.34
C SER C 7 -13.22 -5.63 -36.02
N GLY C 8 -13.12 -6.91 -36.38
CA GLY C 8 -12.00 -7.39 -37.17
C GLY C 8 -11.04 -8.32 -36.47
N GLY C 9 -11.33 -8.75 -35.25
CA GLY C 9 -10.48 -9.69 -34.56
C GLY C 9 -10.68 -11.11 -35.06
N GLY C 10 -9.97 -12.04 -34.44
CA GLY C 10 -10.14 -13.44 -34.74
C GLY C 10 -8.80 -14.13 -34.93
N LEU C 11 -8.85 -15.26 -35.64
CA LEU C 11 -7.69 -16.13 -35.82
C LEU C 11 -6.94 -15.73 -37.08
N VAL C 12 -5.64 -15.50 -36.93
CA VAL C 12 -4.78 -15.10 -38.04
C VAL C 12 -3.49 -15.89 -37.96
N GLN C 13 -2.95 -16.25 -39.13
CA GLN C 13 -1.72 -17.03 -39.20
C GLN C 13 -0.51 -16.17 -38.85
N PRO C 14 0.54 -16.76 -38.30
CA PRO C 14 1.77 -16.00 -38.05
C PRO C 14 2.34 -15.43 -39.34
N GLY C 15 2.71 -14.15 -39.29
CA GLY C 15 3.13 -13.43 -40.48
C GLY C 15 2.00 -12.86 -41.30
N GLY C 16 0.77 -13.28 -41.06
CA GLY C 16 -0.37 -12.74 -41.77
C GLY C 16 -0.70 -11.33 -41.30
N SER C 17 -1.82 -10.82 -41.82
CA SER C 17 -2.25 -9.46 -41.54
C SER C 17 -3.69 -9.45 -41.06
N LEU C 18 -4.03 -8.42 -40.28
CA LEU C 18 -5.37 -8.24 -39.76
C LEU C 18 -5.75 -6.76 -39.85
N ARG C 19 -7.05 -6.51 -39.91
CA ARG C 19 -7.58 -5.15 -39.98
C ARG C 19 -8.60 -4.96 -38.87
N LEU C 20 -8.37 -3.97 -38.01
CA LEU C 20 -9.25 -3.63 -36.91
C LEU C 20 -9.80 -2.23 -37.11
N SER C 21 -11.02 -2.00 -36.62
CA SER C 21 -11.67 -0.71 -36.74
C SER C 21 -12.51 -0.42 -35.51
N CYS C 22 -12.65 0.87 -35.20
CA CYS C 22 -13.42 1.33 -34.04
C CYS C 22 -14.54 2.23 -34.56
N GLU C 23 -15.78 1.82 -34.29
CA GLU C 23 -16.95 2.49 -34.84
C GLU C 23 -17.73 3.19 -33.73
N ALA C 24 -18.06 4.45 -33.97
CA ALA C 24 -18.78 5.27 -33.00
C ALA C 24 -20.26 5.33 -33.37
N SER C 25 -21.13 5.16 -32.37
CA SER C 25 -22.56 5.06 -32.63
C SER C 25 -23.16 6.41 -33.02
N ARG C 26 -22.59 7.51 -32.56
CA ARG C 26 -23.05 8.85 -32.91
C ARG C 26 -21.92 9.62 -33.60
N PHE C 27 -22.30 10.77 -34.16
CA PHE C 27 -21.36 11.57 -34.94
C PHE C 27 -20.24 12.10 -34.03
N THR C 28 -19.01 11.94 -34.49
CA THR C 28 -17.83 12.30 -33.71
C THR C 28 -17.30 13.64 -34.22
N SER C 29 -17.39 14.66 -33.37
CA SER C 29 -16.77 15.94 -33.67
C SER C 29 -15.26 15.85 -33.46
N SER C 30 -14.56 16.84 -34.01
CA SER C 30 -13.11 16.80 -34.07
C SER C 30 -12.51 16.96 -32.67
N SER C 31 -11.17 16.91 -32.61
CA SER C 31 -10.35 16.96 -31.40
C SER C 31 -10.45 15.69 -30.55
N TYR C 32 -11.30 14.74 -30.91
CA TYR C 32 -11.31 13.43 -30.28
C TYR C 32 -10.30 12.53 -30.96
N TRP C 33 -9.59 11.73 -30.17
CA TRP C 33 -8.64 10.74 -30.67
C TRP C 33 -9.13 9.33 -30.39
N ILE C 34 -8.70 8.39 -31.23
CA ILE C 34 -8.95 6.97 -31.04
C ILE C 34 -7.65 6.33 -30.58
N THR C 35 -7.66 5.77 -29.38
CA THR C 35 -6.50 5.10 -28.81
C THR C 35 -6.72 3.61 -28.79
N TRP C 36 -5.73 2.86 -29.27
CA TRP C 36 -5.76 1.39 -29.24
C TRP C 36 -4.89 0.89 -28.10
N VAL C 37 -5.50 0.12 -27.20
CA VAL C 37 -4.80 -0.49 -26.07
C VAL C 37 -5.02 -1.99 -26.14
N ARG C 38 -3.93 -2.74 -26.06
CA ARG C 38 -3.99 -4.20 -26.06
C ARG C 38 -3.60 -4.74 -24.71
N GLN C 39 -4.08 -5.95 -24.41
CA GLN C 39 -3.85 -6.59 -23.13
C GLN C 39 -3.63 -8.08 -23.37
N ALA C 40 -2.40 -8.54 -23.19
CA ALA C 40 -2.10 -9.96 -23.29
C ALA C 40 -2.82 -10.72 -22.19
N PRO C 41 -3.19 -11.98 -22.43
CA PRO C 41 -3.93 -12.74 -21.41
C PRO C 41 -3.14 -12.87 -20.13
N GLY C 42 -3.70 -12.35 -19.04
CA GLY C 42 -3.07 -12.34 -17.74
C GLY C 42 -2.18 -11.15 -17.47
N LYS C 43 -1.61 -10.55 -18.50
CA LYS C 43 -0.72 -9.40 -18.34
C LYS C 43 -1.53 -8.10 -18.33
N GLY C 44 -0.85 -6.96 -18.40
CA GLY C 44 -1.47 -5.67 -18.21
C GLY C 44 -1.69 -4.90 -19.51
N LEU C 45 -2.18 -3.67 -19.34
CA LEU C 45 -2.51 -2.82 -20.48
C LEU C 45 -1.24 -2.31 -21.15
N GLU C 46 -1.23 -2.35 -22.47
CA GLU C 46 -0.11 -1.83 -23.25
C GLU C 46 -0.66 -0.93 -24.35
N TRP C 47 -0.15 0.29 -24.42
CA TRP C 47 -0.58 1.20 -25.48
C TRP C 47 -0.01 0.76 -26.81
N VAL C 48 -0.84 0.86 -27.85
CA VAL C 48 -0.49 0.41 -29.20
C VAL C 48 -0.39 1.59 -30.17
N ALA C 49 -1.47 2.37 -30.31
CA ALA C 49 -1.47 3.43 -31.31
C ALA C 49 -2.50 4.49 -30.94
N ASN C 50 -2.19 5.73 -31.30
CA ASN C 50 -3.12 6.85 -31.24
C ASN C 50 -3.44 7.28 -32.67
N ILE C 51 -4.71 7.20 -33.04
CA ILE C 51 -5.16 7.49 -34.39
C ILE C 51 -6.27 8.53 -34.30
N LYS C 52 -6.08 9.67 -34.96
CA LYS C 52 -7.17 10.61 -35.11
C LYS C 52 -8.16 10.07 -36.14
N GLN C 53 -9.46 10.20 -35.84
CA GLN C 53 -10.47 9.60 -36.69
C GLN C 53 -10.49 10.21 -38.10
N ASP C 54 -9.85 11.36 -38.30
CA ASP C 54 -9.72 11.91 -39.64
C ASP C 54 -8.80 11.06 -40.50
N GLY C 55 -7.86 10.35 -39.88
CA GLY C 55 -6.77 9.72 -40.59
C GLY C 55 -5.58 10.62 -40.81
N SER C 56 -5.61 11.85 -40.29
CA SER C 56 -4.55 12.82 -40.55
C SER C 56 -3.28 12.46 -39.80
N GLU C 57 -3.38 12.31 -38.48
CA GLU C 57 -2.24 11.97 -37.64
C GLU C 57 -2.40 10.55 -37.10
N LYS C 58 -1.29 9.83 -37.06
CA LYS C 58 -1.26 8.49 -36.48
C LYS C 58 0.10 8.25 -35.86
N TYR C 59 0.10 7.71 -34.65
CA TYR C 59 1.31 7.37 -33.92
C TYR C 59 1.20 5.95 -33.41
N PHE C 60 2.33 5.25 -33.35
CA PHE C 60 2.35 3.85 -32.99
C PHE C 60 3.42 3.59 -31.94
N VAL C 61 3.18 2.54 -31.13
CA VAL C 61 4.18 2.12 -30.17
C VAL C 61 5.45 1.70 -30.91
N ASP C 62 6.60 2.04 -30.33
CA ASP C 62 7.86 1.65 -30.95
C ASP C 62 8.05 0.15 -30.96
N SER C 63 7.37 -0.57 -30.07
CA SER C 63 7.55 -2.02 -29.92
C SER C 63 7.10 -2.82 -31.14
N VAL C 64 6.15 -2.29 -31.92
CA VAL C 64 5.61 -3.02 -33.07
C VAL C 64 6.34 -2.69 -34.37
N LYS C 65 7.41 -1.92 -34.31
CA LYS C 65 8.16 -1.47 -35.51
C LYS C 65 7.16 -0.73 -36.40
N GLY C 66 7.24 -0.91 -37.72
CA GLY C 66 6.24 -0.34 -38.61
C GLY C 66 5.24 -1.38 -39.07
N ARG C 67 5.10 -2.44 -38.27
CA ARG C 67 4.19 -3.53 -38.65
C ARG C 67 2.74 -3.11 -38.58
N PHE C 68 2.43 -2.13 -37.75
CA PHE C 68 1.08 -1.58 -37.64
C PHE C 68 0.98 -0.30 -38.46
N THR C 69 -0.09 -0.17 -39.22
CA THR C 69 -0.36 1.02 -40.02
C THR C 69 -1.86 1.29 -40.00
N ILE C 70 -2.24 2.49 -40.44
CA ILE C 70 -3.63 2.83 -40.61
C ILE C 70 -3.99 2.68 -42.09
N SER C 71 -5.20 2.22 -42.35
CA SER C 71 -5.68 1.99 -43.70
C SER C 71 -7.05 2.61 -43.87
N ARG C 72 -7.29 3.23 -45.02
CA ARG C 72 -8.54 3.91 -45.30
C ARG C 72 -9.24 3.22 -46.46
N ASP C 73 -10.56 3.05 -46.32
CA ASP C 73 -11.40 2.42 -47.33
C ASP C 73 -12.47 3.43 -47.73
N ASN C 74 -12.18 4.22 -48.77
CA ASN C 74 -13.12 5.24 -49.22
C ASN C 74 -14.40 4.62 -49.76
N ALA C 75 -14.31 3.41 -50.33
CA ALA C 75 -15.50 2.75 -50.85
C ALA C 75 -16.49 2.39 -49.75
N SER C 76 -16.04 2.30 -48.51
CA SER C 76 -16.90 1.97 -47.38
C SER C 76 -16.86 3.00 -46.26
N ASN C 77 -16.07 4.07 -46.41
CA ASN C 77 -15.89 5.08 -45.36
C ASN C 77 -15.47 4.43 -44.05
N SER C 78 -14.43 3.60 -44.12
CA SER C 78 -13.91 2.88 -42.98
C SER C 78 -12.47 3.29 -42.72
N LEU C 79 -12.04 3.10 -41.48
CA LEU C 79 -10.67 3.39 -41.04
C LEU C 79 -10.15 2.17 -40.31
N TYR C 80 -9.13 1.53 -40.86
CA TYR C 80 -8.61 0.28 -40.35
C TYR C 80 -7.28 0.50 -39.62
N LEU C 81 -7.05 -0.33 -38.61
CA LEU C 81 -5.72 -0.48 -38.01
C LEU C 81 -5.11 -1.73 -38.64
N GLN C 82 -4.18 -1.52 -39.57
CA GLN C 82 -3.62 -2.62 -40.35
C GLN C 82 -2.47 -3.24 -39.56
N MET C 83 -2.75 -4.36 -38.90
CA MET C 83 -1.72 -5.13 -38.20
C MET C 83 -1.18 -6.18 -39.17
N SER C 84 0.08 -6.04 -39.56
CA SER C 84 0.69 -6.91 -40.55
C SER C 84 1.96 -7.54 -39.98
N SER C 85 2.33 -8.68 -40.57
CA SER C 85 3.48 -9.47 -40.12
C SER C 85 3.37 -9.79 -38.63
N LEU C 86 2.24 -10.37 -38.25
CA LEU C 86 1.93 -10.61 -36.85
C LEU C 86 2.70 -11.80 -36.30
N ARG C 87 3.07 -11.69 -35.03
CA ARG C 87 3.80 -12.73 -34.31
C ARG C 87 2.96 -13.23 -33.14
N ALA C 88 3.50 -14.20 -32.41
CA ALA C 88 2.78 -14.75 -31.27
C ALA C 88 2.63 -13.73 -30.15
N GLU C 89 3.56 -12.77 -30.06
CA GLU C 89 3.47 -11.73 -29.05
C GLU C 89 2.32 -10.76 -29.30
N ASP C 90 1.66 -10.85 -30.45
CA ASP C 90 0.54 -9.97 -30.76
C ASP C 90 -0.80 -10.53 -30.34
N THR C 91 -0.85 -11.80 -29.93
CA THR C 91 -2.09 -12.40 -29.44
C THR C 91 -2.48 -11.70 -28.14
N ALA C 92 -3.60 -10.98 -28.16
CA ALA C 92 -4.06 -10.22 -27.01
C ALA C 92 -5.50 -9.78 -27.27
N VAL C 93 -6.06 -9.05 -26.31
CA VAL C 93 -7.36 -8.41 -26.46
C VAL C 93 -7.12 -6.94 -26.78
N TYR C 94 -7.65 -6.48 -27.89
CA TYR C 94 -7.41 -5.11 -28.37
C TYR C 94 -8.63 -4.25 -28.07
N TYR C 95 -8.45 -3.25 -27.22
CA TYR C 95 -9.49 -2.27 -26.92
C TYR C 95 -9.25 -1.00 -27.72
N CYS C 96 -10.33 -0.37 -28.18
CA CYS C 96 -10.28 0.98 -28.72
C CYS C 96 -11.02 1.91 -27.77
N ALA C 97 -10.44 3.09 -27.53
CA ALA C 97 -11.01 4.07 -26.62
C ALA C 97 -10.95 5.44 -27.27
N ARG C 98 -11.82 6.33 -26.78
CA ARG C 98 -11.91 7.70 -27.27
C ARG C 98 -11.46 8.64 -26.16
N GLY C 99 -10.42 9.43 -26.42
CA GLY C 99 -9.93 10.40 -25.47
C GLY C 99 -9.96 11.80 -26.06
N PHE C 100 -10.06 12.79 -25.19
CA PHE C 100 -10.07 14.19 -25.59
C PHE C 100 -8.73 14.82 -25.22
N LEU C 101 -8.01 15.28 -26.23
CA LEU C 101 -6.71 15.91 -26.03
C LEU C 101 -6.89 17.39 -25.75
N GLU C 102 -6.33 17.86 -24.64
CA GLU C 102 -6.41 19.26 -24.28
C GLU C 102 -5.13 19.67 -23.58
N ARG C 103 -4.88 20.98 -23.56
CA ARG C 103 -3.77 21.56 -22.81
C ARG C 103 -4.36 22.32 -21.64
N LEU C 104 -3.92 21.98 -20.43
CA LEU C 104 -4.38 22.63 -19.21
C LEU C 104 -3.18 23.21 -18.46
N LEU C 105 -3.45 24.30 -17.74
CA LEU C 105 -2.45 24.93 -16.88
C LEU C 105 -2.70 24.45 -15.45
N LEU C 106 -1.95 23.44 -15.04
CA LEU C 106 -2.00 22.91 -13.68
C LEU C 106 -0.58 22.99 -13.13
N GLY C 107 -0.33 24.02 -12.31
CA GLY C 107 1.01 24.24 -11.78
C GLY C 107 1.66 25.46 -12.38
N ARG C 108 2.94 25.35 -12.75
CA ARG C 108 3.69 26.48 -13.25
C ARG C 108 3.76 26.54 -14.77
N GLN C 109 3.65 25.40 -15.45
CA GLN C 109 3.69 25.36 -16.91
C GLN C 109 2.62 24.40 -17.42
N GLY C 110 2.07 24.73 -18.59
CA GLY C 110 1.03 23.90 -19.16
C GLY C 110 1.59 22.70 -19.90
N ALA C 111 0.80 21.63 -19.89
CA ALA C 111 1.16 20.39 -20.56
C ALA C 111 -0.07 19.79 -21.20
N TYR C 112 0.13 18.71 -21.94
CA TYR C 112 -0.96 18.01 -22.59
C TYR C 112 -1.65 17.07 -21.60
N TYR C 113 -2.97 16.98 -21.71
CA TYR C 113 -3.78 16.09 -20.89
C TYR C 113 -4.72 15.30 -21.78
N TYR C 114 -4.86 14.00 -21.49
CA TYR C 114 -5.59 13.11 -22.36
C TYR C 114 -6.17 11.98 -21.52
N GLY C 115 -7.48 12.00 -21.32
CA GLY C 115 -8.15 10.97 -20.55
C GLY C 115 -9.14 10.19 -21.38
N MET C 116 -9.09 8.86 -21.29
CA MET C 116 -9.95 7.97 -22.06
C MET C 116 -11.14 7.58 -21.20
N ASP C 117 -12.32 8.14 -21.51
CA ASP C 117 -13.52 7.94 -20.71
C ASP C 117 -14.58 7.10 -21.42
N VAL C 118 -14.34 6.67 -22.65
CA VAL C 118 -15.26 5.83 -23.41
C VAL C 118 -14.46 4.69 -24.01
N TRP C 119 -14.83 3.46 -23.69
CA TRP C 119 -14.10 2.28 -24.13
C TRP C 119 -15.04 1.31 -24.83
N GLY C 120 -14.44 0.43 -25.64
CA GLY C 120 -15.17 -0.64 -26.27
C GLY C 120 -15.05 -1.94 -25.48
N GLN C 121 -15.85 -2.92 -25.90
CA GLN C 121 -15.85 -4.23 -25.23
C GLN C 121 -14.55 -4.99 -25.45
N GLY C 122 -13.82 -4.68 -26.52
CA GLY C 122 -12.57 -5.37 -26.80
C GLY C 122 -12.73 -6.54 -27.75
N THR C 123 -11.87 -6.63 -28.76
CA THR C 123 -11.85 -7.75 -29.68
C THR C 123 -10.57 -8.55 -29.48
N THR C 124 -10.67 -9.86 -29.73
CA THR C 124 -9.60 -10.80 -29.41
C THR C 124 -8.86 -11.18 -30.68
N VAL C 125 -7.59 -10.79 -30.76
CA VAL C 125 -6.71 -11.15 -31.86
C VAL C 125 -5.82 -12.29 -31.38
N THR C 126 -5.82 -13.40 -32.10
CA THR C 126 -5.03 -14.58 -31.73
C THR C 126 -4.23 -15.04 -32.95
N VAL C 127 -2.92 -15.11 -32.78
CA VAL C 127 -2.00 -15.45 -33.86
C VAL C 127 -1.56 -16.90 -33.63
N SER C 128 -2.10 -17.82 -34.43
CA SER C 128 -1.85 -19.24 -34.22
C SER C 128 -1.81 -19.95 -35.57
N SER C 129 -1.11 -21.09 -35.58
CA SER C 129 -1.06 -21.95 -36.76
C SER C 129 -2.25 -22.90 -36.84
N ALA C 130 -3.00 -23.06 -35.74
CA ALA C 130 -4.15 -23.95 -35.74
C ALA C 130 -5.30 -23.33 -36.54
N SER C 131 -6.41 -24.05 -36.62
CA SER C 131 -7.58 -23.62 -37.37
C SER C 131 -8.78 -23.49 -36.44
N THR C 132 -9.84 -22.88 -36.98
CA THR C 132 -11.04 -22.62 -36.20
C THR C 132 -11.81 -23.92 -35.94
N LYS C 133 -12.33 -24.04 -34.73
CA LYS C 133 -13.17 -25.18 -34.35
C LYS C 133 -14.35 -24.66 -33.55
N GLY C 134 -15.55 -25.12 -33.91
CA GLY C 134 -16.76 -24.74 -33.21
C GLY C 134 -17.00 -25.60 -31.99
N PRO C 135 -17.51 -25.00 -30.93
CA PRO C 135 -17.70 -25.73 -29.68
C PRO C 135 -18.93 -26.63 -29.69
N SER C 136 -18.86 -27.65 -28.84
CA SER C 136 -20.03 -28.46 -28.50
C SER C 136 -20.55 -28.00 -27.15
N VAL C 137 -21.87 -28.02 -26.99
CA VAL C 137 -22.51 -27.53 -25.76
C VAL C 137 -23.25 -28.71 -25.13
N PHE C 138 -22.80 -29.12 -23.95
CA PHE C 138 -23.44 -30.19 -23.21
C PHE C 138 -24.02 -29.66 -21.91
N PRO C 139 -25.18 -30.18 -21.48
CA PRO C 139 -25.82 -29.66 -20.28
C PRO C 139 -25.30 -30.31 -19.00
N LEU C 140 -25.22 -29.49 -17.96
CA LEU C 140 -24.95 -29.97 -16.61
C LEU C 140 -26.28 -29.98 -15.86
N ALA C 141 -27.03 -31.07 -16.06
CA ALA C 141 -28.39 -31.12 -15.56
C ALA C 141 -28.41 -31.12 -14.03
N PRO C 142 -29.40 -30.49 -13.41
CA PRO C 142 -29.48 -30.51 -11.94
C PRO C 142 -30.05 -31.82 -11.45
N SER C 143 -29.52 -32.28 -10.31
CA SER C 143 -29.99 -33.50 -9.68
C SER C 143 -29.86 -33.33 -8.17
N SER C 144 -30.11 -34.41 -7.43
CA SER C 144 -29.87 -34.37 -5.99
C SER C 144 -28.38 -34.22 -5.69
N LYS C 145 -27.52 -34.72 -6.59
CA LYS C 145 -26.08 -34.54 -6.44
C LYS C 145 -25.65 -33.10 -6.69
N SER C 146 -26.55 -32.24 -7.18
CA SER C 146 -26.23 -30.83 -7.44
C SER C 146 -27.14 -29.91 -6.62
N THR C 147 -27.62 -30.37 -5.47
CA THR C 147 -28.44 -29.58 -4.57
C THR C 147 -27.74 -29.45 -3.23
N SER C 148 -27.89 -28.28 -2.60
CA SER C 148 -27.35 -28.01 -1.27
C SER C 148 -28.41 -27.22 -0.51
N GLY C 149 -29.03 -27.86 0.48
CA GLY C 149 -30.18 -27.28 1.14
C GLY C 149 -31.34 -27.05 0.19
N GLY C 150 -31.71 -25.79 0.00
CA GLY C 150 -32.79 -25.42 -0.89
C GLY C 150 -32.35 -24.94 -2.25
N THR C 151 -31.06 -24.94 -2.54
CA THR C 151 -30.53 -24.45 -3.81
C THR C 151 -30.09 -25.61 -4.69
N ALA C 152 -30.26 -25.44 -6.00
CA ALA C 152 -29.87 -26.44 -6.98
C ALA C 152 -28.95 -25.79 -8.01
N ALA C 153 -27.89 -26.51 -8.37
CA ALA C 153 -26.93 -26.03 -9.36
C ALA C 153 -27.15 -26.72 -10.71
N LEU C 154 -27.02 -25.94 -11.77
CA LEU C 154 -27.07 -26.44 -13.13
C LEU C 154 -26.12 -25.59 -13.98
N GLY C 155 -25.85 -26.05 -15.19
CA GLY C 155 -24.93 -25.29 -16.02
C GLY C 155 -24.81 -25.86 -17.41
N CYS C 156 -23.87 -25.28 -18.16
CA CYS C 156 -23.55 -25.67 -19.51
C CYS C 156 -22.06 -25.96 -19.61
N LEU C 157 -21.70 -26.91 -20.47
CA LEU C 157 -20.31 -27.27 -20.72
C LEU C 157 -19.99 -26.96 -22.18
N VAL C 158 -19.16 -25.94 -22.40
CA VAL C 158 -18.74 -25.54 -23.74
C VAL C 158 -17.37 -26.16 -23.98
N LYS C 159 -17.33 -27.22 -24.80
CA LYS C 159 -16.15 -28.07 -24.90
C LYS C 159 -15.61 -28.10 -26.33
N ASP C 160 -14.27 -28.09 -26.43
CA ASP C 160 -13.52 -28.31 -27.66
C ASP C 160 -13.81 -27.22 -28.70
N TYR C 161 -13.23 -26.04 -28.45
CA TYR C 161 -13.34 -24.93 -29.38
C TYR C 161 -12.02 -24.19 -29.46
N PHE C 162 -11.84 -23.50 -30.58
CA PHE C 162 -10.65 -22.70 -30.84
C PHE C 162 -10.97 -21.71 -31.94
N PRO C 163 -10.57 -20.45 -31.82
CA PRO C 163 -9.87 -19.92 -30.64
C PRO C 163 -10.79 -19.20 -29.68
N GLU C 164 -10.21 -18.45 -28.76
CA GLU C 164 -10.99 -17.61 -27.86
C GLU C 164 -11.53 -16.39 -28.62
N PRO C 165 -12.58 -15.74 -28.11
CA PRO C 165 -13.35 -16.08 -26.91
C PRO C 165 -14.72 -16.66 -27.21
N VAL C 166 -15.32 -17.28 -26.21
CA VAL C 166 -16.72 -17.69 -26.27
C VAL C 166 -17.45 -16.94 -25.15
N THR C 167 -18.75 -16.68 -25.37
CA THR C 167 -19.55 -15.97 -24.39
C THR C 167 -20.81 -16.76 -24.07
N VAL C 168 -21.20 -16.73 -22.79
CA VAL C 168 -22.35 -17.47 -22.30
C VAL C 168 -23.26 -16.54 -21.51
N SER C 169 -24.54 -16.50 -21.86
CA SER C 169 -25.57 -15.85 -21.07
C SER C 169 -26.66 -16.86 -20.76
N TRP C 170 -27.47 -16.55 -19.74
CA TRP C 170 -28.54 -17.44 -19.31
C TRP C 170 -29.88 -16.76 -19.52
N ASN C 171 -30.78 -17.45 -20.23
CA ASN C 171 -32.13 -16.94 -20.51
C ASN C 171 -32.06 -15.60 -21.25
N SER C 172 -31.19 -15.53 -22.26
CA SER C 172 -31.04 -14.34 -23.10
C SER C 172 -30.71 -13.10 -22.27
N GLY C 173 -29.91 -13.30 -21.22
CA GLY C 173 -29.51 -12.21 -20.35
C GLY C 173 -30.47 -11.89 -19.23
N ALA C 174 -31.57 -12.63 -19.10
CA ALA C 174 -32.54 -12.34 -18.04
C ALA C 174 -32.06 -12.85 -16.68
N LEU C 175 -31.44 -14.03 -16.66
CA LEU C 175 -30.96 -14.63 -15.41
C LEU C 175 -29.48 -14.32 -15.27
N THR C 176 -29.15 -13.41 -14.35
CA THR C 176 -27.77 -13.04 -14.10
C THR C 176 -27.30 -13.32 -12.68
N SER C 177 -28.21 -13.35 -11.71
CA SER C 177 -27.82 -13.59 -10.33
C SER C 177 -27.48 -15.06 -10.13
N GLY C 178 -26.34 -15.32 -9.49
CA GLY C 178 -25.91 -16.67 -9.20
C GLY C 178 -25.13 -17.34 -10.32
N VAL C 179 -24.89 -16.66 -11.43
CA VAL C 179 -24.17 -17.24 -12.55
C VAL C 179 -22.68 -17.20 -12.26
N HIS C 180 -21.97 -18.26 -12.66
CA HIS C 180 -20.51 -18.31 -12.61
C HIS C 180 -20.03 -18.90 -13.92
N THR C 181 -19.42 -18.08 -14.77
CA THR C 181 -18.80 -18.56 -16.00
C THR C 181 -17.30 -18.62 -15.77
N PHE C 182 -16.76 -19.84 -15.80
CA PHE C 182 -15.37 -20.03 -15.45
C PHE C 182 -14.46 -19.68 -16.61
N PRO C 183 -13.22 -19.28 -16.32
CA PRO C 183 -12.26 -19.00 -17.40
C PRO C 183 -11.99 -20.24 -18.24
N ALA C 184 -11.82 -20.02 -19.54
CA ALA C 184 -11.52 -21.12 -20.45
C ALA C 184 -10.19 -21.75 -20.10
N VAL C 185 -10.16 -23.07 -20.06
CA VAL C 185 -8.94 -23.82 -19.83
C VAL C 185 -8.50 -24.42 -21.16
N LEU C 186 -7.19 -24.50 -21.35
CA LEU C 186 -6.60 -24.97 -22.60
C LEU C 186 -6.28 -26.46 -22.43
N GLN C 187 -6.99 -27.30 -23.17
CA GLN C 187 -6.81 -28.75 -23.07
C GLN C 187 -5.54 -29.19 -23.78
N SER C 188 -5.12 -30.42 -23.48
CA SER C 188 -3.92 -30.98 -24.09
C SER C 188 -4.08 -31.17 -25.59
N SER C 189 -5.31 -31.20 -26.10
CA SER C 189 -5.58 -31.31 -27.52
C SER C 189 -5.44 -29.98 -28.25
N GLY C 190 -4.99 -28.94 -27.57
CA GLY C 190 -4.90 -27.62 -28.17
C GLY C 190 -6.22 -26.90 -28.30
N LEU C 191 -7.29 -27.41 -27.71
CA LEU C 191 -8.61 -26.80 -27.76
C LEU C 191 -9.01 -26.28 -26.39
N TYR C 192 -10.01 -25.41 -26.38
CA TYR C 192 -10.49 -24.79 -25.16
C TYR C 192 -11.79 -25.44 -24.68
N SER C 193 -12.03 -25.31 -23.38
CA SER C 193 -13.25 -25.82 -22.76
C SER C 193 -13.53 -25.01 -21.51
N LEU C 194 -14.80 -24.70 -21.27
CA LEU C 194 -15.19 -24.00 -20.06
C LEU C 194 -16.61 -24.42 -19.67
N SER C 195 -16.99 -24.05 -18.45
CA SER C 195 -18.32 -24.31 -17.93
C SER C 195 -18.91 -23.03 -17.38
N SER C 196 -20.24 -22.93 -17.45
CA SER C 196 -20.98 -21.81 -16.89
C SER C 196 -22.10 -22.39 -16.03
N VAL C 197 -22.01 -22.19 -14.72
CA VAL C 197 -23.00 -22.74 -13.80
C VAL C 197 -23.86 -21.61 -13.25
N VAL C 198 -25.00 -21.98 -12.70
CA VAL C 198 -25.91 -21.04 -12.05
C VAL C 198 -26.69 -21.80 -10.98
N THR C 199 -26.80 -21.22 -9.80
CA THR C 199 -27.55 -21.83 -8.71
C THR C 199 -28.94 -21.19 -8.61
N VAL C 200 -29.95 -22.03 -8.43
CA VAL C 200 -31.34 -21.59 -8.33
C VAL C 200 -32.01 -22.34 -7.20
N PRO C 201 -33.12 -21.81 -6.67
CA PRO C 201 -33.86 -22.54 -5.63
C PRO C 201 -34.47 -23.81 -6.20
N SER C 202 -34.38 -24.89 -5.41
CA SER C 202 -34.83 -26.20 -5.87
C SER C 202 -36.32 -26.21 -6.20
N SER C 203 -37.11 -25.41 -5.47
CA SER C 203 -38.54 -25.40 -5.68
C SER C 203 -38.94 -24.86 -7.06
N SER C 204 -38.02 -24.17 -7.74
CA SER C 204 -38.33 -23.54 -9.01
C SER C 204 -38.09 -24.42 -10.22
N LEU C 205 -37.34 -25.52 -10.06
CA LEU C 205 -36.90 -26.31 -11.21
C LEU C 205 -38.07 -26.83 -12.03
N GLY C 206 -39.21 -27.08 -11.41
CA GLY C 206 -40.32 -27.70 -12.13
C GLY C 206 -40.95 -26.78 -13.15
N THR C 207 -41.16 -25.51 -12.77
CA THR C 207 -41.86 -24.55 -13.61
C THR C 207 -40.93 -23.64 -14.40
N GLN C 208 -39.82 -23.21 -13.81
CA GLN C 208 -38.87 -22.37 -14.52
C GLN C 208 -38.14 -23.17 -15.59
N THR C 209 -37.72 -22.46 -16.65
CA THR C 209 -37.01 -23.07 -17.76
C THR C 209 -35.73 -22.29 -18.03
N TYR C 210 -34.61 -23.01 -18.09
CA TYR C 210 -33.29 -22.39 -18.17
C TYR C 210 -32.61 -22.80 -19.46
N ILE C 211 -32.28 -21.81 -20.30
CA ILE C 211 -31.46 -22.03 -21.49
C ILE C 211 -30.19 -21.20 -21.33
N CYS C 212 -29.08 -21.75 -21.82
CA CYS C 212 -27.81 -21.01 -21.86
C CYS C 212 -27.49 -20.68 -23.31
N ASN C 213 -27.07 -19.45 -23.54
CA ASN C 213 -26.84 -18.91 -24.88
C ASN C 213 -25.33 -18.84 -25.10
N VAL C 214 -24.79 -19.78 -25.86
CA VAL C 214 -23.37 -19.83 -26.17
C VAL C 214 -23.17 -19.28 -27.58
N ASN C 215 -22.20 -18.37 -27.72
CA ASN C 215 -21.87 -17.76 -29.00
C ASN C 215 -20.37 -17.79 -29.19
N HIS C 216 -19.91 -18.37 -30.29
CA HIS C 216 -18.50 -18.45 -30.65
C HIS C 216 -18.34 -17.78 -32.01
N LYS C 217 -18.06 -16.48 -31.99
CA LYS C 217 -17.98 -15.71 -33.24
C LYS C 217 -16.90 -16.20 -34.21
N PRO C 218 -15.70 -16.61 -33.77
CA PRO C 218 -14.71 -17.09 -34.75
C PRO C 218 -15.19 -18.25 -35.61
N SER C 219 -16.23 -18.98 -35.20
CA SER C 219 -16.75 -20.08 -35.99
C SER C 219 -18.18 -19.86 -36.43
N ASN C 220 -18.77 -18.69 -36.17
CA ASN C 220 -20.16 -18.40 -36.52
C ASN C 220 -21.09 -19.45 -35.92
N THR C 221 -20.83 -19.83 -34.68
CA THR C 221 -21.58 -20.84 -33.96
C THR C 221 -22.42 -20.17 -32.88
N LYS C 222 -23.73 -20.38 -32.94
CA LYS C 222 -24.65 -19.88 -31.92
C LYS C 222 -25.55 -21.03 -31.48
N VAL C 223 -25.50 -21.35 -30.20
CA VAL C 223 -26.24 -22.48 -29.63
C VAL C 223 -27.03 -22.00 -28.44
N ASP C 224 -28.30 -22.39 -28.36
CA ASP C 224 -29.13 -22.22 -27.18
C ASP C 224 -29.49 -23.61 -26.65
N LYS C 225 -29.08 -23.90 -25.42
CA LYS C 225 -29.22 -25.23 -24.84
C LYS C 225 -30.13 -25.17 -23.63
N LYS C 226 -31.24 -25.89 -23.69
CA LYS C 226 -32.16 -25.98 -22.57
C LYS C 226 -31.64 -27.00 -21.56
N VAL C 227 -31.37 -26.55 -20.35
CA VAL C 227 -30.83 -27.41 -19.29
C VAL C 227 -32.01 -27.86 -18.42
N GLU C 228 -32.33 -29.14 -18.49
CA GLU C 228 -33.44 -29.71 -17.75
C GLU C 228 -33.00 -30.97 -17.02
N PRO C 229 -33.67 -31.32 -15.92
CA PRO C 229 -33.32 -32.55 -15.20
C PRO C 229 -33.44 -33.78 -16.08
N LYS C 230 -32.47 -34.68 -15.96
CA LYS C 230 -32.42 -35.88 -16.78
C LYS C 230 -33.61 -36.80 -16.51
N ASP D 1 10.84 7.85 -24.22
CA ASP D 1 10.09 6.74 -23.66
C ASP D 1 10.06 6.79 -22.14
N ILE D 2 8.94 7.22 -21.59
CA ILE D 2 8.74 7.30 -20.15
C ILE D 2 8.20 5.97 -19.65
N VAL D 3 8.71 5.52 -18.50
CA VAL D 3 8.21 4.31 -17.84
C VAL D 3 7.49 4.72 -16.58
N MET D 4 6.43 3.97 -16.25
CA MET D 4 5.64 4.21 -15.05
C MET D 4 5.79 3.00 -14.14
N THR D 5 6.32 3.23 -12.94
CA THR D 5 6.55 2.17 -11.97
C THR D 5 5.44 2.24 -10.92
N GLN D 6 4.61 1.22 -10.86
CA GLN D 6 3.45 1.19 -9.98
C GLN D 6 3.65 0.10 -8.93
N SER D 7 3.34 0.44 -7.68
CA SER D 7 3.51 -0.46 -6.54
C SER D 7 2.38 -0.27 -5.56
N PRO D 8 2.00 -1.32 -4.81
CA PRO D 8 2.57 -2.66 -4.91
C PRO D 8 1.99 -3.43 -6.09
N PHE D 9 2.50 -4.64 -6.34
CA PHE D 9 1.93 -5.46 -7.41
C PHE D 9 0.54 -5.94 -7.03
N SER D 10 0.35 -6.33 -5.77
CA SER D 10 -0.95 -6.78 -5.28
C SER D 10 -1.02 -6.53 -3.78
N LEU D 11 -2.25 -6.44 -3.29
CA LEU D 11 -2.48 -6.29 -1.85
C LEU D 11 -3.83 -6.91 -1.51
N SER D 12 -3.94 -7.36 -0.26
CA SER D 12 -5.18 -7.92 0.28
C SER D 12 -5.56 -7.12 1.52
N ALA D 13 -6.80 -6.66 1.56
CA ALA D 13 -7.25 -5.78 2.63
C ALA D 13 -8.70 -6.07 2.99
N SER D 14 -9.05 -5.77 4.24
CA SER D 14 -10.40 -5.98 4.73
C SER D 14 -11.32 -4.84 4.31
N VAL D 15 -12.63 -5.11 4.36
CA VAL D 15 -13.61 -4.10 4.00
C VAL D 15 -13.60 -2.99 5.05
N GLY D 16 -13.50 -1.74 4.58
CA GLY D 16 -13.40 -0.59 5.44
C GLY D 16 -11.98 -0.08 5.63
N ASP D 17 -10.98 -0.90 5.32
CA ASP D 17 -9.59 -0.50 5.47
C ASP D 17 -9.21 0.50 4.38
N ARG D 18 -8.07 1.16 4.59
CA ARG D 18 -7.54 2.12 3.64
C ARG D 18 -6.50 1.45 2.77
N VAL D 19 -6.64 1.60 1.46
CA VAL D 19 -5.72 1.07 0.46
C VAL D 19 -4.91 2.22 -0.11
N THR D 20 -3.60 2.01 -0.27
CA THR D 20 -2.70 3.02 -0.80
C THR D 20 -1.87 2.43 -1.94
N MET D 21 -1.87 3.11 -3.09
CA MET D 21 -1.11 2.70 -4.25
C MET D 21 -0.24 3.85 -4.71
N THR D 22 0.96 3.52 -5.19
CA THR D 22 1.94 4.50 -5.64
C THR D 22 2.19 4.33 -7.14
N CYS D 23 2.37 5.45 -7.83
CA CYS D 23 2.75 5.46 -9.23
C CYS D 23 3.92 6.42 -9.38
N ARG D 24 5.02 5.92 -9.94
CA ARG D 24 6.25 6.70 -10.09
C ARG D 24 6.58 6.85 -11.57
N ALA D 25 7.08 8.02 -11.94
CA ALA D 25 7.41 8.33 -13.32
C ALA D 25 8.92 8.52 -13.48
N SER D 26 9.45 8.00 -14.59
CA SER D 26 10.88 8.09 -14.84
C SER D 26 11.34 9.54 -15.04
N GLN D 27 10.45 10.40 -15.54
CA GLN D 27 10.73 11.82 -15.64
C GLN D 27 9.45 12.59 -15.35
N SER D 28 9.59 13.88 -15.10
CA SER D 28 8.47 14.71 -14.65
C SER D 28 7.38 14.76 -15.71
N ILE D 29 6.14 14.49 -15.29
CA ILE D 29 4.98 14.53 -16.16
C ILE D 29 3.96 15.58 -15.70
N SER D 30 4.43 16.57 -14.93
CA SER D 30 3.56 17.59 -14.36
C SER D 30 2.43 16.97 -13.57
N SER D 31 1.19 17.10 -14.05
CA SER D 31 0.04 16.45 -13.44
C SER D 31 -0.68 15.54 -14.42
N SER D 32 -0.13 15.34 -15.62
CA SER D 32 -0.77 14.53 -16.64
C SER D 32 -0.72 13.05 -16.29
N LEU D 33 -1.36 12.65 -15.20
CA LEU D 33 -1.45 11.26 -14.81
C LEU D 33 -2.89 10.92 -14.42
N ASN D 34 -3.40 9.82 -14.97
CA ASN D 34 -4.78 9.40 -14.75
C ASN D 34 -4.80 8.01 -14.13
N TRP D 35 -5.88 7.72 -13.42
CA TRP D 35 -6.05 6.43 -12.76
C TRP D 35 -7.24 5.70 -13.37
N TYR D 36 -7.04 4.44 -13.72
CA TYR D 36 -8.08 3.60 -14.30
C TYR D 36 -8.34 2.38 -13.42
N GLN D 37 -9.60 1.97 -13.37
CA GLN D 37 -10.01 0.76 -12.69
C GLN D 37 -10.49 -0.24 -13.72
N GLN D 38 -10.01 -1.48 -13.64
CA GLN D 38 -10.41 -2.54 -14.57
C GLN D 38 -10.87 -3.76 -13.78
N LYS D 39 -12.19 -3.95 -13.71
CA LYS D 39 -12.73 -5.16 -13.13
C LYS D 39 -12.58 -6.31 -14.12
N PRO D 40 -12.58 -7.56 -13.65
CA PRO D 40 -12.23 -8.67 -14.54
C PRO D 40 -13.26 -8.88 -15.64
N GLY D 41 -12.76 -9.11 -16.85
CA GLY D 41 -13.64 -9.28 -18.00
C GLY D 41 -14.31 -8.00 -18.46
N LYS D 42 -13.64 -6.86 -18.28
CA LYS D 42 -14.23 -5.57 -18.60
C LYS D 42 -13.14 -4.64 -19.11
N ALA D 43 -13.57 -3.60 -19.80
CA ALA D 43 -12.66 -2.55 -20.21
C ALA D 43 -12.38 -1.62 -19.03
N PRO D 44 -11.23 -0.95 -19.04
CA PRO D 44 -10.92 -0.04 -17.93
C PRO D 44 -11.93 1.10 -17.84
N LYS D 45 -12.05 1.64 -16.63
CA LYS D 45 -12.89 2.80 -16.36
C LYS D 45 -12.02 3.90 -15.76
N LEU D 46 -12.18 5.12 -16.25
CA LEU D 46 -11.39 6.25 -15.80
C LEU D 46 -11.92 6.77 -14.48
N LEU D 47 -11.11 6.65 -13.42
CA LEU D 47 -11.50 7.11 -12.08
C LEU D 47 -11.01 8.52 -11.81
N ILE D 48 -9.71 8.74 -11.92
CA ILE D 48 -9.08 10.02 -11.59
C ILE D 48 -8.48 10.61 -12.86
N TYR D 49 -8.71 11.90 -13.08
CA TYR D 49 -8.16 12.61 -14.23
C TYR D 49 -7.27 13.74 -13.72
N ALA D 50 -6.11 13.90 -14.35
CA ALA D 50 -5.15 14.95 -14.01
C ALA D 50 -4.77 14.88 -12.53
N ALA D 51 -4.30 13.70 -12.13
CA ALA D 51 -3.67 13.45 -10.83
C ALA D 51 -4.64 13.44 -9.66
N SER D 52 -5.64 14.33 -9.65
CA SER D 52 -6.43 14.49 -8.44
C SER D 52 -7.93 14.63 -8.64
N ASN D 53 -8.43 14.81 -9.86
CA ASN D 53 -9.83 15.16 -10.08
C ASN D 53 -10.70 13.91 -10.20
N LEU D 54 -11.67 13.79 -9.31
CA LEU D 54 -12.65 12.71 -9.38
C LEU D 54 -13.58 12.90 -10.57
N GLN D 55 -13.96 11.81 -11.21
CA GLN D 55 -14.86 11.84 -12.35
C GLN D 55 -16.28 11.49 -11.91
N SER D 56 -17.22 11.76 -12.82
CA SER D 56 -18.63 11.60 -12.50
C SER D 56 -18.95 10.13 -12.26
N GLY D 57 -19.71 9.86 -11.20
CA GLY D 57 -20.10 8.50 -10.89
C GLY D 57 -19.04 7.65 -10.24
N VAL D 58 -18.06 8.27 -9.58
CA VAL D 58 -17.00 7.56 -8.87
C VAL D 58 -17.16 7.88 -7.39
N PRO D 59 -17.18 6.88 -6.51
CA PRO D 59 -17.34 7.15 -5.08
C PRO D 59 -16.25 8.07 -4.54
N SER D 60 -16.61 8.87 -3.55
CA SER D 60 -15.68 9.83 -2.97
C SER D 60 -14.55 9.16 -2.23
N ARG D 61 -14.68 7.89 -1.85
CA ARG D 61 -13.61 7.19 -1.15
C ARG D 61 -12.36 7.05 -2.00
N PHE D 62 -12.48 7.18 -3.33
CA PHE D 62 -11.32 7.19 -4.20
C PHE D 62 -10.70 8.57 -4.22
N SER D 63 -9.38 8.63 -4.10
CA SER D 63 -8.67 9.88 -4.02
C SER D 63 -7.33 9.76 -4.74
N GLY D 64 -6.98 10.80 -5.48
CA GLY D 64 -5.68 10.89 -6.13
C GLY D 64 -4.93 12.12 -5.65
N SER D 65 -3.60 12.01 -5.68
CA SER D 65 -2.75 13.15 -5.32
C SER D 65 -1.38 12.95 -5.97
N GLY D 66 -0.58 14.00 -5.92
CA GLY D 66 0.79 13.96 -6.42
C GLY D 66 0.96 14.81 -7.66
N SER D 67 2.22 15.01 -8.01
CA SER D 67 2.62 15.81 -9.17
C SER D 67 4.09 15.56 -9.45
N GLY D 68 4.48 15.74 -10.71
CA GLY D 68 5.86 15.58 -11.12
C GLY D 68 6.23 14.15 -11.46
N THR D 69 6.76 13.43 -10.47
CA THR D 69 7.11 12.02 -10.64
C THR D 69 6.52 11.14 -9.56
N ASP D 70 5.78 11.71 -8.61
CA ASP D 70 5.28 11.00 -7.44
C ASP D 70 3.77 11.12 -7.41
N PHE D 71 3.08 9.98 -7.42
CA PHE D 71 1.62 9.95 -7.48
C PHE D 71 1.09 8.81 -6.63
N THR D 72 0.00 9.07 -5.92
CA THR D 72 -0.64 8.07 -5.08
C THR D 72 -2.15 8.03 -5.33
N LEU D 73 -2.71 6.82 -5.31
CA LEU D 73 -4.16 6.60 -5.33
C LEU D 73 -4.56 5.96 -4.02
N THR D 74 -5.62 6.48 -3.39
CA THR D 74 -6.02 6.04 -2.07
C THR D 74 -7.51 5.70 -2.06
N ILE D 75 -7.84 4.54 -1.49
CA ILE D 75 -9.23 4.17 -1.22
C ILE D 75 -9.45 4.30 0.29
N SER D 76 -10.37 5.19 0.67
CA SER D 76 -10.57 5.50 2.08
C SER D 76 -11.16 4.32 2.84
N SER D 77 -12.20 3.70 2.29
CA SER D 77 -12.93 2.62 2.96
C SER D 77 -13.20 1.53 1.91
N LEU D 78 -12.30 0.55 1.84
CA LEU D 78 -12.40 -0.49 0.82
C LEU D 78 -13.74 -1.21 0.89
N GLN D 79 -14.31 -1.49 -0.28
CA GLN D 79 -15.60 -2.13 -0.43
C GLN D 79 -15.48 -3.32 -1.38
N PRO D 80 -16.35 -4.33 -1.23
CA PRO D 80 -16.18 -5.56 -2.02
C PRO D 80 -16.20 -5.32 -3.51
N GLU D 81 -16.94 -4.31 -3.98
CA GLU D 81 -17.00 -4.01 -5.41
C GLU D 81 -15.73 -3.38 -5.93
N ASP D 82 -14.83 -2.94 -5.07
CA ASP D 82 -13.58 -2.33 -5.49
C ASP D 82 -12.54 -3.35 -5.93
N PHE D 83 -12.87 -4.64 -5.91
CA PHE D 83 -11.96 -5.66 -6.42
C PHE D 83 -11.69 -5.43 -7.90
N ALA D 84 -10.45 -5.08 -8.23
CA ALA D 84 -10.06 -4.79 -9.61
C ALA D 84 -8.55 -4.63 -9.63
N THR D 85 -8.02 -4.39 -10.83
CA THR D 85 -6.64 -3.97 -11.01
C THR D 85 -6.63 -2.50 -11.43
N TYR D 86 -5.86 -1.70 -10.72
CA TYR D 86 -5.82 -0.27 -10.93
C TYR D 86 -4.54 0.10 -11.68
N TYR D 87 -4.68 0.92 -12.71
CA TYR D 87 -3.57 1.34 -13.55
C TYR D 87 -3.44 2.85 -13.52
N CYS D 88 -2.21 3.33 -13.42
CA CYS D 88 -1.95 4.73 -13.74
C CYS D 88 -1.53 4.85 -15.20
N GLN D 89 -1.70 6.06 -15.74
CA GLN D 89 -1.45 6.29 -17.15
C GLN D 89 -1.09 7.75 -17.36
N GLN D 90 0.05 8.00 -17.96
CA GLN D 90 0.52 9.35 -18.21
C GLN D 90 0.18 9.77 -19.64
N SER D 91 -0.12 11.06 -19.81
CA SER D 91 -0.37 11.63 -21.12
C SER D 91 0.51 12.84 -21.39
N TYR D 92 1.54 13.07 -20.58
CA TYR D 92 2.44 14.20 -20.76
C TYR D 92 3.09 14.18 -22.14
N THR D 93 3.25 13.00 -22.72
CA THR D 93 3.93 12.83 -24.00
C THR D 93 2.97 12.70 -25.18
N MET D 94 1.68 13.00 -24.98
CA MET D 94 0.74 12.93 -26.08
C MET D 94 1.01 14.07 -27.08
N PRO D 95 0.67 13.88 -28.36
CA PRO D 95 0.13 12.66 -29.00
C PRO D 95 1.06 11.47 -29.32
N PRO D 96 2.38 11.67 -29.54
CA PRO D 96 3.18 10.56 -30.07
C PRO D 96 3.20 9.31 -29.21
N GLU D 97 3.02 9.43 -27.89
CA GLU D 97 3.06 8.23 -27.05
C GLU D 97 2.40 8.51 -25.71
N LEU D 98 1.81 7.46 -25.13
CA LEU D 98 1.42 7.43 -23.74
C LEU D 98 1.68 6.03 -23.20
N THR D 99 1.86 5.94 -21.88
CA THR D 99 2.24 4.68 -21.25
C THR D 99 1.36 4.39 -20.04
N PHE D 100 1.10 3.11 -19.81
CA PHE D 100 0.38 2.63 -18.64
C PHE D 100 1.35 2.09 -17.60
N GLY D 101 0.93 2.11 -16.35
CA GLY D 101 1.68 1.46 -15.29
C GLY D 101 1.49 -0.04 -15.31
N GLY D 102 2.26 -0.71 -14.45
CA GLY D 102 2.16 -2.16 -14.38
C GLY D 102 0.85 -2.66 -13.80
N GLY D 103 0.19 -1.84 -13.00
CA GLY D 103 -1.07 -2.22 -12.40
C GLY D 103 -0.90 -2.74 -10.99
N THR D 104 -1.92 -2.49 -10.16
CA THR D 104 -1.97 -3.00 -8.80
C THR D 104 -3.27 -3.77 -8.61
N LYS D 105 -3.16 -5.02 -8.18
CA LYS D 105 -4.32 -5.86 -7.91
C LYS D 105 -4.77 -5.66 -6.46
N VAL D 106 -6.05 -5.33 -6.27
CA VAL D 106 -6.64 -5.15 -4.95
C VAL D 106 -7.56 -6.33 -4.70
N GLU D 107 -7.18 -7.17 -3.73
CA GLU D 107 -8.01 -8.29 -3.30
C GLU D 107 -8.69 -7.95 -1.98
N ILE D 108 -9.87 -8.51 -1.79
CA ILE D 108 -10.63 -8.28 -0.57
C ILE D 108 -10.33 -9.40 0.41
N LYS D 109 -10.21 -9.05 1.69
CA LYS D 109 -10.02 -10.00 2.76
C LYS D 109 -11.33 -10.14 3.53
N ARG D 110 -11.79 -11.38 3.71
CA ARG D 110 -13.06 -11.64 4.35
C ARG D 110 -12.95 -12.90 5.21
N THR D 111 -14.04 -13.23 5.88
CA THR D 111 -14.07 -14.40 6.74
C THR D 111 -14.07 -15.68 5.90
N VAL D 112 -13.59 -16.76 6.52
CA VAL D 112 -13.52 -18.04 5.82
C VAL D 112 -14.92 -18.51 5.45
N ALA D 113 -15.04 -19.12 4.28
CA ALA D 113 -16.29 -19.67 3.79
C ALA D 113 -16.03 -21.04 3.17
N ALA D 114 -16.81 -22.03 3.60
CA ALA D 114 -16.61 -23.38 3.06
C ALA D 114 -17.31 -23.51 1.71
N PRO D 115 -16.73 -24.28 0.79
CA PRO D 115 -17.36 -24.46 -0.53
C PRO D 115 -18.55 -25.40 -0.47
N SER D 116 -19.58 -25.07 -1.25
CA SER D 116 -20.67 -25.99 -1.53
C SER D 116 -20.25 -26.85 -2.72
N VAL D 117 -20.19 -28.16 -2.50
CA VAL D 117 -19.65 -29.09 -3.50
C VAL D 117 -20.80 -29.79 -4.22
N PHE D 118 -20.76 -29.76 -5.55
CA PHE D 118 -21.70 -30.48 -6.40
C PHE D 118 -20.92 -31.23 -7.47
N ILE D 119 -21.52 -32.32 -7.95
CA ILE D 119 -20.88 -33.15 -8.98
C ILE D 119 -21.89 -33.43 -10.09
N PHE D 120 -21.41 -33.42 -11.33
CA PHE D 120 -22.24 -33.63 -12.51
C PHE D 120 -21.70 -34.81 -13.30
N PRO D 121 -22.48 -35.87 -13.51
CA PRO D 121 -22.06 -36.93 -14.42
C PRO D 121 -22.06 -36.43 -15.85
N PRO D 122 -21.34 -37.09 -16.76
CA PRO D 122 -21.38 -36.67 -18.16
C PRO D 122 -22.77 -36.86 -18.75
N SER D 123 -23.15 -35.93 -19.63
CA SER D 123 -24.45 -35.98 -20.27
C SER D 123 -24.54 -37.15 -21.25
N ASP D 124 -25.77 -37.60 -21.51
CA ASP D 124 -25.96 -38.65 -22.49
C ASP D 124 -25.53 -38.21 -23.88
N GLU D 125 -25.66 -36.92 -24.18
CA GLU D 125 -25.30 -36.42 -25.50
C GLU D 125 -23.79 -36.50 -25.73
N GLN D 126 -22.99 -36.19 -24.70
CA GLN D 126 -21.55 -36.28 -24.85
C GLN D 126 -21.09 -37.73 -24.99
N LEU D 127 -21.72 -38.65 -24.24
CA LEU D 127 -21.35 -40.05 -24.33
C LEU D 127 -21.62 -40.62 -25.72
N LYS D 128 -22.67 -40.16 -26.38
CA LYS D 128 -22.92 -40.59 -27.75
C LYS D 128 -21.83 -40.09 -28.69
N SER D 129 -21.20 -38.96 -28.36
CA SER D 129 -20.09 -38.44 -29.16
C SER D 129 -18.78 -39.15 -28.88
N GLY D 130 -18.68 -39.94 -27.81
CA GLY D 130 -17.52 -40.77 -27.54
C GLY D 130 -16.71 -40.39 -26.33
N THR D 131 -16.99 -39.25 -25.69
CA THR D 131 -16.21 -38.80 -24.56
C THR D 131 -17.11 -38.62 -23.34
N ALA D 132 -16.48 -38.53 -22.17
CA ALA D 132 -17.20 -38.38 -20.91
C ALA D 132 -16.49 -37.36 -20.04
N SER D 133 -17.24 -36.34 -19.58
CA SER D 133 -16.70 -35.28 -18.75
C SER D 133 -17.46 -35.23 -17.43
N VAL D 134 -16.76 -35.44 -16.34
CA VAL D 134 -17.31 -35.33 -14.99
C VAL D 134 -16.89 -33.98 -14.43
N VAL D 135 -17.85 -33.17 -14.02
CA VAL D 135 -17.61 -31.82 -13.54
C VAL D 135 -17.87 -31.76 -12.04
N CYS D 136 -16.92 -31.21 -11.30
CA CYS D 136 -17.07 -30.97 -9.87
C CYS D 136 -17.04 -29.47 -9.62
N LEU D 137 -18.01 -28.98 -8.85
CA LEU D 137 -18.20 -27.56 -8.64
C LEU D 137 -18.01 -27.22 -7.16
N LEU D 138 -17.14 -26.25 -6.90
CA LEU D 138 -16.91 -25.69 -5.57
C LEU D 138 -17.40 -24.25 -5.61
N ASN D 139 -18.52 -23.96 -4.94
CA ASN D 139 -19.21 -22.70 -5.09
C ASN D 139 -19.04 -21.83 -3.85
N ASN D 140 -18.70 -20.56 -4.07
CA ASN D 140 -18.68 -19.52 -3.05
C ASN D 140 -17.89 -19.91 -1.80
N PHE D 141 -16.56 -19.89 -1.88
CA PHE D 141 -15.71 -20.19 -0.76
C PHE D 141 -14.61 -19.14 -0.63
N TYR D 142 -13.92 -19.16 0.51
CA TYR D 142 -12.81 -18.26 0.79
C TYR D 142 -11.98 -18.85 1.90
N PRO D 143 -10.64 -18.80 1.85
CA PRO D 143 -9.86 -18.22 0.75
C PRO D 143 -9.77 -19.08 -0.50
N ARG D 144 -8.93 -18.61 -1.45
CA ARG D 144 -8.85 -19.20 -2.79
C ARG D 144 -8.21 -20.57 -2.79
N GLU D 145 -7.42 -20.91 -1.77
CA GLU D 145 -6.65 -22.15 -1.77
C GLU D 145 -7.58 -23.33 -1.50
N ALA D 146 -7.62 -24.27 -2.44
CA ALA D 146 -8.46 -25.44 -2.33
C ALA D 146 -7.84 -26.57 -3.14
N LYS D 147 -8.02 -27.80 -2.66
CA LYS D 147 -7.48 -28.99 -3.32
C LYS D 147 -8.62 -29.88 -3.75
N VAL D 148 -8.61 -30.27 -5.03
CA VAL D 148 -9.61 -31.16 -5.60
C VAL D 148 -8.88 -32.34 -6.22
N GLN D 149 -9.20 -33.55 -5.76
CA GLN D 149 -8.60 -34.77 -6.27
C GLN D 149 -9.71 -35.74 -6.69
N TRP D 150 -9.57 -36.32 -7.88
CA TRP D 150 -10.55 -37.26 -8.40
C TRP D 150 -10.15 -38.68 -8.05
N LYS D 151 -11.10 -39.45 -7.50
CA LYS D 151 -10.91 -40.87 -7.22
C LYS D 151 -11.94 -41.65 -8.01
N VAL D 152 -11.46 -42.56 -8.86
CA VAL D 152 -12.30 -43.42 -9.68
C VAL D 152 -12.16 -44.84 -9.16
N ASP D 153 -13.20 -45.35 -8.51
CA ASP D 153 -13.15 -46.63 -7.81
C ASP D 153 -12.01 -46.65 -6.80
N ASN D 154 -11.94 -45.58 -6.00
CA ASN D 154 -10.93 -45.33 -4.98
C ASN D 154 -9.53 -45.14 -5.56
N ALA D 155 -9.37 -45.14 -6.88
CA ALA D 155 -8.07 -44.96 -7.51
C ALA D 155 -7.84 -43.49 -7.79
N LEU D 156 -6.83 -42.90 -7.15
CA LEU D 156 -6.49 -41.50 -7.38
C LEU D 156 -6.07 -41.29 -8.82
N GLN D 157 -6.57 -40.21 -9.41
CA GLN D 157 -6.27 -39.85 -10.79
C GLN D 157 -5.21 -38.76 -10.85
N SER D 158 -4.48 -38.72 -11.97
CA SER D 158 -3.48 -37.68 -12.19
C SER D 158 -3.36 -37.46 -13.70
N GLY D 159 -3.42 -36.19 -14.11
CA GLY D 159 -3.20 -35.85 -15.49
C GLY D 159 -4.40 -35.96 -16.41
N ASN D 160 -5.59 -36.18 -15.87
CA ASN D 160 -6.81 -36.22 -16.67
C ASN D 160 -7.84 -35.18 -16.28
N SER D 161 -7.52 -34.32 -15.32
CA SER D 161 -8.42 -33.28 -14.86
C SER D 161 -7.79 -31.90 -15.06
N GLN D 162 -8.64 -30.89 -15.19
CA GLN D 162 -8.20 -29.51 -15.32
C GLN D 162 -9.10 -28.62 -14.49
N GLU D 163 -8.50 -27.66 -13.80
CA GLU D 163 -9.21 -26.79 -12.89
C GLU D 163 -9.35 -25.39 -13.48
N SER D 164 -10.21 -24.59 -12.83
CA SER D 164 -10.46 -23.22 -13.22
C SER D 164 -11.23 -22.52 -12.11
N VAL D 165 -10.76 -21.34 -11.68
CA VAL D 165 -11.43 -20.60 -10.63
C VAL D 165 -11.91 -19.27 -11.17
N THR D 166 -12.96 -18.73 -10.56
CA THR D 166 -13.45 -17.42 -10.91
C THR D 166 -12.66 -16.34 -10.16
N GLU D 167 -12.88 -15.10 -10.55
CA GLU D 167 -12.30 -14.00 -9.82
C GLU D 167 -13.09 -13.75 -8.54
N GLN D 168 -12.54 -12.91 -7.67
CA GLN D 168 -13.22 -12.59 -6.42
C GLN D 168 -14.53 -11.89 -6.73
N ASP D 169 -15.61 -12.38 -6.11
CA ASP D 169 -16.94 -11.87 -6.41
C ASP D 169 -17.10 -10.43 -5.93
N SER D 170 -17.79 -9.63 -6.73
CA SER D 170 -17.99 -8.21 -6.43
C SER D 170 -18.99 -7.97 -5.31
N LYS D 171 -19.58 -9.02 -4.73
CA LYS D 171 -20.60 -8.86 -3.69
C LYS D 171 -20.21 -9.54 -2.38
N ASP D 172 -19.85 -10.83 -2.42
CA ASP D 172 -19.49 -11.55 -1.21
C ASP D 172 -18.00 -11.88 -1.14
N SER D 173 -17.21 -11.45 -2.11
CA SER D 173 -15.75 -11.60 -2.10
C SER D 173 -15.31 -13.06 -2.05
N THR D 174 -16.10 -13.96 -2.63
CA THR D 174 -15.78 -15.38 -2.63
C THR D 174 -15.33 -15.84 -4.00
N TYR D 175 -14.70 -17.01 -4.03
CA TYR D 175 -14.27 -17.65 -5.26
C TYR D 175 -15.14 -18.87 -5.54
N SER D 176 -15.12 -19.32 -6.79
CA SER D 176 -15.74 -20.58 -7.17
C SER D 176 -14.81 -21.31 -8.13
N LEU D 177 -14.73 -22.63 -7.96
CA LEU D 177 -13.79 -23.47 -8.70
C LEU D 177 -14.56 -24.61 -9.35
N SER D 178 -14.08 -25.04 -10.52
CA SER D 178 -14.65 -26.18 -11.21
C SER D 178 -13.54 -27.09 -11.70
N SER D 179 -13.70 -28.40 -11.48
CA SER D 179 -12.75 -29.41 -11.90
C SER D 179 -13.45 -30.36 -12.87
N THR D 180 -12.80 -30.64 -14.00
CA THR D 180 -13.39 -31.42 -15.07
C THR D 180 -12.52 -32.65 -15.36
N LEU D 181 -13.01 -33.82 -14.97
CA LEU D 181 -12.36 -35.08 -15.29
C LEU D 181 -12.87 -35.56 -16.64
N THR D 182 -11.94 -35.74 -17.59
CA THR D 182 -12.30 -36.12 -18.96
C THR D 182 -11.68 -37.47 -19.27
N LEU D 183 -12.52 -38.44 -19.62
CA LEU D 183 -12.10 -39.76 -20.06
C LEU D 183 -12.83 -40.11 -21.35
N SER D 184 -12.37 -41.18 -21.99
CA SER D 184 -13.09 -41.72 -23.13
C SER D 184 -14.28 -42.53 -22.65
N LYS D 185 -15.26 -42.70 -23.54
CA LYS D 185 -16.45 -43.47 -23.18
C LYS D 185 -16.08 -44.91 -22.83
N ALA D 186 -15.14 -45.49 -23.58
CA ALA D 186 -14.68 -46.83 -23.26
C ALA D 186 -14.04 -46.90 -21.88
N ASP D 187 -13.19 -45.92 -21.56
CA ASP D 187 -12.60 -45.86 -20.22
C ASP D 187 -13.65 -45.53 -19.17
N TYR D 188 -14.62 -44.69 -19.52
CA TYR D 188 -15.63 -44.29 -18.54
C TYR D 188 -16.52 -45.45 -18.14
N GLU D 189 -16.82 -46.35 -19.08
CA GLU D 189 -17.69 -47.49 -18.79
C GLU D 189 -16.97 -48.65 -18.12
N LYS D 190 -15.66 -48.54 -17.91
CA LYS D 190 -14.91 -49.58 -17.21
C LYS D 190 -14.97 -49.45 -15.70
N HIS D 191 -15.53 -48.36 -15.17
CA HIS D 191 -15.52 -48.10 -13.75
C HIS D 191 -16.92 -47.72 -13.28
N LYS D 192 -17.11 -47.76 -11.96
CA LYS D 192 -18.40 -47.48 -11.34
C LYS D 192 -18.41 -46.19 -10.55
N VAL D 193 -17.62 -46.10 -9.47
CA VAL D 193 -17.67 -44.95 -8.57
C VAL D 193 -16.76 -43.85 -9.09
N TYR D 194 -17.31 -42.65 -9.26
CA TYR D 194 -16.56 -41.45 -9.61
C TYR D 194 -16.74 -40.45 -8.49
N ALA D 195 -15.64 -40.10 -7.82
CA ALA D 195 -15.68 -39.31 -6.61
C ALA D 195 -14.87 -38.03 -6.77
N CYS D 196 -15.33 -36.99 -6.07
CA CYS D 196 -14.65 -35.70 -6.02
C CYS D 196 -14.41 -35.37 -4.56
N GLU D 197 -13.15 -35.47 -4.13
CA GLU D 197 -12.77 -35.21 -2.74
C GLU D 197 -12.19 -33.80 -2.64
N VAL D 198 -12.78 -32.98 -1.78
CA VAL D 198 -12.45 -31.56 -1.67
C VAL D 198 -11.94 -31.28 -0.26
N THR D 199 -10.77 -30.66 -0.17
CA THR D 199 -10.20 -30.21 1.09
C THR D 199 -10.07 -28.69 1.05
N HIS D 200 -10.53 -28.04 2.11
CA HIS D 200 -10.51 -26.58 2.16
C HIS D 200 -10.53 -26.15 3.63
N GLN D 201 -9.96 -24.97 3.89
CA GLN D 201 -9.82 -24.49 5.26
C GLN D 201 -11.16 -24.39 5.98
N GLY D 202 -12.22 -24.03 5.25
CA GLY D 202 -13.53 -23.92 5.86
C GLY D 202 -14.21 -25.22 6.20
N LEU D 203 -13.61 -26.35 5.82
CA LEU D 203 -14.17 -27.68 6.10
C LEU D 203 -13.40 -28.32 7.24
N SER D 204 -14.13 -28.87 8.22
CA SER D 204 -13.47 -29.53 9.33
C SER D 204 -12.75 -30.80 8.87
N SER D 205 -13.24 -31.44 7.83
CA SER D 205 -12.63 -32.63 7.26
C SER D 205 -12.98 -32.66 5.78
N PRO D 206 -12.16 -33.33 4.96
CA PRO D 206 -12.44 -33.36 3.52
C PRO D 206 -13.84 -33.85 3.19
N VAL D 207 -14.42 -33.28 2.14
CA VAL D 207 -15.78 -33.58 1.70
C VAL D 207 -15.69 -34.33 0.39
N THR D 208 -16.41 -35.45 0.29
CA THR D 208 -16.43 -36.27 -0.91
C THR D 208 -17.84 -36.31 -1.48
N LYS D 209 -17.98 -35.87 -2.72
CA LYS D 209 -19.22 -36.02 -3.48
C LYS D 209 -18.96 -37.01 -4.61
N SER D 210 -19.87 -37.96 -4.79
CA SER D 210 -19.65 -39.03 -5.75
C SER D 210 -20.98 -39.56 -6.27
N PHE D 211 -20.90 -40.32 -7.37
CA PHE D 211 -22.03 -41.05 -7.90
C PHE D 211 -21.55 -42.40 -8.40
N ASN D 212 -22.49 -43.33 -8.56
CA ASN D 212 -22.19 -44.70 -8.95
C ASN D 212 -22.78 -44.97 -10.33
N ARG D 213 -21.90 -45.15 -11.32
CA ARG D 213 -22.35 -45.44 -12.67
C ARG D 213 -22.91 -46.84 -12.82
N GLY D 214 -22.56 -47.75 -11.91
CA GLY D 214 -22.96 -49.14 -12.01
C GLY D 214 -24.42 -49.39 -11.68
N GLU D 215 -24.76 -50.66 -11.45
CA GLU D 215 -26.14 -51.08 -11.18
C GLU D 215 -27.09 -50.64 -12.29
N PRO E 1 12.84 38.63 -5.38
CA PRO E 1 12.42 39.62 -4.39
C PRO E 1 10.91 39.59 -4.14
N LEU E 2 10.11 39.36 -5.18
CA LEU E 2 8.67 39.31 -5.07
C LEU E 2 8.24 37.86 -4.90
N ILE E 3 7.73 37.53 -3.72
CA ILE E 3 7.31 36.17 -3.38
C ILE E 3 5.79 36.16 -3.27
N LEU E 4 5.14 35.30 -4.05
CA LEU E 4 3.69 35.13 -4.03
C LEU E 4 3.37 33.84 -3.30
N ARG E 5 2.87 33.95 -2.07
CA ARG E 5 2.62 32.79 -1.23
C ARG E 5 1.31 32.12 -1.62
N ASP E 6 1.36 30.81 -1.84
CA ASP E 6 0.17 29.98 -2.06
C ASP E 6 -0.64 30.42 -3.27
N CYS E 7 -0.01 31.05 -4.25
CA CYS E 7 -0.74 31.49 -5.43
C CYS E 7 0.22 31.59 -6.63
N SER E 8 -0.27 31.16 -7.78
CA SER E 8 0.47 31.27 -9.03
C SER E 8 0.42 32.72 -9.54
N VAL E 9 1.21 32.98 -10.60
CA VAL E 9 1.19 34.31 -11.19
C VAL E 9 -0.06 34.51 -12.03
N ALA E 10 -0.54 33.45 -12.70
CA ALA E 10 -1.76 33.57 -13.49
C ALA E 10 -2.97 33.83 -12.60
N GLY E 11 -3.08 33.09 -11.48
CA GLY E 11 -4.19 33.32 -10.56
C GLY E 11 -4.12 34.66 -9.87
N TRP E 12 -2.91 35.19 -9.66
CA TRP E 12 -2.76 36.48 -9.02
C TRP E 12 -3.13 37.62 -9.97
N LEU E 13 -2.76 37.50 -11.24
CA LEU E 13 -3.15 38.51 -12.23
C LEU E 13 -4.65 38.49 -12.45
N LEU E 14 -5.23 37.30 -12.65
CA LEU E 14 -6.66 37.20 -12.89
C LEU E 14 -7.49 37.47 -11.64
N GLY E 15 -6.87 37.43 -10.46
CA GLY E 15 -7.59 37.69 -9.23
C GLY E 15 -8.37 36.48 -8.75
N ASN E 16 -7.66 35.39 -8.47
CA ASN E 16 -8.29 34.23 -7.85
C ASN E 16 -8.93 34.62 -6.52
N PRO E 17 -10.09 34.09 -6.18
CA PRO E 17 -10.72 34.48 -4.90
C PRO E 17 -10.04 33.88 -3.68
N MET E 18 -9.49 32.66 -3.79
CA MET E 18 -8.91 32.02 -2.62
C MET E 18 -7.64 32.71 -2.16
N CYS E 19 -6.86 33.27 -3.09
CA CYS E 19 -5.66 34.03 -2.75
C CYS E 19 -5.93 35.51 -3.00
N ASP E 20 -5.71 36.33 -1.99
CA ASP E 20 -6.03 37.75 -2.09
C ASP E 20 -4.86 38.59 -2.58
N GLU E 27 7.79 47.28 -6.34
CA GLU E 27 8.62 46.84 -7.45
C GLU E 27 9.43 45.61 -7.06
N TRP E 28 10.09 44.99 -8.05
CA TRP E 28 10.90 43.81 -7.81
C TRP E 28 11.86 43.62 -8.98
N SER E 29 12.75 42.65 -8.83
CA SER E 29 13.68 42.27 -9.88
C SER E 29 13.53 40.82 -10.34
N TYR E 30 12.77 40.00 -9.60
CA TYR E 30 12.53 38.61 -9.98
C TYR E 30 11.22 38.16 -9.35
N ILE E 31 10.66 37.09 -9.90
CA ILE E 31 9.39 36.54 -9.45
C ILE E 31 9.65 35.24 -8.71
N VAL E 32 9.09 35.11 -7.51
CA VAL E 32 9.21 33.92 -6.69
C VAL E 32 7.81 33.39 -6.42
N GLU E 33 7.55 32.15 -6.83
CA GLU E 33 6.23 31.55 -6.70
C GLU E 33 6.32 30.23 -5.96
N LYS E 34 5.16 29.75 -5.50
CA LYS E 34 5.08 28.48 -4.78
C LYS E 34 5.02 27.31 -5.73
N ASN E 36 3.81 23.68 -7.99
CA ASN E 36 2.39 23.30 -8.00
C ASN E 36 1.62 24.04 -6.91
N PRO E 37 1.28 25.30 -7.16
CA PRO E 37 0.53 26.07 -6.17
C PRO E 37 -0.91 25.58 -6.07
N VAL E 38 -1.47 25.68 -4.86
CA VAL E 38 -2.81 25.15 -4.61
C VAL E 38 -3.86 25.99 -5.32
N ASN E 39 -3.61 27.28 -5.50
CA ASN E 39 -4.59 28.22 -6.07
C ASN E 39 -4.02 28.74 -7.39
N ASP E 40 -4.27 28.00 -8.48
CA ASP E 40 -3.88 28.43 -9.80
C ASP E 40 -5.09 28.96 -10.56
N LEU E 41 -5.44 28.30 -11.66
CA LEU E 41 -6.69 28.57 -12.37
C LEU E 41 -7.77 27.74 -11.70
N CYS E 42 -8.58 28.38 -10.85
CA CYS E 42 -9.66 27.68 -10.17
C CYS E 42 -10.60 27.04 -11.18
N TYR E 43 -11.02 27.80 -12.18
CA TYR E 43 -11.76 27.22 -13.29
C TYR E 43 -10.80 26.57 -14.28
N PRO E 44 -11.01 25.31 -14.65
CA PRO E 44 -10.02 24.63 -15.51
C PRO E 44 -9.88 25.30 -16.87
N GLY E 45 -8.66 25.27 -17.39
CA GLY E 45 -8.36 25.86 -18.68
C GLY E 45 -6.87 26.02 -18.87
N ASP E 46 -6.51 26.99 -19.72
CA ASP E 46 -5.12 27.26 -20.06
C ASP E 46 -4.90 28.76 -20.13
N PHE E 47 -3.63 29.16 -20.14
CA PHE E 47 -3.23 30.56 -20.29
C PHE E 47 -2.34 30.67 -21.52
N ASN E 48 -2.80 31.41 -22.52
CA ASN E 48 -2.07 31.53 -23.77
C ASN E 48 -0.82 32.37 -23.57
N ASP E 49 0.31 31.87 -24.08
CA ASP E 49 1.61 32.54 -23.98
C ASP E 49 1.97 32.84 -22.53
N TYR E 50 1.97 31.78 -21.73
CA TYR E 50 2.20 31.92 -20.29
C TYR E 50 3.62 32.35 -19.99
N GLU E 51 4.61 31.59 -20.50
CA GLU E 51 6.00 31.91 -20.21
C GLU E 51 6.40 33.25 -20.81
N GLU E 52 5.77 33.64 -21.91
CA GLU E 52 6.04 34.95 -22.49
C GLU E 52 5.60 36.08 -21.56
N LEU E 53 4.45 35.91 -20.90
CA LEU E 53 4.02 36.90 -19.92
C LEU E 53 4.87 36.85 -18.65
N LYS E 54 5.34 35.65 -18.28
CA LYS E 54 6.22 35.54 -17.13
C LYS E 54 7.52 36.29 -17.36
N HIS E 55 8.11 36.16 -18.55
CA HIS E 55 9.40 36.78 -18.83
C HIS E 55 9.30 38.30 -18.84
N LEU E 56 8.15 38.84 -19.25
CA LEU E 56 8.00 40.30 -19.27
C LEU E 56 7.82 40.87 -17.88
N LEU E 57 7.22 40.12 -16.97
CA LEU E 57 6.99 40.58 -15.61
C LEU E 57 8.16 40.33 -14.68
N SER E 58 9.28 39.82 -15.20
CA SER E 58 10.46 39.59 -14.38
C SER E 58 11.08 40.92 -13.95
N ARG E 59 11.76 41.60 -14.87
CA ARG E 59 12.31 42.92 -14.61
C ARG E 59 11.18 43.93 -14.65
N ILE E 60 10.73 44.35 -13.47
CA ILE E 60 9.57 45.24 -13.35
C ILE E 60 10.02 46.60 -12.83
N ASN E 61 9.22 47.60 -13.14
CA ASN E 61 9.43 48.97 -12.66
C ASN E 61 8.22 49.53 -11.92
N HIS E 62 7.01 49.23 -12.39
CA HIS E 62 5.80 49.68 -11.73
C HIS E 62 4.64 48.78 -12.12
N PHE E 63 3.79 48.46 -11.14
CA PHE E 63 2.62 47.61 -11.36
C PHE E 63 1.47 48.15 -10.53
N GLU E 64 0.46 48.71 -11.20
CA GLU E 64 -0.69 49.32 -10.55
C GLU E 64 -1.96 48.86 -11.25
N LYS E 65 -2.97 48.48 -10.45
CA LYS E 65 -4.22 47.96 -10.98
C LYS E 65 -5.19 49.11 -11.24
N ILE E 66 -5.39 49.41 -12.52
CA ILE E 66 -6.44 50.35 -12.91
C ILE E 66 -7.71 49.56 -13.20
N GLN E 67 -8.83 50.27 -13.26
CA GLN E 67 -10.13 49.68 -13.58
C GLN E 67 -10.51 50.13 -14.98
N ILE E 68 -10.39 49.22 -15.94
CA ILE E 68 -10.56 49.58 -17.36
C ILE E 68 -12.04 49.73 -17.70
N ILE E 69 -12.82 48.69 -17.45
CA ILE E 69 -14.23 48.63 -17.83
C ILE E 69 -15.03 48.37 -16.56
N PRO E 70 -15.88 49.30 -16.12
CA PRO E 70 -16.60 49.10 -14.85
C PRO E 70 -17.65 48.01 -14.97
N LYS E 71 -17.78 47.22 -13.90
CA LYS E 71 -18.87 46.25 -13.79
C LYS E 71 -20.11 46.99 -13.31
N SER E 72 -20.93 47.41 -14.26
CA SER E 72 -22.07 48.31 -14.10
C SER E 72 -22.38 48.81 -15.49
N SER E 73 -21.32 48.93 -16.29
CA SER E 73 -21.39 49.37 -17.68
C SER E 73 -22.09 48.37 -18.58
N TRP E 74 -22.34 47.15 -18.11
CA TRP E 74 -22.95 46.11 -18.95
C TRP E 74 -24.47 46.22 -18.83
N SER E 75 -25.03 47.14 -19.61
CA SER E 75 -26.47 47.41 -19.55
C SER E 75 -27.29 46.32 -20.22
N SER E 76 -26.74 45.68 -21.26
CA SER E 76 -27.51 44.78 -22.10
C SER E 76 -27.28 43.30 -21.78
N HIS E 77 -26.41 42.98 -20.82
CA HIS E 77 -26.10 41.59 -20.50
C HIS E 77 -26.04 41.42 -18.98
N GLU E 78 -26.31 40.19 -18.54
CA GLU E 78 -26.24 39.85 -17.13
C GLU E 78 -24.78 39.65 -16.72
N ALA E 79 -24.32 40.46 -15.76
CA ALA E 79 -22.93 40.46 -15.36
C ALA E 79 -22.71 40.07 -13.91
N SER E 80 -23.74 39.70 -13.17
CA SER E 80 -23.61 39.36 -11.76
C SER E 80 -23.88 37.88 -11.49
N LEU E 81 -24.04 37.06 -12.54
CA LEU E 81 -24.34 35.65 -12.38
C LEU E 81 -23.19 34.74 -12.80
N GLY E 82 -22.03 35.30 -13.14
CA GLY E 82 -20.92 34.50 -13.60
C GLY E 82 -20.07 33.92 -12.48
N VAL E 83 -20.51 32.80 -11.90
CA VAL E 83 -19.82 32.15 -10.79
C VAL E 83 -19.83 30.65 -11.01
N SER E 84 -18.89 29.97 -10.35
CA SER E 84 -18.72 28.53 -10.51
C SER E 84 -18.31 27.91 -9.17
N SER E 85 -18.62 26.61 -9.02
CA SER E 85 -18.22 25.89 -7.82
C SER E 85 -16.70 25.79 -7.69
N ALA E 86 -15.99 25.78 -8.82
CA ALA E 86 -14.54 25.60 -8.79
C ALA E 86 -13.87 26.73 -8.03
N CYS E 87 -14.27 27.97 -8.30
CA CYS E 87 -13.69 29.12 -7.62
C CYS E 87 -14.50 29.43 -6.37
N PRO E 88 -14.10 28.92 -5.21
CA PRO E 88 -14.94 29.09 -4.01
C PRO E 88 -14.34 30.06 -3.01
N TYR E 89 -14.91 31.26 -2.91
CA TYR E 89 -14.51 32.23 -1.91
C TYR E 89 -15.43 32.11 -0.70
N GLN E 90 -14.85 32.25 0.49
CA GLN E 90 -15.54 32.02 1.75
C GLN E 90 -16.16 30.63 1.74
N GLY E 91 -17.47 30.54 1.55
CA GLY E 91 -18.11 29.24 1.45
C GLY E 91 -19.06 29.13 0.28
N LYS E 92 -19.08 30.15 -0.58
CA LYS E 92 -20.01 30.22 -1.69
C LYS E 92 -19.25 30.24 -3.02
N SER E 93 -19.93 29.79 -4.07
CA SER E 93 -19.33 29.77 -5.40
C SER E 93 -19.02 31.18 -5.87
N SER E 94 -17.90 31.32 -6.58
CA SER E 94 -17.42 32.63 -7.01
C SER E 94 -16.67 32.45 -8.34
N PHE E 95 -15.90 33.47 -8.71
CA PHE E 95 -15.15 33.49 -9.96
C PHE E 95 -13.98 34.44 -9.77
N PHE E 96 -13.16 34.59 -10.82
CA PHE E 96 -12.05 35.52 -10.78
C PHE E 96 -12.56 36.93 -10.49
N ARG E 97 -11.79 37.68 -9.69
CA ARG E 97 -12.25 38.98 -9.22
C ARG E 97 -12.04 40.08 -10.26
N ASN E 98 -11.01 39.96 -11.10
CA ASN E 98 -10.62 41.03 -12.01
C ASN E 98 -11.19 40.88 -13.40
N VAL E 99 -12.07 39.90 -13.63
CA VAL E 99 -12.61 39.64 -14.96
C VAL E 99 -14.06 39.18 -14.81
N VAL E 100 -14.94 39.71 -15.66
CA VAL E 100 -16.38 39.47 -15.57
C VAL E 100 -16.78 38.35 -16.52
N TRP E 101 -17.62 37.45 -16.04
CA TRP E 101 -18.19 36.37 -16.84
C TRP E 101 -19.62 36.75 -17.22
N LEU E 102 -19.82 37.13 -18.48
CA LEU E 102 -21.10 37.66 -18.94
C LEU E 102 -22.01 36.53 -19.42
N ILE E 103 -23.24 36.52 -18.91
CA ILE E 103 -24.27 35.60 -19.39
C ILE E 103 -25.33 36.42 -20.12
N LYS E 104 -26.45 35.79 -20.47
CA LYS E 104 -27.50 36.50 -21.20
C LYS E 104 -28.41 37.26 -20.24
N LYS E 105 -28.99 38.35 -20.74
CA LYS E 105 -29.75 39.27 -19.89
C LYS E 105 -31.17 38.75 -19.63
N ASN E 106 -31.97 38.63 -20.70
CA ASN E 106 -33.35 38.16 -20.60
C ASN E 106 -33.61 37.26 -21.81
N SER E 107 -32.97 36.08 -21.79
CA SER E 107 -32.98 35.16 -22.93
C SER E 107 -32.52 35.80 -24.22
N THR E 108 -31.72 36.87 -24.11
CA THR E 108 -31.16 37.57 -25.25
C THR E 108 -29.72 37.95 -24.94
N TYR E 109 -28.84 37.76 -25.92
CA TYR E 109 -27.42 38.14 -25.80
C TYR E 109 -27.08 39.04 -26.97
N PRO E 110 -27.36 40.34 -26.86
CA PRO E 110 -27.00 41.26 -27.94
C PRO E 110 -25.50 41.36 -28.13
N THR E 111 -25.10 41.63 -29.37
CA THR E 111 -23.69 41.67 -29.72
C THR E 111 -22.98 42.83 -28.99
N ILE E 112 -21.76 42.56 -28.52
CA ILE E 112 -20.96 43.52 -27.77
C ILE E 112 -19.99 44.18 -28.73
N LYS E 113 -19.88 45.51 -28.63
CA LYS E 113 -18.88 46.28 -29.38
C LYS E 113 -18.36 47.36 -28.44
N ARG E 114 -17.16 47.15 -27.89
CA ARG E 114 -16.59 48.07 -26.93
C ARG E 114 -15.11 48.31 -27.26
N SER E 115 -14.62 49.48 -26.86
CA SER E 115 -13.23 49.85 -27.03
C SER E 115 -12.75 50.55 -25.76
N TYR E 116 -11.43 50.69 -25.64
CA TYR E 116 -10.84 51.40 -24.51
C TYR E 116 -9.62 52.18 -24.99
N ASN E 117 -9.75 53.50 -25.03
CA ASN E 117 -8.62 54.38 -25.29
C ASN E 117 -7.79 54.50 -24.00
N ASN E 118 -6.48 54.38 -24.14
CA ASN E 118 -5.59 54.41 -22.97
C ASN E 118 -5.29 55.87 -22.62
N THR E 119 -6.06 56.41 -21.67
CA THR E 119 -5.86 57.78 -21.23
C THR E 119 -4.67 57.95 -20.31
N ASN E 120 -4.06 56.87 -19.85
CA ASN E 120 -2.92 56.92 -18.94
C ASN E 120 -1.61 57.02 -19.71
N GLN E 121 -0.59 57.51 -19.03
CA GLN E 121 0.72 57.74 -19.64
C GLN E 121 1.62 56.52 -19.60
N GLU E 122 1.28 55.49 -18.82
CA GLU E 122 2.04 54.25 -18.76
C GLU E 122 1.41 53.19 -19.65
N ASP E 123 2.09 52.05 -19.75
CA ASP E 123 1.58 50.94 -20.54
C ASP E 123 0.38 50.30 -19.82
N LEU E 124 -0.16 49.24 -20.40
CA LEU E 124 -1.35 48.60 -19.86
C LEU E 124 -1.36 47.13 -20.23
N LEU E 125 -1.64 46.27 -19.24
CA LEU E 125 -1.75 44.83 -19.44
C LEU E 125 -3.22 44.44 -19.35
N VAL E 126 -3.82 44.16 -20.51
CA VAL E 126 -5.23 43.81 -20.60
C VAL E 126 -5.37 42.31 -20.64
N LEU E 127 -6.29 41.76 -19.85
CA LEU E 127 -6.50 40.32 -19.74
C LEU E 127 -7.95 39.99 -20.05
N TRP E 128 -8.16 38.94 -20.84
CA TRP E 128 -9.50 38.47 -21.17
C TRP E 128 -9.43 36.98 -21.46
N GLY E 129 -10.61 36.37 -21.61
CA GLY E 129 -10.69 34.95 -21.83
C GLY E 129 -11.94 34.58 -22.61
N ILE E 130 -12.07 33.29 -22.87
CA ILE E 130 -13.20 32.71 -23.60
C ILE E 130 -13.62 31.44 -22.90
N HIS E 131 -14.93 31.20 -22.83
CA HIS E 131 -15.48 30.01 -22.19
C HIS E 131 -15.81 28.96 -23.25
N HIS E 132 -15.46 27.71 -22.95
CA HIS E 132 -15.77 26.59 -23.83
C HIS E 132 -16.83 25.71 -23.18
N PRO E 133 -18.08 25.73 -23.66
CA PRO E 133 -19.15 24.99 -22.98
C PRO E 133 -19.07 23.49 -23.20
N ASN E 134 -20.01 22.74 -22.61
CA ASN E 134 -19.99 21.29 -22.66
C ASN E 134 -20.82 20.74 -23.81
N ASP E 135 -22.05 21.22 -23.98
CA ASP E 135 -22.93 20.80 -25.06
C ASP E 135 -23.61 22.03 -25.63
N ALA E 136 -24.46 21.82 -26.63
CA ALA E 136 -25.22 22.92 -27.19
C ALA E 136 -26.25 23.46 -26.20
N ALA E 137 -26.73 22.61 -25.29
CA ALA E 137 -27.67 23.06 -24.27
C ALA E 137 -27.04 24.11 -23.37
N GLU E 138 -25.84 23.81 -22.85
CA GLU E 138 -25.14 24.79 -22.01
C GLU E 138 -24.85 26.06 -22.79
N GLN E 139 -24.56 25.93 -24.09
CA GLN E 139 -24.29 27.10 -24.91
C GLN E 139 -25.51 27.99 -25.02
N THR E 140 -26.67 27.39 -25.33
CA THR E 140 -27.91 28.13 -25.46
C THR E 140 -28.49 28.53 -24.11
N LYS E 141 -27.94 28.04 -23.00
CA LYS E 141 -28.43 28.41 -21.67
C LYS E 141 -27.70 29.62 -21.11
N LEU E 142 -26.36 29.58 -21.11
CA LEU E 142 -25.58 30.72 -20.62
C LEU E 142 -25.73 31.92 -21.54
N TYR E 143 -25.59 31.70 -22.83
CA TYR E 143 -25.73 32.71 -23.86
C TYR E 143 -26.86 32.31 -24.79
N GLN E 144 -27.29 33.22 -25.65
CA GLN E 144 -28.41 32.84 -26.51
C GLN E 144 -27.94 32.29 -27.86
N ASN E 145 -27.08 33.03 -28.54
CA ASN E 145 -26.66 32.66 -29.89
C ASN E 145 -25.88 31.35 -29.87
N PRO E 146 -26.30 30.34 -30.64
CA PRO E 146 -25.55 29.06 -30.64
C PRO E 146 -24.21 29.16 -31.32
N THR E 147 -24.05 30.08 -32.28
CA THR E 147 -22.79 30.34 -32.95
C THR E 147 -22.27 31.71 -32.52
N THR E 148 -21.02 31.76 -32.09
CA THR E 148 -20.47 32.97 -31.50
C THR E 148 -19.00 33.08 -31.86
N TYR E 149 -18.39 34.18 -31.42
CA TYR E 149 -16.99 34.50 -31.73
C TYR E 149 -16.55 35.63 -30.82
N ILE E 150 -15.26 35.93 -30.87
CA ILE E 150 -14.66 37.04 -30.13
C ILE E 150 -13.60 37.67 -31.01
N SER E 151 -13.80 38.91 -31.42
CA SER E 151 -12.87 39.61 -32.32
C SER E 151 -12.20 40.74 -31.55
N VAL E 152 -10.98 40.48 -31.07
CA VAL E 152 -10.17 41.46 -30.36
C VAL E 152 -9.16 42.07 -31.33
N GLY E 153 -9.02 43.38 -31.30
CA GLY E 153 -8.09 44.05 -32.18
C GLY E 153 -7.51 45.33 -31.62
N THR E 154 -6.21 45.51 -31.79
CA THR E 154 -5.54 46.77 -31.46
C THR E 154 -4.74 47.24 -32.67
N SER E 155 -3.92 48.26 -32.50
CA SER E 155 -3.03 48.68 -33.57
C SER E 155 -1.99 47.60 -33.89
N THR E 156 -1.77 46.66 -32.98
CA THR E 156 -0.82 45.57 -33.16
C THR E 156 -1.47 44.20 -33.21
N LEU E 157 -2.49 43.96 -32.38
CA LEU E 157 -3.11 42.65 -32.26
C LEU E 157 -4.30 42.52 -33.21
N ASN E 158 -4.46 41.32 -33.77
CA ASN E 158 -5.61 41.00 -34.60
C ASN E 158 -5.92 39.53 -34.40
N GLN E 159 -7.04 39.23 -33.73
CA GLN E 159 -7.32 37.88 -33.28
C GLN E 159 -8.83 37.66 -33.21
N ARG E 160 -9.28 36.51 -33.70
CA ARG E 160 -10.68 36.11 -33.64
C ARG E 160 -10.75 34.73 -33.01
N LEU E 161 -11.46 34.61 -31.89
CA LEU E 161 -11.56 33.38 -31.12
C LEU E 161 -12.93 32.73 -31.34
N VAL E 162 -12.93 31.43 -31.59
CA VAL E 162 -14.15 30.66 -31.80
C VAL E 162 -14.23 29.62 -30.71
N PRO E 163 -15.33 29.52 -29.96
CA PRO E 163 -15.43 28.53 -28.89
C PRO E 163 -15.62 27.12 -29.46
N ARG E 164 -15.14 26.15 -28.70
CA ARG E 164 -15.24 24.74 -29.06
C ARG E 164 -16.04 24.01 -27.99
N ILE E 165 -16.95 23.14 -28.42
CA ILE E 165 -17.82 22.38 -27.53
C ILE E 165 -17.47 20.90 -27.65
N ALA E 166 -17.21 20.27 -26.51
CA ALA E 166 -16.91 18.84 -26.47
C ALA E 166 -17.11 18.34 -25.05
N THR E 167 -17.46 17.06 -24.93
CA THR E 167 -17.59 16.43 -23.62
C THR E 167 -16.19 16.12 -23.09
N ARG E 168 -15.84 16.73 -21.98
CA ARG E 168 -14.50 16.61 -21.40
C ARG E 168 -14.59 16.02 -20.00
N SER E 169 -13.44 15.55 -19.51
CA SER E 169 -13.39 15.05 -18.14
C SER E 169 -13.49 16.21 -17.17
N LYS E 170 -13.89 15.90 -15.94
CA LYS E 170 -14.10 16.93 -14.93
C LYS E 170 -12.80 17.28 -14.24
N VAL E 171 -12.52 18.58 -14.15
CA VAL E 171 -11.36 19.12 -13.44
C VAL E 171 -11.87 20.17 -12.47
N ASN E 172 -11.55 20.02 -11.19
CA ASN E 172 -12.05 20.88 -10.12
C ASN E 172 -13.58 20.92 -10.08
N GLY E 173 -14.24 19.91 -10.63
CA GLY E 173 -15.69 19.78 -10.57
C GLY E 173 -16.40 20.10 -11.86
N GLN E 174 -15.74 20.76 -12.81
CA GLN E 174 -16.37 21.21 -14.04
C GLN E 174 -15.69 20.58 -15.25
N SER E 175 -16.48 20.24 -16.25
CA SER E 175 -15.96 19.78 -17.54
C SER E 175 -15.77 20.92 -18.53
N GLY E 176 -16.21 22.14 -18.19
CA GLY E 176 -15.97 23.28 -19.03
C GLY E 176 -14.53 23.78 -18.91
N ARG E 177 -14.15 24.62 -19.87
CA ARG E 177 -12.79 25.12 -19.95
C ARG E 177 -12.81 26.61 -20.28
N MET E 178 -11.73 27.29 -19.89
CA MET E 178 -11.55 28.71 -20.18
C MET E 178 -10.11 28.97 -20.59
N GLU E 179 -9.93 29.58 -21.75
CA GLU E 179 -8.62 29.89 -22.30
C GLU E 179 -8.42 31.40 -22.30
N PHE E 180 -7.43 31.87 -21.54
CA PHE E 180 -7.21 33.30 -21.33
C PHE E 180 -6.09 33.82 -22.23
N PHE E 181 -6.27 35.06 -22.70
CA PHE E 181 -5.31 35.73 -23.57
C PHE E 181 -4.93 37.07 -22.97
N TRP E 182 -3.86 37.67 -23.50
CA TRP E 182 -3.36 38.93 -22.96
C TRP E 182 -2.68 39.72 -24.07
N THR E 183 -2.45 41.00 -23.79
CA THR E 183 -1.71 41.88 -24.68
C THR E 183 -1.27 43.11 -23.89
N ILE E 184 -0.21 43.75 -24.38
CA ILE E 184 0.30 44.99 -23.79
C ILE E 184 -0.14 46.13 -24.70
N LEU E 185 -1.01 47.00 -24.18
CA LEU E 185 -1.61 48.08 -24.96
C LEU E 185 -0.88 49.38 -24.67
N LYS E 186 -0.25 49.94 -25.70
CA LYS E 186 0.48 51.19 -25.55
C LYS E 186 -0.48 52.34 -25.28
N PRO E 187 0.02 53.45 -24.72
CA PRO E 187 -0.81 54.64 -24.58
C PRO E 187 -1.22 55.18 -25.95
N ASN E 188 -2.38 55.87 -25.96
CA ASN E 188 -2.96 56.41 -27.19
C ASN E 188 -3.22 55.31 -28.21
N ASP E 189 -3.58 54.12 -27.74
CA ASP E 189 -3.99 53.00 -28.57
C ASP E 189 -5.20 52.35 -27.94
N ALA E 190 -6.04 51.76 -28.77
CA ALA E 190 -7.33 51.21 -28.34
C ALA E 190 -7.33 49.69 -28.46
N ILE E 191 -8.11 49.06 -27.59
CA ILE E 191 -8.37 47.62 -27.65
C ILE E 191 -9.86 47.44 -27.90
N ASN E 192 -10.22 47.05 -29.11
CA ASN E 192 -11.60 46.89 -29.51
C ASN E 192 -12.05 45.44 -29.34
N PHE E 193 -13.26 45.25 -28.82
CA PHE E 193 -13.80 43.93 -28.55
C PHE E 193 -15.14 43.79 -29.27
N GLU E 194 -15.38 42.58 -29.81
CA GLU E 194 -16.62 42.30 -30.53
C GLU E 194 -16.96 40.83 -30.30
N SER E 195 -18.08 40.57 -29.63
CA SER E 195 -18.47 39.21 -29.31
C SER E 195 -19.97 39.14 -29.13
N ASN E 196 -20.52 37.93 -29.28
CA ASN E 196 -21.93 37.66 -29.07
C ASN E 196 -22.13 36.39 -28.26
N GLY E 197 -21.20 36.10 -27.37
CA GLY E 197 -21.30 34.93 -26.51
C GLY E 197 -19.94 34.45 -26.06
N ASN E 198 -19.94 33.71 -24.95
CA ASN E 198 -18.74 33.06 -24.42
C ASN E 198 -17.64 34.06 -24.10
N PHE E 199 -18.01 35.29 -23.76
CA PHE E 199 -17.06 36.37 -23.51
C PHE E 199 -16.78 36.48 -22.02
N ILE E 200 -15.50 36.36 -21.65
CA ILE E 200 -15.07 36.61 -20.28
C ILE E 200 -14.37 37.96 -20.27
N ALA E 201 -15.15 39.03 -20.17
CA ALA E 201 -14.63 40.36 -20.45
C ALA E 201 -13.78 40.88 -19.28
N PRO E 202 -12.87 41.81 -19.55
CA PRO E 202 -12.03 42.36 -18.48
C PRO E 202 -12.77 43.40 -17.65
N GLU E 203 -12.28 43.57 -16.43
CA GLU E 203 -12.71 44.65 -15.55
C GLU E 203 -11.54 45.51 -15.10
N TYR E 204 -10.51 44.91 -14.51
CA TYR E 204 -9.31 45.62 -14.10
C TYR E 204 -8.16 45.30 -15.05
N ALA E 205 -7.23 46.25 -15.16
CA ALA E 205 -6.01 46.06 -15.93
C ALA E 205 -4.80 46.37 -15.06
N TYR E 206 -3.62 46.49 -15.66
CA TYR E 206 -2.39 46.73 -14.91
C TYR E 206 -1.50 47.67 -15.71
N LYS E 207 -1.14 48.80 -15.11
CA LYS E 207 -0.19 49.72 -15.71
C LYS E 207 1.23 49.24 -15.43
N ILE E 208 2.05 49.13 -16.48
CA ILE E 208 3.38 48.58 -16.38
C ILE E 208 4.39 49.65 -16.80
N VAL E 209 5.67 49.38 -16.49
CA VAL E 209 6.75 50.28 -16.85
C VAL E 209 8.08 49.50 -16.87
N PRO F 1 -7.22 37.69 18.29
CA PRO F 1 -6.56 36.40 18.52
C PRO F 1 -5.25 36.25 17.77
N LEU F 2 -4.26 35.61 18.40
CA LEU F 2 -2.95 35.41 17.81
C LEU F 2 -2.95 34.16 16.94
N ILE F 3 -2.34 34.27 15.76
CA ILE F 3 -2.28 33.17 14.81
C ILE F 3 -0.83 32.69 14.69
N LEU F 4 -0.46 31.68 15.48
CA LEU F 4 0.89 31.13 15.42
C LEU F 4 1.07 30.36 14.11
N ARG F 5 2.09 30.75 13.35
CA ARG F 5 2.32 30.19 12.02
C ARG F 5 3.11 28.90 12.14
N ASP F 6 2.38 27.78 12.27
CA ASP F 6 2.97 26.44 12.30
C ASP F 6 4.03 26.29 13.40
N CYS F 7 3.75 26.86 14.56
CA CYS F 7 4.60 26.69 15.73
C CYS F 7 3.74 26.35 16.94
N SER F 8 4.32 25.57 17.85
CA SER F 8 3.70 25.36 19.15
C SER F 8 3.96 26.58 20.04
N VAL F 9 3.14 26.71 21.08
CA VAL F 9 3.32 27.82 22.02
C VAL F 9 4.69 27.75 22.67
N ALA F 10 5.14 26.54 23.00
CA ALA F 10 6.47 26.39 23.60
C ALA F 10 7.58 26.73 22.60
N GLY F 11 7.43 26.29 21.35
CA GLY F 11 8.44 26.58 20.35
C GLY F 11 8.61 28.07 20.09
N TRP F 12 7.51 28.83 20.16
CA TRP F 12 7.59 30.26 19.96
C TRP F 12 8.16 30.98 21.17
N LEU F 13 7.77 30.56 22.37
CA LEU F 13 8.25 31.22 23.59
C LEU F 13 9.76 31.03 23.75
N LEU F 14 10.23 29.78 23.65
CA LEU F 14 11.65 29.51 23.76
C LEU F 14 12.46 29.99 22.56
N GLY F 15 11.78 30.37 21.47
CA GLY F 15 12.47 30.85 20.29
C GLY F 15 13.04 29.73 19.45
N ASN F 16 12.17 28.92 18.86
CA ASN F 16 12.62 27.86 17.98
C ASN F 16 13.30 28.48 16.76
N PRO F 17 14.47 27.99 16.34
CA PRO F 17 15.14 28.59 15.17
C PRO F 17 14.31 28.55 13.91
N MET F 18 13.59 27.46 13.66
CA MET F 18 12.75 27.37 12.48
C MET F 18 11.50 28.22 12.59
N CYS F 19 11.05 28.51 13.81
CA CYS F 19 9.87 29.35 13.99
C CYS F 19 10.22 30.80 13.66
N ASP F 20 9.37 31.42 12.82
CA ASP F 20 9.68 32.75 12.30
C ASP F 20 9.73 33.79 13.41
N GLU F 21 8.63 33.95 14.14
CA GLU F 21 8.52 34.94 15.22
C GLU F 21 8.80 36.35 14.70
N ASN F 24 5.39 39.48 14.97
CA ASN F 24 4.15 39.30 15.70
C ASN F 24 3.64 40.62 16.28
N VAL F 25 2.33 40.68 16.55
CA VAL F 25 1.71 41.87 17.13
C VAL F 25 1.01 41.47 18.41
N PRO F 26 1.23 42.19 19.53
CA PRO F 26 0.65 41.78 20.81
C PRO F 26 -0.83 42.14 20.94
N GLU F 27 -1.34 42.06 22.17
CA GLU F 27 -2.72 42.41 22.52
C GLU F 27 -3.73 41.54 21.74
N TRP F 28 -3.71 40.25 22.10
CA TRP F 28 -4.62 39.28 21.52
C TRP F 28 -5.67 38.86 22.54
N SER F 29 -6.68 38.15 22.06
CA SER F 29 -7.77 37.65 22.90
C SER F 29 -7.79 36.13 23.02
N TYR F 30 -7.08 35.41 22.15
CA TYR F 30 -7.03 33.96 22.21
C TYR F 30 -5.81 33.48 21.43
N ILE F 31 -5.29 32.32 21.82
CA ILE F 31 -4.15 31.70 21.16
C ILE F 31 -4.67 30.64 20.20
N VAL F 32 -4.07 30.58 19.01
CA VAL F 32 -4.46 29.65 17.96
C VAL F 32 -3.20 29.00 17.42
N GLU F 33 -3.01 27.72 17.70
CA GLU F 33 -1.85 26.96 17.24
C GLU F 33 -2.30 25.87 16.27
N LYS F 34 -1.32 25.32 15.56
CA LYS F 34 -1.61 24.24 14.61
C LYS F 34 -2.00 22.97 15.37
N ALA F 35 -2.51 22.00 14.60
CA ALA F 35 -2.89 20.71 15.20
C ALA F 35 -1.65 19.90 15.58
N ASN F 36 -0.78 19.65 14.61
CA ASN F 36 0.50 18.97 14.84
C ASN F 36 1.59 19.85 14.26
N PRO F 37 1.97 20.93 14.95
CA PRO F 37 2.91 21.88 14.37
C PRO F 37 4.29 21.28 14.19
N VAL F 38 4.90 21.58 13.04
CA VAL F 38 6.22 21.02 12.72
C VAL F 38 7.30 21.63 13.59
N ASN F 39 7.16 22.92 13.94
CA ASN F 39 8.14 23.60 14.79
C ASN F 39 7.83 23.30 16.25
N ASP F 40 8.12 22.06 16.63
CA ASP F 40 7.89 21.57 17.98
C ASP F 40 9.03 21.99 18.90
N LEU F 41 9.21 21.29 20.01
CA LEU F 41 10.47 21.36 20.76
C LEU F 41 11.52 20.64 19.94
N CYS F 42 12.34 21.42 19.20
CA CYS F 42 13.35 20.82 18.33
C CYS F 42 14.20 19.81 19.09
N TYR F 43 14.65 20.16 20.28
CA TYR F 43 15.32 19.18 21.11
C TYR F 43 14.29 18.40 21.92
N PRO F 44 14.43 17.08 22.00
CA PRO F 44 13.39 16.27 22.65
C PRO F 44 13.29 16.56 24.14
N GLY F 45 12.08 16.51 24.65
CA GLY F 45 11.87 16.73 26.07
C GLY F 45 10.40 17.06 26.36
N ASP F 46 10.21 17.86 27.40
CA ASP F 46 8.87 18.19 27.88
C ASP F 46 8.90 19.61 28.44
N PHE F 47 7.71 20.18 28.60
CA PHE F 47 7.53 21.52 29.16
C PHE F 47 6.66 21.39 30.40
N ASN F 48 7.24 21.70 31.56
CA ASN F 48 6.53 21.50 32.82
C ASN F 48 5.41 22.52 32.99
N ASP F 49 4.25 22.04 33.47
CA ASP F 49 3.06 22.88 33.63
C ASP F 49 2.72 23.61 32.34
N TYR F 50 2.78 22.88 31.22
CA TYR F 50 2.57 23.50 29.92
C TYR F 50 1.12 23.94 29.74
N GLU F 51 0.17 23.14 30.23
CA GLU F 51 -1.24 23.49 30.07
C GLU F 51 -1.61 24.71 30.90
N GLU F 52 -1.01 24.85 32.09
CA GLU F 52 -1.30 26.00 32.94
C GLU F 52 -0.77 27.29 32.34
N LEU F 53 0.33 27.21 31.57
CA LEU F 53 0.88 28.40 30.93
C LEU F 53 0.00 28.84 29.76
N LYS F 54 -0.63 27.90 29.07
CA LYS F 54 -1.50 28.26 27.94
C LYS F 54 -2.75 28.98 28.42
N HIS F 55 -3.38 28.47 29.49
CA HIS F 55 -4.56 29.12 30.02
C HIS F 55 -4.23 30.51 30.58
N LEU F 56 -3.00 30.72 31.02
CA LEU F 56 -2.59 32.01 31.57
C LEU F 56 -2.32 33.05 30.49
N LEU F 57 -2.04 32.62 29.26
CA LEU F 57 -1.72 33.53 28.16
C LEU F 57 -2.88 33.76 27.22
N SER F 58 -4.05 33.15 27.48
CA SER F 58 -5.18 33.31 26.58
C SER F 58 -5.73 34.73 26.60
N ARG F 59 -5.77 35.36 27.77
CA ARG F 59 -6.25 36.73 27.93
C ARG F 59 -5.07 37.60 28.35
N ILE F 60 -4.45 38.27 27.39
CA ILE F 60 -3.30 39.13 27.64
C ILE F 60 -3.62 40.53 27.13
N ASN F 61 -2.83 41.50 27.59
CA ASN F 61 -2.94 42.88 27.12
C ASN F 61 -1.64 43.44 26.56
N HIS F 62 -0.49 42.90 26.95
CA HIS F 62 0.79 43.39 26.47
C HIS F 62 1.83 42.29 26.62
N PHE F 63 2.69 42.15 25.61
CA PHE F 63 3.75 41.15 25.64
C PHE F 63 4.96 41.73 24.91
N GLU F 64 6.11 41.73 25.58
CA GLU F 64 7.32 42.31 25.02
C GLU F 64 8.53 41.51 25.50
N LYS F 65 9.37 41.10 24.55
CA LYS F 65 10.54 40.29 24.86
C LYS F 65 11.69 41.19 25.29
N ILE F 66 11.97 41.23 26.60
CA ILE F 66 13.11 41.97 27.12
C ILE F 66 14.31 41.03 27.17
N GLN F 67 15.47 41.56 27.58
CA GLN F 67 16.70 40.77 27.69
C GLN F 67 17.13 40.77 29.16
N ILE F 68 16.89 39.66 29.84
CA ILE F 68 17.24 39.57 31.26
C ILE F 68 18.74 39.32 31.43
N ILE F 69 19.31 38.46 30.60
CA ILE F 69 20.73 38.11 30.69
C ILE F 69 21.34 38.10 29.29
N PRO F 70 22.26 39.00 28.97
CA PRO F 70 22.94 38.92 27.68
C PRO F 70 23.84 37.69 27.61
N LYS F 71 23.93 37.11 26.40
CA LYS F 71 24.80 35.96 26.20
C LYS F 71 26.28 36.33 26.35
N SER F 72 26.64 37.60 26.17
CA SER F 72 28.00 38.03 26.38
C SER F 72 28.37 38.11 27.86
N SER F 73 27.39 37.98 28.76
CA SER F 73 27.62 38.06 30.20
C SER F 73 28.09 36.74 30.81
N TRP F 74 28.67 35.85 30.00
CA TRP F 74 29.15 34.55 30.46
C TRP F 74 30.66 34.51 30.29
N SER F 75 31.37 35.07 31.27
CA SER F 75 32.83 35.10 31.25
C SER F 75 33.45 33.83 31.83
N SER F 76 32.68 33.02 32.55
CA SER F 76 33.21 31.85 33.23
C SER F 76 32.76 30.54 32.59
N HIS F 77 32.01 30.59 31.49
CA HIS F 77 31.46 29.39 30.87
C HIS F 77 31.45 29.54 29.37
N GLU F 78 31.25 28.41 28.68
CA GLU F 78 31.11 28.39 27.23
C GLU F 78 29.64 28.56 26.87
N ALA F 79 29.33 29.61 26.11
CA ALA F 79 27.94 29.95 25.81
C ALA F 79 27.68 30.07 24.30
N SER F 80 28.51 29.44 23.47
CA SER F 80 28.31 29.46 22.03
C SER F 80 28.43 28.10 21.36
N LEU F 81 29.00 27.09 22.02
CA LEU F 81 29.11 25.77 21.46
C LEU F 81 27.90 24.89 21.73
N GLY F 82 26.81 25.48 22.23
CA GLY F 82 25.63 24.70 22.58
C GLY F 82 24.58 24.62 21.49
N VAL F 83 24.75 23.67 20.57
CA VAL F 83 23.81 23.46 19.47
C VAL F 83 23.69 21.97 19.21
N SER F 84 22.66 21.58 18.44
CA SER F 84 22.42 20.18 18.15
C SER F 84 21.83 20.04 16.76
N SER F 85 22.04 18.85 16.17
CA SER F 85 21.49 18.56 14.85
C SER F 85 19.97 18.57 14.86
N ALA F 86 19.36 18.16 15.98
CA ALA F 86 17.91 18.16 16.09
C ALA F 86 17.31 19.56 16.01
N CYS F 87 18.13 20.60 16.05
CA CYS F 87 17.66 21.99 16.02
C CYS F 87 18.41 22.72 14.91
N PRO F 88 17.98 22.57 13.67
CA PRO F 88 18.73 23.12 12.54
C PRO F 88 18.33 24.55 12.18
N TYR F 89 19.25 25.22 11.49
CA TYR F 89 18.99 26.55 10.93
C TYR F 89 19.90 26.72 9.72
N GLN F 90 19.31 26.71 8.53
CA GLN F 90 20.04 26.87 7.27
C GLN F 90 21.13 25.81 7.13
N GLY F 91 20.77 24.57 7.42
CA GLY F 91 21.70 23.46 7.31
C GLY F 91 22.79 23.40 8.37
N LYS F 92 22.70 24.24 9.40
CA LYS F 92 23.68 24.26 10.47
C LYS F 92 23.00 24.03 11.82
N SER F 93 23.74 23.44 12.75
CA SER F 93 23.18 23.14 14.06
C SER F 93 22.96 24.44 14.84
N SER F 94 21.78 24.57 15.43
CA SER F 94 21.43 25.77 16.21
C SER F 94 20.77 25.31 17.50
N PHE F 95 20.00 26.22 18.12
CA PHE F 95 19.35 25.97 19.40
C PHE F 95 18.33 27.08 19.60
N PHE F 96 17.51 26.93 20.64
CA PHE F 96 16.54 27.96 21.00
C PHE F 96 17.24 29.30 21.18
N ARG F 97 16.68 30.34 20.55
CA ARG F 97 17.32 31.65 20.58
C ARG F 97 17.17 32.35 21.92
N ASN F 98 16.09 32.06 22.66
CA ASN F 98 15.79 32.78 23.89
C ASN F 98 16.43 32.18 25.13
N VAL F 99 17.07 31.02 25.01
CA VAL F 99 17.82 30.42 26.11
C VAL F 99 19.20 30.02 25.62
N VAL F 100 20.10 29.77 26.57
CA VAL F 100 21.49 29.49 26.27
C VAL F 100 21.86 28.14 26.85
N TRP F 101 22.34 27.24 25.99
CA TRP F 101 22.87 25.95 26.43
C TRP F 101 24.34 26.15 26.80
N LEU F 102 24.64 26.07 28.10
CA LEU F 102 25.98 26.34 28.60
C LEU F 102 26.80 25.06 28.63
N ILE F 103 28.04 25.14 28.15
CA ILE F 103 28.98 24.03 28.19
C ILE F 103 30.21 24.49 28.98
N LYS F 104 31.11 23.54 29.23
CA LYS F 104 32.31 23.84 29.99
C LYS F 104 33.31 24.60 29.12
N LYS F 105 34.13 25.43 29.78
CA LYS F 105 35.18 26.19 29.13
C LYS F 105 36.52 25.80 29.71
N ASN F 106 37.44 25.37 28.85
CA ASN F 106 38.79 24.94 29.26
C ASN F 106 38.71 23.80 30.28
N SER F 107 37.79 22.87 30.05
CA SER F 107 37.65 21.65 30.84
C SER F 107 37.37 21.94 32.32
N THR F 108 36.70 23.05 32.60
CA THR F 108 36.27 23.39 33.96
C THR F 108 34.83 23.88 33.93
N TYR F 109 34.14 23.68 35.05
CA TYR F 109 32.75 24.15 35.19
C TYR F 109 32.52 24.57 36.63
N PRO F 110 32.74 25.84 36.95
CA PRO F 110 32.45 26.32 38.30
C PRO F 110 30.96 26.52 38.52
N THR F 111 30.59 26.63 39.79
CA THR F 111 29.19 26.81 40.16
C THR F 111 28.73 28.22 39.81
N ILE F 112 27.50 28.31 39.31
CA ILE F 112 26.89 29.58 38.93
C ILE F 112 26.03 30.08 40.07
N LYS F 113 26.08 31.40 40.32
CA LYS F 113 25.23 32.03 41.33
C LYS F 113 24.71 33.38 40.87
N ARG F 114 24.46 33.53 39.57
CA ARG F 114 23.93 34.78 39.05
C ARG F 114 22.46 34.94 39.44
N SER F 115 22.01 36.19 39.43
CA SER F 115 20.64 36.52 39.83
C SER F 115 20.14 37.71 39.02
N TYR F 116 18.86 38.01 39.16
CA TYR F 116 18.24 39.12 38.46
C TYR F 116 16.97 39.54 39.17
N ASN F 117 16.86 40.84 39.45
CA ASN F 117 15.66 41.43 40.01
C ASN F 117 14.82 42.04 38.89
N ASN F 118 13.51 41.93 39.02
CA ASN F 118 12.57 42.49 38.03
C ASN F 118 12.40 43.97 38.31
N THR F 119 13.10 44.81 37.55
CA THR F 119 13.06 46.26 37.70
C THR F 119 12.03 46.91 36.78
N ASN F 120 10.94 46.22 36.46
CA ASN F 120 9.92 46.71 35.54
C ASN F 120 8.57 46.77 36.23
N GLN F 121 7.73 47.69 35.77
CA GLN F 121 6.41 47.90 36.37
C GLN F 121 5.39 46.86 35.92
N GLU F 122 5.81 45.83 35.19
CA GLU F 122 4.92 44.76 34.76
C GLU F 122 5.52 43.42 35.15
N ASP F 123 4.65 42.40 35.25
CA ASP F 123 5.10 41.07 35.59
C ASP F 123 6.05 40.54 34.52
N LEU F 124 6.98 39.67 34.94
CA LEU F 124 8.02 39.18 34.06
C LEU F 124 8.01 37.65 34.07
N LEU F 125 7.82 37.06 32.89
CA LEU F 125 7.82 35.61 32.72
C LEU F 125 9.19 35.17 32.20
N VAL F 126 9.83 34.28 32.93
CA VAL F 126 11.17 33.79 32.57
C VAL F 126 11.13 32.27 32.46
N LEU F 127 11.91 31.74 31.53
CA LEU F 127 11.97 30.32 31.27
C LEU F 127 13.39 29.81 31.43
N TRP F 128 13.52 28.52 31.72
CA TRP F 128 14.82 27.88 31.86
C TRP F 128 14.62 26.38 31.72
N GLY F 129 15.74 25.66 31.56
CA GLY F 129 15.66 24.23 31.34
C GLY F 129 16.85 23.49 31.89
N ILE F 130 16.72 22.17 31.92
CA ILE F 130 17.77 21.26 32.37
C ILE F 130 17.99 20.20 31.30
N HIS F 131 19.24 19.84 31.07
CA HIS F 131 19.59 18.83 30.07
C HIS F 131 19.78 17.48 30.76
N HIS F 132 19.19 16.44 30.19
CA HIS F 132 19.35 15.08 30.68
C HIS F 132 20.28 14.33 29.75
N PRO F 133 21.54 14.10 30.13
CA PRO F 133 22.51 13.52 29.18
C PRO F 133 22.30 12.03 28.92
N ASN F 134 23.11 11.47 28.02
CA ASN F 134 22.91 10.09 27.59
C ASN F 134 23.58 9.10 28.53
N ASP F 135 24.79 9.41 28.99
CA ASP F 135 25.52 8.53 29.89
C ASP F 135 26.51 9.36 30.71
N ALA F 136 27.23 8.69 31.59
CA ALA F 136 28.21 9.37 32.43
C ALA F 136 29.31 10.01 31.60
N ALA F 137 29.70 9.37 30.49
CA ALA F 137 30.75 9.92 29.63
C ALA F 137 30.33 11.24 29.01
N GLU F 138 29.06 11.33 28.58
CA GLU F 138 28.56 12.58 28.01
C GLU F 138 28.48 13.68 29.06
N GLN F 139 28.22 13.32 30.32
CA GLN F 139 28.16 14.32 31.38
C GLN F 139 29.51 14.98 31.60
N THR F 140 30.58 14.18 31.66
CA THR F 140 31.91 14.74 31.82
C THR F 140 32.36 15.50 30.58
N LYS F 141 31.90 15.08 29.39
CA LYS F 141 32.32 15.74 28.16
C LYS F 141 31.71 17.13 28.03
N LEU F 142 30.55 17.37 28.65
CA LEU F 142 29.86 18.64 28.50
C LEU F 142 29.99 19.54 29.73
N TYR F 143 29.98 18.96 30.93
CA TYR F 143 30.00 19.74 32.16
C TYR F 143 31.07 19.30 33.15
N GLN F 144 31.87 18.28 32.82
CA GLN F 144 32.96 17.78 33.67
C GLN F 144 32.44 17.18 34.98
N ASN F 145 31.73 17.98 35.77
CA ASN F 145 31.24 17.55 37.08
C ASN F 145 30.30 16.36 36.95
N PRO F 146 30.57 15.23 37.62
CA PRO F 146 29.69 14.06 37.49
C PRO F 146 28.32 14.29 38.14
N THR F 147 28.34 14.76 39.39
CA THR F 147 27.11 15.06 40.12
C THR F 147 26.83 16.55 40.04
N THR F 148 25.59 16.89 39.68
CA THR F 148 25.24 18.29 39.45
C THR F 148 23.80 18.51 39.90
N TYR F 149 23.42 19.79 39.98
CA TYR F 149 22.09 20.18 40.43
C TYR F 149 21.75 21.55 39.86
N ILE F 150 20.48 21.94 40.01
CA ILE F 150 20.00 23.25 39.62
C ILE F 150 19.04 23.74 40.69
N SER F 151 19.30 24.93 41.23
CA SER F 151 18.49 25.51 42.30
C SER F 151 17.92 26.84 41.82
N VAL F 152 16.63 26.84 41.50
CA VAL F 152 15.92 28.05 41.09
C VAL F 152 15.05 28.51 42.25
N GLY F 153 15.20 29.77 42.64
CA GLY F 153 14.46 30.28 43.78
C GLY F 153 13.94 31.69 43.60
N THR F 154 12.64 31.86 43.74
CA THR F 154 11.99 33.16 43.76
C THR F 154 11.34 33.37 45.13
N SER F 155 10.70 34.54 45.31
CA SER F 155 9.97 34.78 46.54
C SER F 155 8.79 33.84 46.69
N THR F 156 8.32 33.24 45.60
CA THR F 156 7.21 32.29 45.64
C THR F 156 7.57 30.98 44.94
N LEU F 157 8.87 30.68 44.81
CA LEU F 157 9.30 29.45 44.14
C LEU F 157 10.59 28.96 44.76
N ASN F 158 10.68 27.64 44.94
CA ASN F 158 11.92 27.00 45.39
C ASN F 158 11.92 25.57 44.87
N GLN F 159 12.87 25.26 43.99
CA GLN F 159 12.98 23.93 43.41
C GLN F 159 14.45 23.57 43.23
N ARG F 160 14.74 22.28 43.30
CA ARG F 160 16.07 21.73 43.08
C ARG F 160 15.96 20.61 42.06
N LEU F 161 16.57 20.80 40.89
CA LEU F 161 16.50 19.84 39.80
C LEU F 161 17.82 19.08 39.71
N VAL F 162 17.71 17.76 39.55
CA VAL F 162 18.86 16.88 39.39
C VAL F 162 18.72 16.16 38.06
N PRO F 163 19.73 16.15 37.20
CA PRO F 163 19.60 15.47 35.90
C PRO F 163 19.61 13.96 36.05
N ARG F 164 18.90 13.29 35.16
CA ARG F 164 18.85 11.84 35.11
C ARG F 164 19.54 11.32 33.86
N ILE F 165 19.97 10.05 33.93
CA ILE F 165 20.75 9.42 32.87
C ILE F 165 20.12 8.07 32.55
N ALA F 166 19.85 7.84 31.27
CA ALA F 166 19.22 6.59 30.84
C ALA F 166 19.48 6.36 29.36
N THR F 167 19.38 5.10 28.94
CA THR F 167 19.53 4.72 27.55
C THR F 167 18.17 4.87 26.87
N ARG F 168 18.02 5.94 26.10
CA ARG F 168 16.74 6.29 25.50
C ARG F 168 16.78 6.13 23.99
N SER F 169 15.59 6.02 23.40
CA SER F 169 15.48 6.00 21.95
C SER F 169 15.75 7.38 21.38
N LYS F 170 16.02 7.42 20.08
CA LYS F 170 16.35 8.67 19.41
C LYS F 170 15.07 9.38 18.96
N VAL F 171 14.96 10.66 19.31
CA VAL F 171 13.89 11.53 18.85
C VAL F 171 14.54 12.72 18.16
N ASN F 172 14.12 13.01 16.93
CA ASN F 172 14.72 14.06 16.11
C ASN F 172 16.24 13.87 15.99
N GLY F 173 16.74 12.66 16.20
CA GLY F 173 18.15 12.40 16.03
C GLY F 173 18.89 12.06 17.31
N GLN F 174 18.59 12.77 18.40
CA GLN F 174 19.33 12.64 19.64
C GLN F 174 18.54 11.85 20.68
N SER F 175 19.27 11.20 21.57
CA SER F 175 18.68 10.45 22.69
C SER F 175 18.66 11.25 23.99
N GLY F 176 19.24 12.46 24.00
CA GLY F 176 19.16 13.30 25.17
C GLY F 176 17.80 13.96 25.31
N ARG F 177 17.54 14.51 26.49
CA ARG F 177 16.26 15.14 26.78
C ARG F 177 16.50 16.46 27.51
N MET F 178 15.49 17.32 27.46
CA MET F 178 15.53 18.61 28.15
C MET F 178 14.16 18.91 28.74
N GLU F 179 14.14 19.38 29.98
CA GLU F 179 12.92 19.67 30.70
C GLU F 179 12.90 21.16 31.01
N PHE F 180 11.84 21.85 30.56
CA PHE F 180 11.76 23.29 30.67
C PHE F 180 10.74 23.71 31.71
N PHE F 181 11.04 24.79 32.43
CA PHE F 181 10.23 25.28 33.54
C PHE F 181 10.00 26.77 33.38
N TRP F 182 9.09 27.30 34.19
CA TRP F 182 8.74 28.72 34.11
C TRP F 182 8.10 29.17 35.42
N THR F 183 8.44 30.38 35.84
CA THR F 183 7.81 31.04 36.97
C THR F 183 7.48 32.47 36.58
N ILE F 184 6.59 33.08 37.36
CA ILE F 184 6.26 34.49 37.19
C ILE F 184 7.09 35.29 38.18
N LEU F 185 7.60 36.44 37.73
CA LEU F 185 8.47 37.29 38.54
C LEU F 185 7.78 38.62 38.72
N LYS F 186 7.07 38.76 39.85
CA LYS F 186 6.40 40.00 40.17
C LYS F 186 7.42 41.12 40.35
N PRO F 187 7.01 42.38 40.18
CA PRO F 187 7.94 43.50 40.34
C PRO F 187 8.58 43.52 41.71
N ASN F 188 9.83 44.02 41.75
CA ASN F 188 10.61 44.12 42.98
C ASN F 188 10.86 42.76 43.62
N ASP F 189 10.99 41.72 42.79
CA ASP F 189 11.39 40.39 43.25
C ASP F 189 12.49 39.88 42.35
N ALA F 190 13.32 38.98 42.88
CA ALA F 190 14.47 38.45 42.16
C ALA F 190 14.42 36.94 42.15
N ILE F 191 14.74 36.36 40.98
CA ILE F 191 14.92 34.92 40.85
C ILE F 191 16.40 34.61 41.03
N ASN F 192 16.70 33.60 41.84
CA ASN F 192 18.07 33.21 42.14
C ASN F 192 18.36 31.85 41.53
N PHE F 193 19.42 31.78 40.74
CA PHE F 193 19.84 30.55 40.09
C PHE F 193 21.18 30.09 40.65
N GLU F 194 21.26 28.80 41.00
CA GLU F 194 22.50 28.20 41.46
C GLU F 194 22.60 26.81 40.86
N SER F 195 23.65 26.57 40.08
CA SER F 195 23.83 25.29 39.41
C SER F 195 25.30 25.10 39.07
N ASN F 196 25.65 23.85 38.74
CA ASN F 196 27.01 23.51 38.37
C ASN F 196 27.04 22.61 37.14
N GLY F 197 26.05 22.71 36.28
CA GLY F 197 26.01 21.93 35.05
C GLY F 197 24.59 21.64 34.63
N ASN F 198 24.47 21.21 33.37
CA ASN F 198 23.19 20.80 32.79
C ASN F 198 22.15 21.92 32.83
N PHE F 199 22.61 23.17 32.84
CA PHE F 199 21.75 24.32 33.04
C PHE F 199 21.53 25.03 31.70
N ILE F 200 20.26 25.21 31.34
CA ILE F 200 19.88 25.93 30.13
C ILE F 200 19.46 27.32 30.59
N ALA F 201 20.43 28.24 30.64
CA ALA F 201 20.20 29.55 31.20
C ALA F 201 19.30 30.39 30.30
N PRO F 202 18.52 31.30 30.86
CA PRO F 202 17.71 32.20 30.04
C PRO F 202 18.53 33.37 29.52
N GLU F 203 18.15 33.83 28.33
CA GLU F 203 18.73 35.03 27.72
C GLU F 203 17.71 36.15 27.61
N TYR F 204 16.52 35.85 27.10
CA TYR F 204 15.44 36.81 26.99
C TYR F 204 14.24 36.35 27.80
N ALA F 205 13.50 37.31 28.34
CA ALA F 205 12.28 37.04 29.09
C ALA F 205 11.11 37.73 28.40
N TYR F 206 9.95 37.76 29.07
CA TYR F 206 8.74 38.32 28.50
C TYR F 206 8.02 39.13 29.57
N LYS F 207 7.85 40.42 29.31
CA LYS F 207 7.04 41.28 30.18
C LYS F 207 5.58 41.14 29.78
N ILE F 208 4.79 40.50 30.64
CA ILE F 208 3.40 40.18 30.33
C ILE F 208 2.47 41.08 31.16
N VAL F 209 1.21 41.11 30.74
CA VAL F 209 0.18 41.88 31.43
C VAL F 209 -1.19 41.35 31.03
N LYS F 210 -1.92 40.80 31.99
CA LYS F 210 -3.24 40.23 31.71
C LYS F 210 -4.36 41.22 32.04
#